data_5M3K
#
_entry.id   5M3K
#
_cell.length_a   222.626
_cell.length_b   222.626
_cell.length_c   237.099
_cell.angle_alpha   90.00
_cell.angle_beta   90.00
_cell.angle_gamma   120.00
#
_symmetry.space_group_name_H-M   'P 61 2 2'
#
loop_
_entity.id
_entity.type
_entity.pdbx_description
1 polymer PhlA
2 polymer '2,4-diacetylphloroglucinol biosynthesis protein PhlB'
3 polymer '2,4-diacetylphloroglucinol biosynthesis protein PhlC'
4 non-polymer 'ZINC ION'
5 water water
#
loop_
_entity_poly.entity_id
_entity_poly.type
_entity_poly.pdbx_seq_one_letter_code
_entity_poly.pdbx_strand_id
1 'polypeptide(L)'
;MNVKKIGIVSYGAGIPVCRLKVQEVINVWKNTDLKLVEENLGVTERAVLQPDEDVITLGVLAAQRALDKVPGHQIEALYL
GTCTNPYDSRASASIILEMLGSGYDAYCADVQFAGKSGTSALQICQALVASGMTGSALAIGADTINRNTAPGDLTESYAG
AGAAALLIGSQDVIAEFDASFSCAADVADNIRPQGDRYIRSGMGLGSDKNSIGLEDQTRRAAEGLMAKLHTSPADYDYVV
FQQNLVSTPYSLAKHLGFNPKQVEPGIYAGNVGDAGSASPLLGLINVLDQARPGQKILLVSYGFGAGSDAIALTVTDAIE
QYQKHNKPLRELLESKIYVDYGTSIKYEFKYLRADYALTAYL
;
A,D
2 'polypeptide(L)'
;MSMYPEQIHRMTTASMLREWREHGGKYRLEGSQCEECNEIFFPRRTVCGACNSLSVKPYRCARSGKIEVMAPAENPILAA
MGYGETVPRIMAMVRLDDGLVIASEIVDVCDQQQLKVGAPVRMVIRKHVRESNLAWQYAYKFVLDI
;
B,E
3 'polypeptide(L)'
;MCARRVAIVSAAYTPKPGSSRVRQTFKEMIVESAYKALKDAKMHPREIQAVAYGYHGEGISEYGGLGPTISDALGISPAP
TFMSTAN(SCY)TSSSVSFQMGHQMVASGEYDIVLCGGFEKMTDHFNYAEYIGSSTECEYDYFLGISHTDAFALATAEYF
QKFGYAGREADVLATFGRQMRIYAQNTPTATRYGQPIPSLEVLKNSEACGSMLAWGEASGCAILVAEHLAHKYTDKPVFV
RGCAYTGVSHYFGTRFHNPTLHHPGLPKDVGMAVSANSIACAEIAYKKAGITAKDIDVAQVYDLLGAGLIQMESMGICGK
GQAGDFVLEGGIALDGQLPLNTDGGNIGRGHASGCDGILHITELFRQLRGESDNQVKGARIGVSQNLGGYAAHNSVIVLS
ND
;
C,F
#
# COMPACT_ATOMS: atom_id res chain seq x y z
N LYS A 4 34.32 21.96 38.44
CA LYS A 4 33.01 21.27 38.22
C LYS A 4 32.96 20.62 36.84
N LYS A 5 32.74 19.30 36.83
CA LYS A 5 32.76 18.52 35.60
C LYS A 5 31.49 18.72 34.77
N ILE A 6 31.62 18.48 33.47
CA ILE A 6 30.56 18.72 32.48
C ILE A 6 29.95 17.40 32.03
N GLY A 7 28.63 17.41 31.84
CA GLY A 7 27.96 16.23 31.32
C GLY A 7 26.45 16.33 31.28
N ILE A 8 25.81 15.16 31.32
CA ILE A 8 24.36 15.07 31.21
C ILE A 8 23.71 15.52 32.51
N VAL A 9 22.70 16.38 32.39
CA VAL A 9 21.96 16.94 33.52
C VAL A 9 20.58 16.30 33.61
N SER A 10 19.87 16.28 32.49
CA SER A 10 18.56 15.65 32.40
C SER A 10 18.36 15.04 31.00
N TYR A 11 17.34 14.19 30.91
CA TYR A 11 17.00 13.57 29.64
C TYR A 11 15.51 13.37 29.47
N GLY A 12 15.12 13.01 28.25
CA GLY A 12 13.74 12.66 27.94
C GLY A 12 13.65 11.76 26.73
N ALA A 13 12.51 11.08 26.58
CA ALA A 13 12.26 10.20 25.45
C ALA A 13 10.87 10.42 24.89
N GLY A 14 10.73 10.11 23.59
CA GLY A 14 9.43 10.14 22.89
C GLY A 14 9.32 8.91 21.99
N ILE A 15 8.29 8.09 22.24
CA ILE A 15 8.07 6.84 21.50
C ILE A 15 6.60 6.80 21.04
N PRO A 16 6.35 6.39 19.76
CA PRO A 16 4.97 6.17 19.33
C PRO A 16 4.28 5.08 20.14
N VAL A 17 2.97 5.21 20.37
CA VAL A 17 2.23 4.19 21.14
C VAL A 17 1.71 3.03 20.29
N CYS A 18 1.53 3.22 18.98
CA CYS A 18 0.99 2.14 18.14
C CYS A 18 2.02 1.03 17.90
N ARG A 19 1.55 -0.21 17.90
CA ARG A 19 2.39 -1.40 17.79
C ARG A 19 1.87 -2.40 16.76
N LEU A 20 2.81 -3.06 16.08
CA LEU A 20 2.51 -4.05 15.05
C LEU A 20 3.33 -5.30 15.33
N LYS A 21 2.63 -6.40 15.62
CA LYS A 21 3.27 -7.69 15.84
C LYS A 21 3.95 -8.19 14.56
N VAL A 22 5.14 -8.72 14.70
CA VAL A 22 5.94 -9.19 13.57
C VAL A 22 5.19 -10.17 12.66
N GLN A 23 4.45 -11.09 13.25
CA GLN A 23 3.71 -12.08 12.47
C GLN A 23 2.71 -11.44 11.49
N GLU A 24 2.19 -10.26 11.82
CA GLU A 24 1.28 -9.54 10.90
C GLU A 24 1.94 -9.18 9.57
N VAL A 25 3.22 -8.84 9.60
CA VAL A 25 3.99 -8.54 8.39
C VAL A 25 4.40 -9.83 7.66
N ILE A 26 4.86 -10.81 8.43
CA ILE A 26 5.31 -12.07 7.84
C ILE A 26 4.17 -12.85 7.16
N ASN A 27 2.96 -12.77 7.72
CA ASN A 27 1.77 -13.41 7.12
C ASN A 27 1.48 -12.90 5.71
N VAL A 28 1.70 -11.61 5.48
CA VAL A 28 1.49 -10.99 4.18
C VAL A 28 2.63 -11.30 3.21
N TRP A 29 3.88 -11.02 3.60
CA TRP A 29 4.98 -11.13 2.63
C TRP A 29 5.65 -12.50 2.52
N LYS A 30 5.63 -13.27 3.60
CA LYS A 30 6.25 -14.60 3.67
C LYS A 30 7.68 -14.59 3.12
N ASN A 31 8.40 -13.53 3.46
CA ASN A 31 9.72 -13.23 2.91
C ASN A 31 10.86 -13.39 3.94
N THR A 32 10.52 -13.84 5.14
CA THR A 32 11.51 -14.14 6.18
C THR A 32 10.89 -15.05 7.27
N ASP A 33 11.73 -15.69 8.08
CA ASP A 33 11.28 -16.61 9.12
C ASP A 33 10.81 -15.88 10.38
N LEU A 34 9.61 -16.21 10.85
CA LEU A 34 9.09 -15.68 12.12
C LEU A 34 10.00 -15.98 13.32
N LYS A 35 10.55 -17.19 13.34
CA LYS A 35 11.43 -17.63 14.43
C LYS A 35 12.75 -16.87 14.44
N LEU A 36 13.35 -16.65 13.26
CA LEU A 36 14.55 -15.80 13.13
C LEU A 36 14.33 -14.42 13.78
N VAL A 37 13.25 -13.73 13.42
CA VAL A 37 13.03 -12.35 13.91
C VAL A 37 12.67 -12.31 15.40
N GLU A 38 11.78 -13.21 15.84
CA GLU A 38 11.35 -13.24 17.24
C GLU A 38 12.42 -13.73 18.21
N GLU A 39 13.08 -14.84 17.88
CA GLU A 39 14.03 -15.50 18.80
C GLU A 39 15.50 -15.11 18.60
N ASN A 40 16.05 -15.17 17.38
CA ASN A 40 17.46 -14.78 17.16
C ASN A 40 17.66 -13.27 17.22
N LEU A 41 16.85 -12.52 16.47
CA LEU A 41 17.00 -11.05 16.44
C LEU A 41 16.37 -10.34 17.65
N GLY A 42 15.38 -11.00 18.26
CA GLY A 42 14.83 -10.58 19.55
C GLY A 42 13.72 -9.55 19.51
N VAL A 43 13.03 -9.42 18.38
CA VAL A 43 11.99 -8.41 18.20
C VAL A 43 10.66 -9.10 17.92
N THR A 44 9.67 -8.88 18.79
CA THR A 44 8.35 -9.50 18.62
C THR A 44 7.28 -8.55 18.05
N GLU A 45 7.47 -7.25 18.26
CA GLU A 45 6.58 -6.23 17.71
C GLU A 45 7.34 -4.93 17.49
N ARG A 46 6.79 -4.05 16.66
CA ARG A 46 7.48 -2.80 16.34
C ARG A 46 6.56 -1.61 16.36
N ALA A 47 7.15 -0.44 16.55
CA ALA A 47 6.41 0.81 16.65
C ALA A 47 5.87 1.22 15.28
N VAL A 48 4.63 1.72 15.28
CA VAL A 48 3.98 2.18 14.08
C VAL A 48 3.79 3.67 14.22
N LEU A 49 4.19 4.41 13.19
CA LEU A 49 4.04 5.86 13.20
C LEU A 49 2.61 6.23 12.82
N GLN A 50 1.95 7.02 13.65
CA GLN A 50 0.59 7.51 13.32
C GLN A 50 0.66 8.64 12.28
N PRO A 51 -0.46 8.92 11.59
CA PRO A 51 -0.45 9.98 10.55
C PRO A 51 -0.08 11.37 11.07
N ASP A 52 -0.38 11.65 12.33
CA ASP A 52 -0.02 12.92 12.97
C ASP A 52 1.29 12.89 13.77
N GLU A 53 2.15 11.90 13.53
CA GLU A 53 3.48 11.81 14.17
C GLU A 53 4.62 11.86 13.14
N ASP A 54 5.76 12.41 13.56
CA ASP A 54 7.02 12.44 12.78
C ASP A 54 8.24 12.78 13.69
N VAL A 55 9.40 12.90 13.07
CA VAL A 55 10.64 13.24 13.78
C VAL A 55 10.51 14.50 14.64
N ILE A 56 9.83 15.52 14.14
CA ILE A 56 9.61 16.75 14.90
C ILE A 56 8.68 16.52 16.11
N THR A 57 7.57 15.81 15.91
CA THR A 57 6.64 15.54 17.03
C THR A 57 7.27 14.70 18.16
N LEU A 58 8.05 13.71 17.77
CA LEU A 58 8.76 12.87 18.75
C LEU A 58 9.90 13.64 19.43
N GLY A 59 10.65 14.39 18.62
CA GLY A 59 11.77 15.19 19.08
C GLY A 59 11.39 16.24 20.09
N VAL A 60 10.37 17.02 19.79
CA VAL A 60 9.87 18.04 20.71
C VAL A 60 9.26 17.42 22.00
N LEU A 61 8.69 16.21 21.90
CA LEU A 61 8.20 15.51 23.09
C LEU A 61 9.35 15.14 24.03
N ALA A 62 10.38 14.51 23.47
CA ALA A 62 11.58 14.14 24.23
C ALA A 62 12.28 15.36 24.85
N ALA A 63 12.48 16.39 24.03
CA ALA A 63 13.14 17.62 24.46
C ALA A 63 12.36 18.32 25.57
N GLN A 64 11.04 18.42 25.42
CA GLN A 64 10.22 19.06 26.43
C GLN A 64 10.26 18.26 27.73
N ARG A 65 10.32 16.93 27.63
CA ARG A 65 10.48 16.09 28.83
C ARG A 65 11.81 16.28 29.55
N ALA A 66 12.90 16.49 28.81
CA ALA A 66 14.19 16.84 29.42
C ALA A 66 14.18 18.23 30.08
N LEU A 67 13.67 19.22 29.37
CA LEU A 67 13.59 20.58 29.90
C LEU A 67 12.62 20.73 31.06
N ASP A 68 11.57 19.91 31.13
CA ASP A 68 10.68 19.90 32.31
C ASP A 68 11.44 19.57 33.63
N LYS A 69 12.55 18.85 33.53
CA LYS A 69 13.40 18.59 34.71
C LYS A 69 14.18 19.83 35.20
N VAL A 70 14.33 20.86 34.36
CA VAL A 70 15.10 22.08 34.70
C VAL A 70 14.25 23.34 34.47
N PRO A 71 13.27 23.59 35.36
CA PRO A 71 12.34 24.74 35.23
C PRO A 71 13.01 26.06 34.86
N GLY A 72 12.47 26.73 33.86
CA GLY A 72 12.98 28.02 33.40
C GLY A 72 14.29 28.01 32.63
N HIS A 73 14.77 26.83 32.21
CA HIS A 73 16.01 26.76 31.45
C HIS A 73 15.92 27.58 30.16
N GLN A 74 16.91 28.45 29.94
CA GLN A 74 17.05 29.18 28.66
C GLN A 74 18.00 28.41 27.73
N ILE A 75 17.54 28.11 26.52
CA ILE A 75 18.29 27.27 25.57
C ILE A 75 19.38 28.08 24.88
N GLU A 76 20.61 27.57 24.96
CA GLU A 76 21.80 28.19 24.36
C GLU A 76 22.27 27.50 23.09
N ALA A 77 21.96 26.21 22.97
CA ALA A 77 22.22 25.46 21.76
C ALA A 77 21.27 24.28 21.63
N LEU A 78 20.91 23.93 20.40
CA LEU A 78 19.98 22.84 20.11
C LEU A 78 20.39 22.16 18.82
N TYR A 79 20.82 20.89 18.90
CA TYR A 79 21.20 20.13 17.71
C TYR A 79 20.34 18.89 17.54
N LEU A 80 19.78 18.75 16.33
CA LEU A 80 18.90 17.63 16.00
C LEU A 80 19.60 16.61 15.11
N GLY A 81 19.95 15.47 15.70
CA GLY A 81 20.52 14.33 14.99
C GLY A 81 19.44 13.43 14.42
N THR A 82 19.37 13.35 13.09
CA THR A 82 18.38 12.50 12.39
C THR A 82 18.84 12.17 10.97
N CYS A 83 18.50 10.97 10.50
CA CYS A 83 18.65 10.61 9.08
C CYS A 83 17.31 10.48 8.33
N THR A 84 16.21 10.82 9.01
CA THR A 84 14.88 10.78 8.40
C THR A 84 14.20 12.15 8.58
N ASN A 85 14.95 13.19 8.23
CA ASN A 85 14.54 14.57 8.43
C ASN A 85 13.30 14.92 7.60
N PRO A 86 12.29 15.57 8.24
CA PRO A 86 11.14 16.11 7.53
C PRO A 86 11.48 17.16 6.47
N TYR A 87 12.62 17.85 6.62
CA TYR A 87 13.09 18.81 5.61
C TYR A 87 14.51 18.46 5.13
N ASP A 88 14.75 18.63 3.82
CA ASP A 88 16.08 18.45 3.24
C ASP A 88 16.83 19.79 3.10
N SER A 89 16.10 20.90 3.13
CA SER A 89 16.69 22.24 3.29
C SER A 89 15.83 23.02 4.29
N ARG A 90 16.49 23.80 5.13
CA ARG A 90 15.96 24.33 6.41
C ARG A 90 16.19 23.32 7.54
N ALA A 91 16.43 23.84 8.73
CA ALA A 91 16.71 23.02 9.90
C ALA A 91 15.46 22.77 10.75
N SER A 92 15.01 21.52 10.80
CA SER A 92 13.94 21.08 11.72
C SER A 92 14.21 21.45 13.20
N ALA A 93 15.51 21.51 13.56
CA ALA A 93 15.93 22.01 14.86
C ALA A 93 15.34 23.39 15.21
N SER A 94 15.25 24.29 14.23
CA SER A 94 14.69 25.63 14.50
C SER A 94 13.18 25.58 14.77
N ILE A 95 12.52 24.61 14.15
CA ILE A 95 11.10 24.37 14.42
C ILE A 95 10.92 23.87 15.86
N ILE A 96 11.74 22.91 16.27
CA ILE A 96 11.69 22.39 17.65
C ILE A 96 12.00 23.51 18.65
N LEU A 97 12.99 24.34 18.33
CA LEU A 97 13.36 25.49 19.17
C LEU A 97 12.17 26.41 19.39
N GLU A 98 11.55 26.80 18.28
CA GLU A 98 10.33 27.61 18.31
C GLU A 98 9.29 27.00 19.24
N MET A 99 9.05 25.70 19.09
CA MET A 99 8.03 25.00 19.91
C MET A 99 8.36 25.02 21.41
N LEU A 100 9.64 24.86 21.74
CA LEU A 100 10.09 24.79 23.13
C LEU A 100 9.97 26.11 23.89
N GLY A 101 10.05 27.22 23.16
CA GLY A 101 9.65 28.53 23.71
C GLY A 101 10.49 28.96 24.90
N SER A 102 11.81 28.78 24.78
CA SER A 102 12.76 29.00 25.86
C SER A 102 14.00 29.72 25.35
N GLY A 103 13.80 30.64 24.42
CA GLY A 103 14.90 31.42 23.85
C GLY A 103 15.15 31.17 22.37
N TYR A 104 15.54 32.23 21.69
CA TYR A 104 15.89 32.21 20.27
C TYR A 104 17.42 32.31 20.02
N ASP A 105 18.21 32.75 21.00
CA ASP A 105 19.64 33.02 20.80
C ASP A 105 20.46 31.75 21.06
N ALA A 106 20.40 30.84 20.10
CA ALA A 106 20.99 29.52 20.25
C ALA A 106 21.74 29.06 19.02
N TYR A 107 22.86 28.36 19.25
CA TYR A 107 23.55 27.63 18.21
C TYR A 107 22.59 26.53 17.77
N CYS A 108 22.37 26.38 16.47
CA CYS A 108 21.29 25.52 15.98
C CYS A 108 21.60 24.92 14.60
N ALA A 109 21.46 23.60 14.49
CA ALA A 109 21.56 22.91 13.19
C ALA A 109 21.03 21.48 13.26
N ASP A 110 20.77 20.92 12.08
CA ASP A 110 20.49 19.49 11.95
C ASP A 110 21.78 18.77 11.63
N VAL A 111 21.91 17.56 12.15
CA VAL A 111 23.14 16.78 12.06
C VAL A 111 22.77 15.41 11.51
N GLN A 112 23.53 14.94 10.53
CA GLN A 112 23.21 13.68 9.84
C GLN A 112 24.44 12.80 9.62
N PHE A 113 24.43 11.64 10.29
CA PHE A 113 25.27 10.50 9.95
C PHE A 113 24.51 9.23 10.38
N ALA A 114 23.40 8.98 9.72
CA ALA A 114 22.65 7.74 9.87
C ALA A 114 22.33 7.45 11.36
N GLY A 115 22.47 6.21 11.80
CA GLY A 115 22.22 5.85 13.21
C GLY A 115 23.08 6.51 14.27
N LYS A 116 24.22 7.11 13.89
CA LYS A 116 25.06 7.84 14.86
C LYS A 116 24.78 9.35 14.90
N SER A 117 23.72 9.82 14.23
CA SER A 117 23.40 11.26 14.24
C SER A 117 23.22 11.84 15.66
N GLY A 118 22.53 11.09 16.52
CA GLY A 118 22.27 11.50 17.89
C GLY A 118 23.51 11.61 18.78
N THR A 119 24.40 10.62 18.69
CA THR A 119 25.66 10.67 19.41
C THR A 119 26.56 11.79 18.86
N SER A 120 26.52 12.03 17.55
CA SER A 120 27.29 13.13 16.94
C SER A 120 26.80 14.50 17.44
N ALA A 121 25.48 14.66 17.54
CA ALA A 121 24.89 15.86 18.12
C ALA A 121 25.33 16.03 19.59
N LEU A 122 25.33 14.93 20.33
CA LEU A 122 25.78 14.93 21.72
C LEU A 122 27.23 15.42 21.86
N GLN A 123 28.11 14.90 21.02
CA GLN A 123 29.51 15.35 20.99
C GLN A 123 29.63 16.84 20.67
N ILE A 124 28.83 17.31 19.71
CA ILE A 124 28.81 18.74 19.37
C ILE A 124 28.43 19.57 20.61
N CYS A 125 27.37 19.16 21.31
CA CYS A 125 26.91 19.88 22.51
C CYS A 125 27.95 19.89 23.65
N GLN A 126 28.56 18.74 23.88
CA GLN A 126 29.70 18.64 24.82
C GLN A 126 30.82 19.60 24.45
N ALA A 127 31.19 19.65 23.18
CA ALA A 127 32.24 20.55 22.72
C ALA A 127 31.87 22.03 22.95
N LEU A 128 30.60 22.38 22.71
CA LEU A 128 30.13 23.76 22.92
C LEU A 128 30.19 24.19 24.38
N VAL A 129 29.90 23.27 25.30
CA VAL A 129 29.95 23.58 26.73
C VAL A 129 31.39 23.58 27.25
N ALA A 130 32.13 22.52 26.93
CA ALA A 130 33.54 22.38 27.33
C ALA A 130 34.42 23.50 26.79
N SER A 131 34.13 24.01 25.58
CA SER A 131 34.86 25.16 25.03
C SER A 131 34.54 26.50 25.69
N GLY A 132 33.48 26.56 26.51
CA GLY A 132 32.99 27.83 27.04
C GLY A 132 32.19 28.68 26.06
N MET A 133 31.88 28.16 24.86
CA MET A 133 31.06 28.89 23.89
C MET A 133 29.59 28.98 24.32
N THR A 134 29.15 28.00 25.13
CA THR A 134 27.86 28.05 25.84
C THR A 134 27.99 27.48 27.26
N GLY A 135 27.02 27.81 28.10
CA GLY A 135 26.89 27.20 29.43
C GLY A 135 26.15 25.88 29.46
N SER A 136 25.40 25.60 28.40
CA SER A 136 24.62 24.37 28.28
C SER A 136 24.26 24.11 26.83
N ALA A 137 23.77 22.92 26.53
CA ALA A 137 23.38 22.59 25.15
C ALA A 137 22.47 21.36 25.11
N LEU A 138 21.48 21.39 24.22
CA LEU A 138 20.49 20.32 24.12
C LEU A 138 20.71 19.50 22.85
N ALA A 139 20.97 18.20 23.04
CA ALA A 139 21.16 17.28 21.92
C ALA A 139 19.92 16.40 21.79
N ILE A 140 19.45 16.20 20.55
CA ILE A 140 18.33 15.28 20.28
C ILE A 140 18.75 14.26 19.25
N GLY A 141 18.37 13.00 19.46
CA GLY A 141 18.55 11.94 18.47
C GLY A 141 17.18 11.38 18.16
N ALA A 142 16.77 11.41 16.89
CA ALA A 142 15.42 10.95 16.54
C ALA A 142 15.33 10.42 15.12
N ASP A 143 14.59 9.32 14.95
CA ASP A 143 14.36 8.75 13.62
C ASP A 143 13.00 8.07 13.49
N THR A 144 12.44 8.15 12.28
CA THR A 144 11.23 7.42 11.85
C THR A 144 11.68 6.42 10.78
N ILE A 145 12.33 5.36 11.25
CA ILE A 145 12.88 4.32 10.38
C ILE A 145 11.73 3.58 9.68
N ASN A 146 10.65 3.31 10.42
CA ASN A 146 9.43 2.74 9.85
C ASN A 146 8.94 3.51 8.61
N ARG A 147 8.74 4.81 8.75
CA ARG A 147 8.28 5.69 7.66
C ARG A 147 9.16 5.57 6.44
N ASN A 148 10.47 5.43 6.66
CA ASN A 148 11.43 5.32 5.55
C ASN A 148 11.95 3.89 5.30
N THR A 149 11.12 2.89 5.62
CA THR A 149 11.39 1.49 5.22
C THR A 149 10.23 0.99 4.36
N ALA A 150 10.57 0.40 3.20
CA ALA A 150 9.57 0.03 2.18
C ALA A 150 8.76 -1.22 2.55
N PRO A 151 7.47 -1.23 2.17
CA PRO A 151 6.71 -2.48 2.27
C PRO A 151 7.35 -3.63 1.48
N GLY A 152 7.45 -4.80 2.13
CA GLY A 152 8.12 -5.94 1.55
C GLY A 152 9.63 -5.99 1.74
N ASP A 153 10.22 -4.92 2.30
CA ASP A 153 11.64 -4.95 2.65
C ASP A 153 11.87 -6.02 3.73
N LEU A 154 13.01 -6.70 3.65
CA LEU A 154 13.38 -7.71 4.67
C LEU A 154 13.45 -7.16 6.09
N THR A 155 13.74 -5.86 6.23
CA THR A 155 13.76 -5.19 7.55
C THR A 155 12.41 -4.61 8.03
N GLU A 156 11.36 -4.68 7.19
CA GLU A 156 10.06 -4.05 7.50
C GLU A 156 9.50 -4.43 8.87
N SER A 157 9.51 -5.73 9.17
CA SER A 157 8.90 -6.25 10.40
C SER A 157 9.52 -5.73 11.68
N TYR A 158 10.73 -5.17 11.61
CA TYR A 158 11.39 -4.58 12.79
C TYR A 158 11.88 -3.13 12.63
N ALA A 159 11.32 -2.40 11.67
CA ALA A 159 11.57 -0.96 11.54
C ALA A 159 10.65 -0.19 12.49
N GLY A 160 11.24 0.63 13.37
CA GLY A 160 10.47 1.40 14.36
C GLY A 160 10.72 2.89 14.29
N ALA A 161 10.53 3.56 15.42
CA ALA A 161 10.74 5.00 15.49
C ALA A 161 10.92 5.44 16.92
N GLY A 162 11.58 6.58 17.11
CA GLY A 162 11.80 7.10 18.45
C GLY A 162 12.65 8.34 18.52
N ALA A 163 12.63 8.96 19.69
CA ALA A 163 13.41 10.17 19.98
C ALA A 163 13.94 10.15 21.40
N ALA A 164 15.14 10.69 21.57
CA ALA A 164 15.78 10.85 22.88
C ALA A 164 16.48 12.20 22.93
N ALA A 165 16.35 12.87 24.07
CA ALA A 165 16.92 14.21 24.27
C ALA A 165 17.79 14.19 25.52
N LEU A 166 18.97 14.81 25.41
CA LEU A 166 19.92 14.91 26.52
C LEU A 166 20.35 16.36 26.66
N LEU A 167 20.19 16.91 27.87
CA LEU A 167 20.68 18.26 28.19
C LEU A 167 22.07 18.18 28.79
N ILE A 168 23.03 18.86 28.17
CA ILE A 168 24.41 18.96 28.64
C ILE A 168 24.63 20.27 29.38
N GLY A 169 25.31 20.18 30.53
CA GLY A 169 25.63 21.34 31.33
C GLY A 169 26.69 21.04 32.37
N SER A 170 26.85 21.97 33.32
CA SER A 170 27.81 21.84 34.42
C SER A 170 27.22 22.06 35.83
N GLN A 171 25.89 22.09 35.93
CA GLN A 171 25.17 22.25 37.20
C GLN A 171 24.24 21.05 37.37
N ASP A 172 24.36 20.35 38.49
CA ASP A 172 23.55 19.17 38.82
C ASP A 172 23.72 18.03 37.80
N VAL A 173 24.98 17.76 37.46
CA VAL A 173 25.32 16.75 36.46
C VAL A 173 25.16 15.36 37.07
N ILE A 174 24.45 14.50 36.34
CA ILE A 174 24.17 13.12 36.76
C ILE A 174 25.09 12.09 36.08
N ALA A 175 25.65 12.44 34.92
CA ALA A 175 26.67 11.61 34.26
C ALA A 175 27.73 12.49 33.59
N GLU A 176 28.94 12.47 34.15
CA GLU A 176 30.07 13.22 33.65
C GLU A 176 30.55 12.59 32.36
N PHE A 177 30.77 13.44 31.37
CA PHE A 177 31.30 13.06 30.06
C PHE A 177 32.83 13.01 30.20
N ASP A 178 33.41 11.81 30.21
CA ASP A 178 34.85 11.67 30.50
C ASP A 178 35.73 11.87 29.27
N ALA A 179 35.39 11.21 28.17
CA ALA A 179 36.14 11.33 26.91
C ALA A 179 35.34 10.69 25.77
N SER A 180 35.74 11.00 24.53
CA SER A 180 35.17 10.34 23.36
C SER A 180 36.20 10.11 22.26
N PHE A 181 35.84 9.20 21.35
CA PHE A 181 36.66 8.86 20.19
C PHE A 181 35.71 8.56 19.03
N SER A 182 35.98 9.13 17.86
CA SER A 182 35.14 8.88 16.68
C SER A 182 35.97 8.38 15.51
N CYS A 183 35.32 7.58 14.67
CA CYS A 183 35.91 7.17 13.39
C CYS A 183 34.86 7.13 12.29
N ALA A 184 35.33 7.14 11.05
CA ALA A 184 34.49 7.09 9.86
C ALA A 184 35.26 6.63 8.63
N ALA A 185 34.50 6.30 7.57
CA ALA A 185 35.02 5.90 6.25
C ALA A 185 33.90 5.84 5.21
N ASP A 186 34.26 5.60 3.94
CA ASP A 186 33.27 5.31 2.91
C ASP A 186 33.00 3.80 2.94
N VAL A 187 31.88 3.42 3.54
CA VAL A 187 31.37 2.05 3.53
C VAL A 187 29.87 2.10 3.27
N ALA A 188 29.47 1.94 2.00
CA ALA A 188 28.05 2.03 1.60
C ALA A 188 27.23 0.76 1.91
N ASP A 189 27.19 0.38 3.19
CA ASP A 189 26.45 -0.81 3.61
C ASP A 189 24.93 -0.56 3.59
N ASN A 190 24.54 0.68 3.88
CA ASN A 190 23.19 1.20 3.61
C ASN A 190 23.30 2.61 3.06
N ILE A 191 22.36 3.00 2.21
CA ILE A 191 22.33 4.37 1.65
C ILE A 191 20.90 4.89 1.55
N ARG A 192 20.78 6.20 1.32
CA ARG A 192 19.53 6.79 0.86
C ARG A 192 19.84 7.98 -0.04
N PRO A 193 19.85 7.75 -1.36
CA PRO A 193 20.14 8.83 -2.30
C PRO A 193 19.16 9.99 -2.20
N GLN A 194 19.63 11.20 -2.53
CA GLN A 194 18.77 12.38 -2.50
C GLN A 194 17.51 12.11 -3.31
N GLY A 195 16.35 12.27 -2.68
CA GLY A 195 15.06 12.01 -3.30
C GLY A 195 14.39 10.76 -2.77
N ASP A 196 15.09 9.62 -2.82
CA ASP A 196 14.55 8.34 -2.34
C ASP A 196 13.92 8.49 -0.94
N ARG A 197 12.68 8.02 -0.79
CA ARG A 197 12.04 7.94 0.54
C ARG A 197 12.63 6.82 1.36
N TYR A 198 12.93 5.69 0.71
CA TYR A 198 13.27 4.48 1.43
C TYR A 198 14.78 4.28 1.56
N ILE A 199 15.20 3.87 2.75
CA ILE A 199 16.59 3.54 3.03
C ILE A 199 16.87 2.18 2.40
N ARG A 200 18.00 2.06 1.71
CA ARG A 200 18.31 0.88 0.90
C ARG A 200 19.56 0.18 1.42
N SER A 201 19.61 -1.14 1.27
CA SER A 201 20.81 -1.90 1.59
C SER A 201 21.77 -1.89 0.38
N GLY A 202 23.06 -1.97 0.68
CA GLY A 202 24.11 -2.06 -0.34
C GLY A 202 24.50 -3.48 -0.66
N MET A 203 24.01 -4.45 0.12
CA MET A 203 24.29 -5.87 -0.11
C MET A 203 23.29 -6.71 0.66
N GLY A 204 23.37 -8.04 0.52
CA GLY A 204 22.52 -8.96 1.30
C GLY A 204 22.79 -8.89 2.79
N LEU A 205 21.77 -9.15 3.59
CA LEU A 205 21.87 -9.07 5.04
C LEU A 205 22.59 -10.28 5.61
N GLY A 206 23.21 -10.10 6.77
CA GLY A 206 23.94 -11.17 7.45
C GLY A 206 25.28 -10.76 8.01
N SER A 207 26.05 -11.77 8.43
CA SER A 207 27.29 -11.52 9.15
C SER A 207 28.41 -10.95 8.27
N ASP A 208 28.37 -11.24 6.96
CA ASP A 208 29.30 -10.63 6.01
C ASP A 208 29.17 -9.11 5.96
N LYS A 209 27.93 -8.63 5.76
CA LYS A 209 27.62 -7.18 5.81
C LYS A 209 27.96 -6.58 7.17
N ASN A 210 27.63 -7.30 8.24
CA ASN A 210 27.92 -6.83 9.60
C ASN A 210 29.41 -6.69 9.86
N SER A 211 30.23 -7.58 9.31
CA SER A 211 31.67 -7.57 9.57
C SER A 211 32.39 -6.35 9.01
N ILE A 212 31.96 -5.89 7.84
CA ILE A 212 32.66 -4.79 7.15
C ILE A 212 32.17 -3.38 7.51
N GLY A 213 31.03 -3.27 8.20
CA GLY A 213 30.50 -1.98 8.64
C GLY A 213 30.33 -1.91 10.16
N LEU A 214 29.20 -2.42 10.63
CA LEU A 214 28.81 -2.44 12.05
C LEU A 214 29.93 -2.84 13.01
N GLU A 215 30.49 -4.03 12.80
CA GLU A 215 31.53 -4.56 13.68
C GLU A 215 32.86 -3.83 13.53
N ASP A 216 33.32 -3.57 12.30
CA ASP A 216 34.61 -2.85 12.05
C ASP A 216 34.65 -1.48 12.72
N GLN A 217 33.62 -0.67 12.48
CA GLN A 217 33.59 0.70 13.01
C GLN A 217 33.35 0.72 14.53
N THR A 218 32.39 -0.09 15.01
CA THR A 218 32.17 -0.20 16.45
C THR A 218 33.46 -0.62 17.20
N ARG A 219 34.13 -1.66 16.69
CA ARG A 219 35.40 -2.10 17.27
C ARG A 219 36.46 -1.01 17.24
N ARG A 220 36.59 -0.34 16.10
CA ARG A 220 37.61 0.70 15.95
C ARG A 220 37.42 1.84 16.96
N ALA A 221 36.19 2.33 17.10
CA ALA A 221 35.90 3.41 18.06
C ALA A 221 36.07 2.98 19.53
N ALA A 222 35.55 1.80 19.87
CA ALA A 222 35.66 1.27 21.23
C ALA A 222 37.10 1.04 21.68
N GLU A 223 37.88 0.39 20.81
CA GLU A 223 39.30 0.16 21.07
C GLU A 223 40.09 1.48 21.10
N GLY A 224 39.74 2.42 20.22
CA GLY A 224 40.33 3.75 20.21
C GLY A 224 40.17 4.48 21.55
N LEU A 225 38.93 4.54 22.02
CA LEU A 225 38.63 5.21 23.29
C LEU A 225 39.27 4.53 24.50
N MET A 226 39.12 3.21 24.58
CA MET A 226 39.77 2.44 25.66
C MET A 226 41.30 2.58 25.68
N ALA A 227 41.91 2.65 24.50
CA ALA A 227 43.36 2.90 24.39
C ALA A 227 43.70 4.30 24.92
N LYS A 228 42.88 5.29 24.58
CA LYS A 228 43.08 6.65 25.10
C LYS A 228 42.97 6.73 26.63
N LEU A 229 42.01 6.02 27.21
CA LEU A 229 41.80 6.02 28.67
C LEU A 229 42.58 4.96 29.46
N HIS A 230 43.33 4.10 28.77
CA HIS A 230 43.99 2.92 29.37
C HIS A 230 43.00 2.05 30.16
N THR A 231 41.89 1.70 29.50
CA THR A 231 40.87 0.81 30.09
C THR A 231 40.64 -0.41 29.21
N SER A 232 39.88 -1.35 29.74
CA SER A 232 39.46 -2.57 29.03
C SER A 232 38.01 -2.89 29.43
N PRO A 233 37.36 -3.86 28.73
CA PRO A 233 35.93 -4.12 29.03
C PRO A 233 35.58 -4.37 30.51
N ALA A 234 36.45 -5.10 31.21
CA ALA A 234 36.33 -5.32 32.66
C ALA A 234 36.16 -4.05 33.52
N ASP A 235 36.69 -2.91 33.06
CA ASP A 235 36.57 -1.63 33.77
C ASP A 235 35.18 -0.95 33.68
N TYR A 236 34.24 -1.49 32.90
CA TYR A 236 32.94 -0.83 32.71
C TYR A 236 31.80 -1.61 33.34
N ASP A 237 30.94 -0.92 34.07
CA ASP A 237 29.73 -1.50 34.64
C ASP A 237 28.67 -1.71 33.55
N TYR A 238 28.58 -0.78 32.60
CA TYR A 238 27.63 -0.92 31.48
C TYR A 238 28.23 -0.65 30.10
N VAL A 239 27.75 -1.39 29.10
CA VAL A 239 28.10 -1.11 27.71
C VAL A 239 26.80 -0.94 26.90
N VAL A 240 26.76 0.09 26.06
CA VAL A 240 25.59 0.41 25.25
C VAL A 240 26.01 0.52 23.80
N PHE A 241 25.32 -0.22 22.92
CA PHE A 241 25.62 -0.23 21.49
C PHE A 241 24.41 0.27 20.69
N GLN A 242 24.56 0.34 19.37
CA GLN A 242 23.42 0.56 18.47
C GLN A 242 22.40 -0.56 18.68
N GLN A 243 21.13 -0.20 18.72
CA GLN A 243 20.07 -1.16 19.04
C GLN A 243 18.95 -1.08 18.00
N ASN A 244 19.35 -1.30 16.75
CA ASN A 244 18.40 -1.63 15.67
C ASN A 244 17.67 -2.94 15.97
N LEU A 245 18.36 -3.86 16.67
CA LEU A 245 17.79 -5.12 17.09
C LEU A 245 18.32 -5.48 18.47
N VAL A 246 17.50 -6.17 19.26
CA VAL A 246 17.94 -6.67 20.57
C VAL A 246 19.21 -7.51 20.44
N SER A 247 19.30 -8.32 19.38
CA SER A 247 20.49 -9.14 19.13
C SER A 247 21.82 -8.38 18.92
N THR A 248 21.72 -7.14 18.43
CA THR A 248 22.93 -6.39 18.02
C THR A 248 23.88 -6.04 19.19
N PRO A 249 23.36 -5.47 20.30
CA PRO A 249 24.25 -5.25 21.43
C PRO A 249 24.92 -6.50 21.99
N TYR A 250 24.19 -7.61 22.08
CA TYR A 250 24.75 -8.86 22.60
C TYR A 250 25.85 -9.40 21.69
N SER A 251 25.59 -9.31 20.38
CA SER A 251 26.54 -9.73 19.35
C SER A 251 27.84 -8.92 19.36
N LEU A 252 27.72 -7.59 19.35
CA LEU A 252 28.87 -6.69 19.49
C LEU A 252 29.64 -6.86 20.82
N ALA A 253 28.91 -7.13 21.89
CA ALA A 253 29.51 -7.40 23.20
C ALA A 253 30.37 -8.66 23.16
N LYS A 254 29.82 -9.73 22.60
CA LYS A 254 30.57 -10.97 22.41
C LYS A 254 31.82 -10.71 21.53
N HIS A 255 31.66 -9.90 20.48
CA HIS A 255 32.77 -9.56 19.59
C HIS A 255 33.89 -8.73 20.26
N LEU A 256 33.55 -7.85 21.20
CA LEU A 256 34.55 -6.95 21.85
C LEU A 256 34.97 -7.35 23.27
N GLY A 257 34.56 -8.53 23.73
CA GLY A 257 34.94 -9.04 25.04
C GLY A 257 34.21 -8.47 26.24
N PHE A 258 32.99 -7.95 26.01
CA PHE A 258 32.07 -7.63 27.11
C PHE A 258 31.19 -8.83 27.34
N ASN A 259 30.56 -8.90 28.50
CA ASN A 259 29.71 -10.04 28.84
C ASN A 259 28.23 -9.61 28.98
N PRO A 260 27.30 -10.59 28.90
CA PRO A 260 25.86 -10.28 28.87
C PRO A 260 25.33 -9.34 29.98
N LYS A 261 25.77 -9.54 31.23
CA LYS A 261 25.28 -8.70 32.33
C LYS A 261 25.69 -7.21 32.22
N GLN A 262 26.76 -6.90 31.46
CA GLN A 262 27.10 -5.50 31.12
C GLN A 262 26.18 -4.86 30.07
N VAL A 263 25.55 -5.68 29.23
CA VAL A 263 24.70 -5.24 28.12
C VAL A 263 23.23 -5.11 28.52
N GLU A 264 22.73 -6.13 29.23
CA GLU A 264 21.29 -6.30 29.53
C GLU A 264 20.56 -5.02 29.97
N PRO A 265 21.14 -4.24 30.91
CA PRO A 265 20.42 -3.05 31.36
C PRO A 265 20.14 -1.99 30.30
N GLY A 266 20.86 -2.00 29.17
CA GLY A 266 20.57 -1.10 28.04
C GLY A 266 19.52 -1.59 27.05
N ILE A 267 19.04 -2.82 27.20
CA ILE A 267 18.12 -3.43 26.23
C ILE A 267 16.70 -2.95 26.47
N TYR A 268 16.08 -2.41 25.42
CA TYR A 268 14.70 -1.91 25.45
C TYR A 268 13.86 -2.27 24.19
N ALA A 269 14.49 -2.72 23.10
CA ALA A 269 13.90 -2.63 21.75
C ALA A 269 13.05 -3.83 21.29
N GLY A 270 12.86 -4.82 22.15
CA GLY A 270 12.06 -6.00 21.82
C GLY A 270 10.63 -5.74 21.36
N ASN A 271 10.03 -4.66 21.89
CA ASN A 271 8.70 -4.20 21.51
C ASN A 271 8.69 -2.91 20.69
N VAL A 272 9.86 -2.45 20.24
CA VAL A 272 9.97 -1.16 19.52
C VAL A 272 10.53 -1.31 18.10
N GLY A 273 11.60 -2.08 17.95
CA GLY A 273 12.31 -2.18 16.69
C GLY A 273 13.36 -1.09 16.57
N ASP A 274 13.83 -0.88 15.35
CA ASP A 274 14.93 0.04 15.06
C ASP A 274 14.48 1.51 15.13
N ALA A 275 15.02 2.25 16.09
CA ALA A 275 14.77 3.71 16.21
C ALA A 275 15.98 4.58 15.76
N GLY A 276 16.91 3.98 15.00
CA GLY A 276 18.02 4.71 14.40
C GLY A 276 18.83 5.56 15.35
N SER A 277 18.89 6.86 15.06
CA SER A 277 19.63 7.85 15.85
C SER A 277 19.25 7.86 17.32
N ALA A 278 18.00 7.47 17.62
CA ALA A 278 17.55 7.41 19.00
C ALA A 278 18.10 6.21 19.76
N SER A 279 18.44 5.12 19.07
CA SER A 279 18.65 3.84 19.75
C SER A 279 19.82 3.78 20.78
N PRO A 280 21.00 4.33 20.44
CA PRO A 280 22.04 4.33 21.47
C PRO A 280 21.69 5.24 22.66
N LEU A 281 21.05 6.37 22.38
CA LEU A 281 20.63 7.32 23.42
C LEU A 281 19.52 6.76 24.31
N LEU A 282 18.63 5.96 23.72
CA LEU A 282 17.59 5.28 24.50
C LEU A 282 18.17 4.18 25.38
N GLY A 283 19.17 3.46 24.85
CA GLY A 283 19.91 2.49 25.69
C GLY A 283 20.55 3.17 26.89
N LEU A 284 21.22 4.30 26.64
CA LEU A 284 21.82 5.10 27.71
C LEU A 284 20.78 5.54 28.74
N ILE A 285 19.65 6.06 28.27
CA ILE A 285 18.55 6.45 29.16
C ILE A 285 18.09 5.29 30.04
N ASN A 286 17.97 4.11 29.42
CA ASN A 286 17.51 2.90 30.13
C ASN A 286 18.50 2.49 31.22
N VAL A 287 19.80 2.71 30.97
CA VAL A 287 20.84 2.52 32.01
C VAL A 287 20.72 3.54 33.15
N LEU A 288 20.77 4.82 32.80
CA LEU A 288 20.72 5.91 33.80
C LEU A 288 19.47 5.89 34.69
N ASP A 289 18.35 5.39 34.17
CA ASP A 289 17.13 5.18 34.96
C ASP A 289 17.33 4.32 36.22
N GLN A 290 18.31 3.40 36.20
CA GLN A 290 18.56 2.49 37.33
C GLN A 290 20.02 2.44 37.86
N ALA A 291 20.91 3.25 37.29
CA ALA A 291 22.34 3.19 37.64
C ALA A 291 22.63 3.82 39.01
N ARG A 292 23.83 3.54 39.52
CA ARG A 292 24.25 3.98 40.84
C ARG A 292 25.49 4.89 40.77
N PRO A 293 25.66 5.79 41.77
CA PRO A 293 26.81 6.70 41.77
C PRO A 293 28.14 5.96 41.76
N GLY A 294 29.06 6.43 40.92
CA GLY A 294 30.36 5.78 40.74
C GLY A 294 30.45 4.90 39.50
N GLN A 295 29.32 4.47 38.94
CA GLN A 295 29.37 3.46 37.87
C GLN A 295 29.86 4.04 36.54
N LYS A 296 30.47 3.16 35.75
CA LYS A 296 31.15 3.51 34.50
C LYS A 296 30.38 2.96 33.31
N ILE A 297 30.14 3.84 32.33
CA ILE A 297 29.40 3.47 31.13
C ILE A 297 30.27 3.70 29.89
N LEU A 298 30.28 2.71 28.99
CA LEU A 298 30.83 2.89 27.65
C LEU A 298 29.70 2.83 26.64
N LEU A 299 29.61 3.86 25.81
CA LEU A 299 28.56 3.99 24.79
C LEU A 299 29.23 4.02 23.42
N VAL A 300 28.90 3.08 22.54
CA VAL A 300 29.45 3.05 21.16
C VAL A 300 28.36 2.86 20.09
N SER A 301 28.07 3.95 19.38
CA SER A 301 27.02 3.96 18.35
C SER A 301 27.55 3.49 17.00
N TYR A 302 26.67 3.40 16.01
CA TYR A 302 27.06 3.04 14.65
C TYR A 302 26.14 3.67 13.63
N GLY A 303 26.74 4.44 12.72
CA GLY A 303 26.03 4.99 11.58
C GLY A 303 26.48 4.27 10.33
N PHE A 304 25.53 3.72 9.58
CA PHE A 304 25.86 3.21 8.25
C PHE A 304 26.42 4.34 7.38
N GLY A 305 27.30 3.99 6.44
CA GLY A 305 27.95 5.02 5.60
C GLY A 305 29.47 5.08 5.44
N ALA A 306 30.29 4.82 6.47
CA ALA A 306 29.89 4.42 7.81
C ALA A 306 30.85 5.00 8.85
N GLY A 307 30.46 4.92 10.11
CA GLY A 307 31.27 5.43 11.20
C GLY A 307 30.73 5.09 12.57
N SER A 308 31.46 5.51 13.60
CA SER A 308 31.13 5.15 14.97
C SER A 308 31.61 6.21 15.95
N ASP A 309 30.75 6.56 16.91
CA ASP A 309 31.08 7.48 18.02
C ASP A 309 31.12 6.67 19.32
N ALA A 310 32.26 6.73 20.01
CA ALA A 310 32.44 6.13 21.34
C ALA A 310 32.54 7.23 22.38
N ILE A 311 31.81 7.07 23.49
CA ILE A 311 31.78 8.02 24.61
C ILE A 311 31.87 7.24 25.93
N ALA A 312 32.70 7.74 26.85
CA ALA A 312 32.82 7.17 28.20
C ALA A 312 32.19 8.11 29.22
N LEU A 313 31.39 7.56 30.14
CA LEU A 313 30.75 8.35 31.19
C LEU A 313 30.92 7.76 32.57
N THR A 314 30.80 8.65 33.56
CA THR A 314 30.81 8.28 34.96
C THR A 314 29.54 8.82 35.63
N VAL A 315 28.80 7.96 36.30
CA VAL A 315 27.57 8.35 37.00
C VAL A 315 27.92 9.04 38.33
N THR A 316 27.19 10.11 38.67
CA THR A 316 27.47 10.92 39.87
C THR A 316 26.46 10.70 41.00
N ASP A 317 26.77 11.30 42.16
CA ASP A 317 25.87 11.31 43.32
C ASP A 317 24.46 11.87 43.00
N ALA A 318 24.39 12.87 42.12
CA ALA A 318 23.14 13.49 41.74
C ALA A 318 22.11 12.54 41.09
N ILE A 319 22.58 11.39 40.58
CA ILE A 319 21.66 10.40 40.00
C ILE A 319 20.57 9.96 40.97
N GLU A 320 20.88 9.88 42.27
CA GLU A 320 19.89 9.43 43.26
C GLU A 320 18.71 10.40 43.40
N GLN A 321 19.00 11.70 43.45
CA GLN A 321 17.95 12.72 43.48
C GLN A 321 17.17 12.72 42.17
N TYR A 322 17.86 12.70 41.03
CA TYR A 322 17.20 12.62 39.71
C TYR A 322 16.21 11.44 39.62
N GLN A 323 16.63 10.29 40.14
CA GLN A 323 15.80 9.07 40.13
C GLN A 323 14.60 9.09 41.08
N LYS A 324 14.57 10.01 42.04
CA LYS A 324 13.57 9.96 43.12
C LYS A 324 12.13 10.05 42.60
N HIS A 325 11.87 11.05 41.76
CA HIS A 325 10.57 11.21 41.08
C HIS A 325 10.82 11.26 39.57
N ASN A 326 10.96 10.09 38.98
CA ASN A 326 11.29 9.92 37.57
C ASN A 326 10.45 8.80 36.99
N LYS A 327 9.87 9.03 35.82
CA LYS A 327 9.17 7.97 35.10
C LYS A 327 10.19 7.28 34.20
N PRO A 328 10.53 6.01 34.50
CA PRO A 328 11.52 5.36 33.65
C PRO A 328 10.99 5.00 32.26
N LEU A 329 11.94 4.78 31.34
CA LEU A 329 11.63 4.37 29.97
C LEU A 329 10.86 3.05 29.94
N ARG A 330 11.27 2.09 30.76
CA ARG A 330 10.56 0.82 30.93
C ARG A 330 9.04 1.01 31.13
N GLU A 331 8.65 1.99 31.95
CA GLU A 331 7.25 2.32 32.19
C GLU A 331 6.58 2.97 30.99
N LEU A 332 7.25 3.96 30.40
CA LEU A 332 6.77 4.60 29.16
C LEU A 332 6.41 3.58 28.05
N LEU A 333 7.31 2.61 27.85
CA LEU A 333 7.11 1.55 26.84
C LEU A 333 5.97 0.56 27.14
N GLU A 334 5.37 0.60 28.33
CA GLU A 334 4.15 -0.17 28.62
C GLU A 334 2.90 0.41 27.92
N SER A 335 2.91 1.70 27.57
CA SER A 335 1.76 2.34 26.88
C SER A 335 1.72 1.96 25.40
N LYS A 336 0.71 1.20 24.99
CA LYS A 336 0.63 0.73 23.61
C LYS A 336 -0.79 0.44 23.09
N ILE A 337 -0.96 0.63 21.78
CA ILE A 337 -2.19 0.31 21.04
C ILE A 337 -1.82 -0.59 19.87
N TYR A 338 -2.34 -1.81 19.84
CA TYR A 338 -2.10 -2.74 18.72
C TYR A 338 -2.91 -2.37 17.47
N VAL A 339 -2.29 -2.47 16.31
CA VAL A 339 -2.98 -2.29 15.02
C VAL A 339 -2.63 -3.44 14.11
N ASP A 340 -3.46 -3.67 13.10
CA ASP A 340 -3.18 -4.72 12.09
C ASP A 340 -2.33 -4.16 10.94
N TYR A 341 -1.91 -5.04 10.03
CA TYR A 341 -1.00 -4.66 8.94
C TYR A 341 -1.58 -3.56 8.06
N GLY A 342 -2.83 -3.76 7.63
CA GLY A 342 -3.54 -2.81 6.77
C GLY A 342 -3.64 -1.41 7.36
N THR A 343 -3.99 -1.37 8.64
CA THR A 343 -4.03 -0.11 9.41
C THR A 343 -2.64 0.53 9.54
N SER A 344 -1.61 -0.28 9.75
CA SER A 344 -0.23 0.25 9.87
C SER A 344 0.21 0.93 8.57
N ILE A 345 -0.14 0.29 7.45
CA ILE A 345 0.21 0.80 6.12
C ILE A 345 -0.56 2.09 5.82
N LYS A 346 -1.83 2.16 6.24
CA LYS A 346 -2.61 3.39 6.12
C LYS A 346 -1.98 4.55 6.93
N TYR A 347 -1.76 4.28 8.22
CA TYR A 347 -1.18 5.24 9.16
C TYR A 347 0.19 5.77 8.72
N GLU A 348 1.01 4.91 8.11
CA GLU A 348 2.37 5.29 7.68
C GLU A 348 2.46 5.77 6.24
N PHE A 349 1.30 5.96 5.59
CA PHE A 349 1.24 6.47 4.22
C PHE A 349 2.02 5.60 3.21
N LYS A 350 1.78 4.29 3.26
CA LYS A 350 2.49 3.35 2.38
C LYS A 350 1.59 2.67 1.32
N TYR A 351 0.34 3.13 1.17
CA TYR A 351 -0.48 2.74 0.02
C TYR A 351 -0.15 3.67 -1.13
N LEU A 352 -0.16 3.12 -2.33
CA LEU A 352 0.09 3.87 -3.56
C LEU A 352 -1.25 4.48 -3.99
N ARG A 353 -1.52 5.66 -3.45
CA ARG A 353 -2.76 6.39 -3.70
C ARG A 353 -2.55 7.40 -4.82
N ALA A 354 -3.62 8.10 -5.19
CA ALA A 354 -3.57 9.10 -6.25
C ALA A 354 -2.63 10.24 -5.90
N ASP A 355 -1.91 10.73 -6.91
CA ASP A 355 -0.99 11.87 -6.75
C ASP A 355 -1.70 13.16 -6.23
N TYR A 356 -2.94 13.38 -6.65
CA TYR A 356 -3.72 14.58 -6.31
C TYR A 356 -5.05 14.07 -5.77
N ALA A 357 -5.41 14.47 -4.56
CA ALA A 357 -6.62 13.98 -3.90
C ALA A 357 -7.78 14.96 -4.07
N LEU A 358 -8.97 14.44 -4.35
CA LEU A 358 -10.15 15.28 -4.59
C LEU A 358 -10.92 15.50 -3.29
N THR A 359 -11.09 14.40 -2.55
CA THR A 359 -11.59 14.41 -1.19
C THR A 359 -10.69 13.47 -0.42
N ALA A 360 -11.04 13.16 0.82
CA ALA A 360 -10.35 12.14 1.60
C ALA A 360 -10.34 10.75 0.94
N TYR A 361 -11.39 10.45 0.17
CA TYR A 361 -11.59 9.10 -0.34
C TYR A 361 -11.95 9.05 -1.84
N LEU A 362 -11.53 10.05 -2.63
CA LEU A 362 -11.84 10.07 -4.09
C LEU A 362 -10.76 10.70 -4.98
N MET B 3 13.06 12.32 -10.34
CA MET B 3 13.38 13.76 -10.11
C MET B 3 14.79 14.14 -10.57
N TYR B 4 15.73 13.18 -10.55
CA TYR B 4 17.09 13.37 -11.06
C TYR B 4 17.33 12.34 -12.17
N PRO B 5 17.07 12.70 -13.45
CA PRO B 5 17.14 11.72 -14.53
C PRO B 5 18.57 11.49 -15.05
N GLU B 6 19.46 11.02 -14.17
CA GLU B 6 20.81 10.62 -14.54
C GLU B 6 20.76 9.13 -14.81
N GLN B 7 21.28 8.72 -15.96
CA GLN B 7 21.18 7.32 -16.36
C GLN B 7 22.03 6.43 -15.46
N ILE B 8 21.43 5.33 -15.04
CA ILE B 8 22.05 4.34 -14.17
C ILE B 8 22.71 3.25 -15.03
N HIS B 9 23.84 2.72 -14.59
CA HIS B 9 24.53 1.64 -15.32
C HIS B 9 23.72 0.35 -15.38
N ARG B 10 23.71 -0.28 -16.56
CA ARG B 10 23.06 -1.58 -16.75
C ARG B 10 23.77 -2.33 -17.90
N MET B 11 24.46 -3.42 -17.60
CA MET B 11 25.20 -4.17 -18.62
C MET B 11 24.31 -4.63 -19.78
N THR B 12 23.13 -5.15 -19.45
CA THR B 12 22.29 -5.86 -20.42
C THR B 12 20.89 -5.25 -20.53
N THR B 13 20.48 -5.01 -21.78
CA THR B 13 19.13 -4.57 -22.14
C THR B 13 18.68 -5.43 -23.33
N ALA B 14 17.52 -6.08 -23.19
CA ALA B 14 17.02 -6.97 -24.24
C ALA B 14 16.42 -6.22 -25.45
N SER B 15 16.78 -6.68 -26.64
CA SER B 15 16.07 -6.30 -27.86
C SER B 15 14.73 -7.02 -27.93
N MET B 16 13.73 -6.35 -28.51
CA MET B 16 12.43 -6.97 -28.85
C MET B 16 12.52 -8.25 -29.70
N LEU B 17 13.59 -8.35 -30.49
CA LEU B 17 13.85 -9.51 -31.35
C LEU B 17 13.80 -10.84 -30.61
N ARG B 18 14.28 -10.87 -29.37
CA ARG B 18 14.35 -12.12 -28.60
C ARG B 18 12.98 -12.78 -28.48
N GLU B 19 12.03 -12.06 -27.89
CA GLU B 19 10.67 -12.57 -27.67
C GLU B 19 9.86 -12.66 -28.96
N TRP B 20 10.07 -11.71 -29.87
CA TRP B 20 9.41 -11.71 -31.18
C TRP B 20 9.51 -13.08 -31.85
N ARG B 21 10.73 -13.63 -31.92
CA ARG B 21 10.92 -14.94 -32.55
C ARG B 21 10.34 -16.13 -31.78
N GLU B 22 10.05 -15.98 -30.48
CA GLU B 22 9.54 -17.08 -29.63
C GLU B 22 8.04 -17.03 -29.32
N HIS B 23 7.29 -16.13 -29.97
CA HIS B 23 5.84 -16.05 -29.73
C HIS B 23 5.13 -17.40 -29.96
N GLY B 24 5.57 -18.18 -30.95
CA GLY B 24 5.02 -19.50 -31.17
C GLY B 24 5.26 -20.43 -29.98
N GLY B 25 6.49 -20.45 -29.48
CA GLY B 25 6.83 -21.29 -28.35
C GLY B 25 6.14 -20.90 -27.06
N LYS B 26 6.03 -19.59 -26.80
CA LYS B 26 5.64 -19.08 -25.49
C LYS B 26 4.16 -18.70 -25.36
N TYR B 27 3.56 -18.22 -26.46
CA TYR B 27 2.10 -17.96 -26.49
C TYR B 27 1.30 -19.20 -26.91
N ARG B 28 1.86 -20.03 -27.79
CA ARG B 28 1.10 -21.10 -28.47
C ARG B 28 1.62 -22.53 -28.21
N LEU B 29 2.61 -22.67 -27.33
CA LEU B 29 3.23 -23.97 -27.02
C LEU B 29 3.65 -24.75 -28.28
N GLU B 30 4.31 -24.02 -29.20
CA GLU B 30 4.85 -24.62 -30.43
C GLU B 30 6.27 -25.10 -30.21
N GLY B 31 6.45 -26.41 -30.31
CA GLY B 31 7.76 -27.01 -30.47
C GLY B 31 8.00 -27.34 -31.94
N SER B 32 8.68 -28.46 -32.17
CA SER B 32 9.09 -28.84 -33.51
C SER B 32 8.79 -30.31 -33.77
N GLN B 33 8.48 -30.63 -35.03
CA GLN B 33 8.32 -32.01 -35.50
C GLN B 33 9.17 -32.24 -36.74
N CYS B 34 9.82 -33.40 -36.81
CA CYS B 34 10.62 -33.78 -37.98
C CYS B 34 9.72 -34.29 -39.11
N GLU B 35 9.92 -33.78 -40.32
CA GLU B 35 9.12 -34.18 -41.48
C GLU B 35 9.46 -35.57 -41.98
N GLU B 36 10.71 -36.01 -41.76
CA GLU B 36 11.17 -37.31 -42.25
C GLU B 36 10.81 -38.48 -41.33
N CYS B 37 11.06 -38.33 -40.02
CA CYS B 37 10.80 -39.40 -39.02
C CYS B 37 9.65 -39.14 -38.02
N ASN B 38 9.03 -37.96 -38.07
CA ASN B 38 7.87 -37.59 -37.22
C ASN B 38 8.10 -37.45 -35.71
N GLU B 39 9.35 -37.45 -35.27
CA GLU B 39 9.65 -37.26 -33.86
C GLU B 39 9.31 -35.82 -33.47
N ILE B 40 8.91 -35.63 -32.22
CA ILE B 40 8.52 -34.32 -31.70
C ILE B 40 9.44 -33.89 -30.56
N PHE B 41 9.61 -32.57 -30.45
CA PHE B 41 10.51 -31.94 -29.48
C PHE B 41 9.90 -30.65 -28.95
N PHE B 42 10.19 -30.35 -27.68
CA PHE B 42 9.99 -29.01 -27.11
C PHE B 42 11.22 -28.66 -26.25
N PRO B 43 11.79 -27.46 -26.39
CA PRO B 43 11.32 -26.37 -27.28
C PRO B 43 11.74 -26.53 -28.73
N ARG B 44 11.26 -25.60 -29.56
CA ARG B 44 11.55 -25.58 -31.02
C ARG B 44 13.04 -25.67 -31.34
N ARG B 45 13.35 -26.21 -32.51
CA ARG B 45 14.74 -26.49 -32.92
C ARG B 45 14.89 -26.56 -34.42
N THR B 46 16.13 -26.58 -34.89
CA THR B 46 16.44 -26.55 -36.32
C THR B 46 16.84 -27.92 -36.88
N VAL B 47 17.43 -28.77 -36.07
CA VAL B 47 17.92 -30.08 -36.51
C VAL B 47 17.18 -31.15 -35.74
N CYS B 48 16.62 -32.14 -36.44
CA CYS B 48 16.03 -33.29 -35.74
C CYS B 48 17.11 -34.04 -34.96
N GLY B 49 16.91 -34.24 -33.67
CA GLY B 49 17.87 -34.98 -32.83
C GLY B 49 17.97 -36.48 -33.10
N ALA B 50 16.88 -37.06 -33.59
CA ALA B 50 16.83 -38.50 -33.88
C ALA B 50 17.64 -38.84 -35.11
N CYS B 51 17.38 -38.12 -36.22
CA CYS B 51 17.94 -38.47 -37.54
C CYS B 51 18.81 -37.38 -38.21
N ASN B 52 18.95 -36.21 -37.57
CA ASN B 52 19.81 -35.10 -38.06
C ASN B 52 19.38 -34.45 -39.38
N SER B 53 18.09 -34.59 -39.70
CA SER B 53 17.50 -33.90 -40.83
C SER B 53 17.22 -32.45 -40.49
N LEU B 54 17.36 -31.58 -41.48
CA LEU B 54 16.99 -30.17 -41.36
C LEU B 54 15.53 -29.90 -41.77
N SER B 55 14.82 -30.92 -42.27
CA SER B 55 13.39 -30.81 -42.59
C SER B 55 12.56 -30.92 -41.32
N VAL B 56 12.44 -29.81 -40.61
CA VAL B 56 11.75 -29.73 -39.34
C VAL B 56 10.73 -28.60 -39.45
N LYS B 57 9.54 -28.81 -38.91
CA LYS B 57 8.46 -27.83 -39.00
C LYS B 57 7.92 -27.50 -37.60
N PRO B 58 7.22 -26.36 -37.46
CA PRO B 58 6.54 -26.10 -36.20
C PRO B 58 5.52 -27.16 -35.85
N TYR B 59 5.36 -27.42 -34.56
CA TYR B 59 4.42 -28.42 -34.05
C TYR B 59 3.68 -27.86 -32.85
N ARG B 60 2.35 -27.82 -32.91
CA ARG B 60 1.53 -27.44 -31.76
C ARG B 60 1.52 -28.58 -30.76
N CYS B 61 2.20 -28.41 -29.62
CA CYS B 61 2.15 -29.41 -28.55
C CYS B 61 0.74 -29.50 -27.97
N ALA B 62 0.42 -30.67 -27.43
CA ALA B 62 -0.83 -30.88 -26.70
C ALA B 62 -0.87 -29.92 -25.52
N ARG B 63 -2.01 -29.24 -25.34
CA ARG B 63 -2.16 -28.25 -24.27
C ARG B 63 -2.80 -28.82 -23.01
N SER B 64 -3.16 -30.10 -23.03
CA SER B 64 -3.61 -30.83 -21.84
C SER B 64 -2.56 -31.84 -21.40
N GLY B 65 -2.55 -32.13 -20.10
CA GLY B 65 -1.59 -33.09 -19.55
C GLY B 65 -1.87 -33.51 -18.12
N LYS B 66 -0.86 -34.11 -17.48
CA LYS B 66 -0.91 -34.51 -16.08
C LYS B 66 0.31 -33.99 -15.35
N ILE B 67 0.20 -33.83 -14.03
CA ILE B 67 1.37 -33.49 -13.21
C ILE B 67 2.22 -34.75 -13.03
N GLU B 68 3.44 -34.74 -13.56
CA GLU B 68 4.38 -35.87 -13.41
C GLU B 68 5.05 -35.78 -12.03
N VAL B 69 5.59 -34.60 -11.74
CA VAL B 69 6.28 -34.29 -10.50
C VAL B 69 6.00 -32.85 -10.13
N MET B 70 5.86 -32.57 -8.82
CA MET B 70 5.65 -31.21 -8.35
C MET B 70 6.44 -30.92 -7.06
N ALA B 71 6.78 -29.64 -6.84
CA ALA B 71 7.58 -29.20 -5.71
C ALA B 71 7.30 -27.72 -5.36
N PRO B 72 6.90 -27.45 -4.11
CA PRO B 72 6.75 -26.06 -3.67
C PRO B 72 8.05 -25.28 -3.68
N ALA B 73 7.96 -24.02 -4.08
CA ALA B 73 9.03 -23.02 -3.94
C ALA B 73 8.53 -21.98 -2.95
N GLU B 74 9.10 -22.03 -1.74
CA GLU B 74 8.77 -21.15 -0.62
C GLU B 74 9.95 -20.37 -0.03
N ASN B 75 11.17 -20.68 -0.46
CA ASN B 75 12.37 -20.14 0.18
C ASN B 75 12.61 -18.69 -0.28
N PRO B 76 12.48 -17.70 0.66
CA PRO B 76 12.69 -16.29 0.29
C PRO B 76 14.07 -16.02 -0.34
N ILE B 77 15.08 -16.75 0.15
CA ILE B 77 16.46 -16.65 -0.36
C ILE B 77 16.52 -16.85 -1.89
N LEU B 78 15.67 -17.72 -2.43
CA LEU B 78 15.65 -18.02 -3.86
C LEU B 78 14.55 -17.32 -4.66
N ALA B 79 13.90 -16.31 -4.07
CA ALA B 79 12.83 -15.60 -4.78
C ALA B 79 13.40 -14.71 -5.87
N ALA B 80 13.04 -14.99 -7.12
CA ALA B 80 13.49 -14.19 -8.26
C ALA B 80 12.69 -12.88 -8.37
N MET B 81 13.32 -11.85 -8.93
CA MET B 81 12.64 -10.58 -9.17
C MET B 81 11.51 -10.80 -10.15
N GLY B 82 10.36 -10.21 -9.83
CA GLY B 82 9.13 -10.44 -10.56
C GLY B 82 8.28 -11.61 -10.08
N TYR B 83 8.84 -12.48 -9.22
CA TYR B 83 8.11 -13.65 -8.71
C TYR B 83 8.07 -13.72 -7.17
N GLY B 84 8.34 -12.61 -6.51
CA GLY B 84 8.40 -12.57 -5.05
C GLY B 84 7.05 -12.41 -4.35
N GLU B 85 6.02 -12.01 -5.09
CA GLU B 85 4.75 -11.63 -4.50
C GLU B 85 3.88 -12.86 -4.21
N THR B 86 4.00 -13.91 -5.03
CA THR B 86 3.23 -15.13 -4.88
C THR B 86 4.07 -16.18 -4.15
N VAL B 87 3.60 -16.59 -2.97
CA VAL B 87 4.29 -17.56 -2.11
C VAL B 87 3.23 -18.43 -1.41
N PRO B 88 3.26 -19.76 -1.57
CA PRO B 88 4.24 -20.51 -2.39
C PRO B 88 4.00 -20.41 -3.87
N ARG B 89 4.97 -20.86 -4.66
CA ARG B 89 4.71 -21.17 -6.07
C ARG B 89 4.83 -22.69 -6.21
N ILE B 90 3.93 -23.31 -6.97
CA ILE B 90 3.93 -24.77 -7.12
C ILE B 90 4.60 -25.13 -8.43
N MET B 91 5.90 -25.45 -8.37
CA MET B 91 6.66 -25.78 -9.58
C MET B 91 6.30 -27.20 -9.98
N ALA B 92 6.20 -27.47 -11.28
CA ALA B 92 5.88 -28.81 -11.76
C ALA B 92 6.49 -29.15 -13.10
N MET B 93 6.74 -30.46 -13.28
CA MET B 93 6.98 -31.04 -14.59
C MET B 93 5.63 -31.60 -15.06
N VAL B 94 5.13 -31.07 -16.16
CA VAL B 94 3.84 -31.44 -16.71
C VAL B 94 4.09 -32.38 -17.88
N ARG B 95 3.51 -33.59 -17.81
CA ARG B 95 3.50 -34.53 -18.93
C ARG B 95 2.28 -34.27 -19.82
N LEU B 96 2.54 -33.78 -21.02
CA LEU B 96 1.47 -33.49 -21.98
C LEU B 96 0.92 -34.78 -22.58
N ASP B 97 -0.31 -34.71 -23.10
CA ASP B 97 -0.97 -35.88 -23.71
C ASP B 97 -0.24 -36.46 -24.94
N ASP B 98 0.59 -35.67 -25.61
CA ASP B 98 1.47 -36.17 -26.69
C ASP B 98 2.79 -36.80 -26.23
N GLY B 99 3.04 -36.86 -24.91
CA GLY B 99 4.25 -37.48 -24.37
C GLY B 99 5.38 -36.53 -23.97
N LEU B 100 5.36 -35.29 -24.50
CA LEU B 100 6.40 -34.31 -24.14
C LEU B 100 6.25 -33.85 -22.68
N VAL B 101 7.33 -33.33 -22.11
CA VAL B 101 7.30 -32.80 -20.76
C VAL B 101 7.72 -31.33 -20.73
N ILE B 102 6.96 -30.53 -19.98
CA ILE B 102 7.14 -29.08 -19.90
C ILE B 102 7.46 -28.71 -18.45
N ALA B 103 8.46 -27.85 -18.25
CA ALA B 103 8.76 -27.30 -16.94
C ALA B 103 7.92 -26.04 -16.75
N SER B 104 7.08 -26.01 -15.72
CA SER B 104 6.17 -24.88 -15.51
C SER B 104 5.73 -24.77 -14.04
N GLU B 105 4.62 -24.07 -13.79
CA GLU B 105 4.00 -24.04 -12.46
C GLU B 105 2.48 -24.15 -12.55
N ILE B 106 1.89 -24.59 -11.43
CA ILE B 106 0.45 -24.73 -11.30
C ILE B 106 -0.10 -23.52 -10.55
N VAL B 107 -1.13 -22.89 -11.09
CA VAL B 107 -1.74 -21.71 -10.46
C VAL B 107 -3.25 -21.89 -10.34
N ASP B 108 -3.87 -20.99 -9.58
CA ASP B 108 -5.31 -20.96 -9.37
C ASP B 108 -5.89 -22.25 -8.78
N VAL B 109 -5.21 -22.78 -7.77
CA VAL B 109 -5.64 -24.00 -7.12
C VAL B 109 -6.80 -23.69 -6.14
N CYS B 110 -8.02 -23.96 -6.60
CA CYS B 110 -9.25 -23.63 -5.85
C CYS B 110 -9.59 -24.67 -4.79
N ASP B 111 -9.26 -25.94 -5.07
CA ASP B 111 -9.39 -27.05 -4.11
C ASP B 111 -8.02 -27.74 -3.96
N GLN B 112 -7.35 -27.45 -2.85
CA GLN B 112 -6.03 -28.03 -2.54
C GLN B 112 -5.97 -29.57 -2.55
N GLN B 113 -7.06 -30.22 -2.15
CA GLN B 113 -7.11 -31.69 -2.17
C GLN B 113 -7.06 -32.31 -3.57
N GLN B 114 -7.30 -31.49 -4.61
CA GLN B 114 -7.14 -31.94 -6.00
C GLN B 114 -5.73 -31.77 -6.55
N LEU B 115 -4.85 -31.07 -5.82
CA LEU B 115 -3.47 -30.87 -6.27
C LEU B 115 -2.64 -32.07 -5.86
N LYS B 116 -2.40 -32.98 -6.80
CA LYS B 116 -1.64 -34.21 -6.54
C LYS B 116 -0.99 -34.75 -7.82
N VAL B 117 -0.02 -35.64 -7.64
CA VAL B 117 0.66 -36.27 -8.77
C VAL B 117 -0.37 -37.07 -9.59
N GLY B 118 -0.31 -36.91 -10.91
CA GLY B 118 -1.30 -37.51 -11.80
C GLY B 118 -2.53 -36.66 -12.10
N ALA B 119 -2.66 -35.50 -11.43
CA ALA B 119 -3.81 -34.63 -11.64
C ALA B 119 -3.78 -34.01 -13.04
N PRO B 120 -4.95 -33.98 -13.72
CA PRO B 120 -5.01 -33.38 -15.05
C PRO B 120 -4.90 -31.84 -15.03
N VAL B 121 -4.15 -31.31 -15.99
CA VAL B 121 -3.89 -29.87 -16.12
C VAL B 121 -4.06 -29.38 -17.55
N ARG B 122 -4.29 -28.07 -17.70
CA ARG B 122 -4.33 -27.41 -19.01
C ARG B 122 -3.57 -26.09 -19.01
N MET B 123 -3.03 -25.76 -20.18
CA MET B 123 -2.23 -24.54 -20.40
C MET B 123 -3.07 -23.28 -20.33
N VAL B 124 -2.50 -22.23 -19.74
CA VAL B 124 -3.11 -20.89 -19.75
C VAL B 124 -2.03 -19.85 -20.01
N ILE B 125 -2.41 -18.72 -20.60
CA ILE B 125 -1.49 -17.62 -20.84
C ILE B 125 -1.55 -16.66 -19.67
N ARG B 126 -0.37 -16.34 -19.14
CA ARG B 126 -0.17 -15.46 -17.99
C ARG B 126 0.97 -14.48 -18.21
N LYS B 127 0.97 -13.45 -17.36
CA LYS B 127 1.97 -12.40 -17.35
C LYS B 127 3.19 -12.93 -16.55
N HIS B 128 4.38 -12.80 -17.11
CA HIS B 128 5.61 -13.23 -16.48
C HIS B 128 6.44 -11.97 -16.17
N VAL B 129 7.67 -12.14 -15.69
CA VAL B 129 8.52 -10.97 -15.35
C VAL B 129 8.72 -10.02 -16.53
N ARG B 130 8.55 -8.73 -16.26
CA ARG B 130 8.60 -7.69 -17.29
C ARG B 130 9.96 -7.64 -17.96
N GLU B 131 9.99 -7.37 -19.26
CA GLU B 131 11.25 -7.32 -20.02
C GLU B 131 12.11 -6.09 -19.71
N SER B 132 13.43 -6.23 -19.89
CA SER B 132 14.37 -5.11 -19.69
C SER B 132 14.25 -3.97 -20.71
N ASN B 133 13.45 -4.17 -21.78
CA ASN B 133 13.05 -3.09 -22.69
C ASN B 133 11.66 -2.49 -22.41
N LEU B 134 11.07 -2.83 -21.24
CA LEU B 134 9.78 -2.30 -20.75
C LEU B 134 8.51 -2.98 -21.27
N ALA B 135 8.64 -3.88 -22.25
CA ALA B 135 7.47 -4.61 -22.75
C ALA B 135 7.01 -5.62 -21.71
N TRP B 136 5.69 -5.81 -21.61
CA TRP B 136 5.14 -6.84 -20.71
C TRP B 136 5.51 -8.21 -21.32
N GLN B 137 5.92 -9.16 -20.47
CA GLN B 137 6.17 -10.53 -20.95
C GLN B 137 4.95 -11.40 -20.69
N TYR B 138 4.52 -12.13 -21.71
CA TYR B 138 3.44 -13.11 -21.61
C TYR B 138 3.96 -14.50 -22.00
N ALA B 139 3.47 -15.51 -21.30
CA ALA B 139 3.86 -16.91 -21.58
C ALA B 139 2.93 -17.89 -20.87
N TYR B 140 3.20 -19.17 -21.05
CA TYR B 140 2.38 -20.22 -20.44
C TYR B 140 2.58 -20.38 -18.93
N LYS B 141 1.52 -20.86 -18.30
CA LYS B 141 1.54 -21.56 -17.01
C LYS B 141 0.46 -22.66 -17.11
N PHE B 142 0.22 -23.42 -16.03
CA PHE B 142 -0.83 -24.45 -16.06
C PHE B 142 -1.82 -24.32 -14.91
N VAL B 143 -3.06 -24.79 -15.15
CA VAL B 143 -4.07 -24.89 -14.08
C VAL B 143 -4.63 -26.30 -14.03
N LEU B 144 -5.19 -26.66 -12.88
CA LEU B 144 -5.88 -27.94 -12.73
C LEU B 144 -7.13 -27.88 -13.60
N ASP B 145 -7.42 -28.99 -14.29
CA ASP B 145 -8.51 -29.09 -15.26
C ASP B 145 -9.45 -30.20 -14.82
N ILE B 146 -10.56 -29.83 -14.19
CA ILE B 146 -11.30 -30.75 -13.31
C ILE B 146 -12.82 -30.53 -13.30
N ALA C 3 50.50 -39.13 -27.78
CA ALA C 3 49.74 -39.09 -26.49
C ALA C 3 50.57 -39.69 -25.34
N ARG C 4 50.59 -38.97 -24.22
CA ARG C 4 51.43 -39.27 -23.05
C ARG C 4 50.60 -39.10 -21.78
N ARG C 5 51.03 -39.71 -20.68
CA ARG C 5 50.31 -39.58 -19.40
C ARG C 5 50.53 -38.22 -18.73
N VAL C 6 49.54 -37.80 -17.97
CA VAL C 6 49.55 -36.53 -17.27
C VAL C 6 49.38 -36.78 -15.76
N ALA C 7 50.23 -36.10 -14.99
CA ALA C 7 50.27 -36.22 -13.53
C ALA C 7 49.84 -34.91 -12.86
N ILE C 8 49.09 -35.05 -11.77
CA ILE C 8 48.80 -33.95 -10.86
C ILE C 8 49.95 -33.95 -9.86
N VAL C 9 50.63 -32.81 -9.75
CA VAL C 9 51.73 -32.66 -8.78
C VAL C 9 51.36 -31.88 -7.52
N SER C 10 50.33 -31.04 -7.61
CA SER C 10 49.77 -30.40 -6.43
C SER C 10 48.33 -29.96 -6.70
N ALA C 11 47.57 -29.80 -5.62
CA ALA C 11 46.18 -29.34 -5.69
C ALA C 11 45.85 -28.60 -4.40
N ALA C 12 45.19 -27.45 -4.52
CA ALA C 12 44.91 -26.60 -3.36
C ALA C 12 43.78 -25.62 -3.64
N TYR C 13 43.05 -25.27 -2.59
CA TYR C 13 41.99 -24.27 -2.69
C TYR C 13 41.93 -23.38 -1.45
N THR C 14 41.33 -22.21 -1.61
CA THR C 14 41.18 -21.28 -0.48
C THR C 14 40.22 -21.90 0.54
N PRO C 15 40.69 -22.10 1.78
CA PRO C 15 39.92 -22.88 2.77
C PRO C 15 38.54 -22.32 3.11
N LYS C 16 37.65 -23.18 3.62
CA LYS C 16 36.25 -22.87 3.96
C LYS C 16 35.47 -22.29 2.75
N PRO C 17 35.31 -23.10 1.68
CA PRO C 17 34.64 -22.65 0.45
C PRO C 17 33.13 -22.47 0.56
N GLY C 18 32.53 -22.96 1.65
CA GLY C 18 31.16 -22.62 2.03
C GLY C 18 31.03 -21.30 2.78
N SER C 19 32.15 -20.57 2.93
CA SER C 19 32.16 -19.24 3.54
C SER C 19 32.68 -18.19 2.55
N SER C 20 32.29 -16.94 2.77
CA SER C 20 32.62 -15.84 1.87
C SER C 20 33.88 -15.07 2.30
N ARG C 21 34.48 -14.39 1.33
CA ARG C 21 35.73 -13.65 1.50
C ARG C 21 35.52 -12.23 1.00
N VAL C 22 34.59 -11.52 1.61
CA VAL C 22 34.19 -10.19 1.11
C VAL C 22 35.31 -9.14 1.11
N ARG C 23 36.32 -9.34 1.98
CA ARG C 23 37.47 -8.45 2.02
C ARG C 23 38.45 -8.63 0.86
N GLN C 24 38.39 -9.75 0.14
CA GLN C 24 39.26 -9.97 -1.02
C GLN C 24 38.55 -9.61 -2.34
N THR C 25 39.34 -9.27 -3.35
CA THR C 25 38.88 -9.23 -4.75
C THR C 25 39.03 -10.63 -5.32
N PHE C 26 38.40 -10.89 -6.47
CA PHE C 26 38.55 -12.19 -7.10
C PHE C 26 40.01 -12.47 -7.51
N LYS C 27 40.74 -11.42 -7.90
CA LYS C 27 42.15 -11.56 -8.27
C LYS C 27 43.03 -12.01 -7.10
N GLU C 28 42.85 -11.33 -5.98
CA GLU C 28 43.53 -11.70 -4.72
C GLU C 28 43.24 -13.15 -4.32
N MET C 29 41.96 -13.53 -4.41
CA MET C 29 41.52 -14.89 -4.07
C MET C 29 42.15 -15.95 -4.97
N ILE C 30 42.19 -15.69 -6.29
CA ILE C 30 42.83 -16.59 -7.27
C ILE C 30 44.33 -16.77 -6.97
N VAL C 31 44.99 -15.66 -6.71
CA VAL C 31 46.41 -15.68 -6.36
C VAL C 31 46.71 -16.53 -5.13
N GLU C 32 45.86 -16.43 -4.10
CA GLU C 32 46.07 -17.21 -2.86
C GLU C 32 46.25 -18.71 -3.12
N SER C 33 45.26 -19.32 -3.78
CA SER C 33 45.29 -20.76 -4.07
C SER C 33 46.38 -21.14 -5.09
N ALA C 34 46.57 -20.29 -6.10
CA ALA C 34 47.61 -20.55 -7.11
C ALA C 34 49.01 -20.63 -6.51
N TYR C 35 49.35 -19.64 -5.70
CA TYR C 35 50.69 -19.57 -5.10
C TYR C 35 50.88 -20.60 -3.99
N LYS C 36 49.79 -20.96 -3.30
CA LYS C 36 49.82 -22.11 -2.37
C LYS C 36 50.16 -23.42 -3.08
N ALA C 37 49.51 -23.68 -4.22
CA ALA C 37 49.76 -24.88 -5.00
C ALA C 37 51.17 -24.91 -5.61
N LEU C 38 51.60 -23.76 -6.12
CA LEU C 38 52.98 -23.60 -6.60
C LEU C 38 54.01 -23.94 -5.54
N LYS C 39 53.79 -23.44 -4.32
CA LYS C 39 54.67 -23.76 -3.19
C LYS C 39 54.66 -25.26 -2.88
N ASP C 40 53.46 -25.84 -2.75
CA ASP C 40 53.31 -27.30 -2.53
C ASP C 40 54.10 -28.13 -3.55
N ALA C 41 54.11 -27.68 -4.81
CA ALA C 41 54.81 -28.37 -5.89
C ALA C 41 56.29 -28.03 -6.04
N LYS C 42 56.83 -27.15 -5.20
CA LYS C 42 58.21 -26.66 -5.34
C LYS C 42 58.46 -26.09 -6.74
N MET C 43 57.56 -25.20 -7.16
CA MET C 43 57.52 -24.68 -8.52
C MET C 43 57.42 -23.16 -8.50
N HIS C 44 58.08 -22.52 -9.46
CA HIS C 44 58.04 -21.07 -9.62
C HIS C 44 56.90 -20.68 -10.57
N PRO C 45 56.20 -19.55 -10.33
CA PRO C 45 55.09 -19.18 -11.22
C PRO C 45 55.45 -19.13 -12.70
N ARG C 46 56.64 -18.61 -12.99
CA ARG C 46 57.12 -18.49 -14.37
C ARG C 46 57.47 -19.81 -15.05
N GLU C 47 57.43 -20.94 -14.33
CA GLU C 47 57.46 -22.26 -14.98
C GLU C 47 56.10 -22.68 -15.56
N ILE C 48 55.02 -21.98 -15.21
CA ILE C 48 53.70 -22.27 -15.79
C ILE C 48 53.68 -21.81 -17.23
N GLN C 49 53.34 -22.74 -18.14
CA GLN C 49 53.34 -22.46 -19.57
C GLN C 49 51.95 -22.11 -20.10
N ALA C 50 50.90 -22.56 -19.41
CA ALA C 50 49.53 -22.15 -19.70
C ALA C 50 48.59 -22.39 -18.53
N VAL C 51 47.46 -21.69 -18.56
CA VAL C 51 46.42 -21.83 -17.54
C VAL C 51 45.08 -22.14 -18.19
N ALA C 52 44.31 -23.01 -17.55
CA ALA C 52 42.91 -23.25 -17.92
C ALA C 52 42.08 -22.95 -16.68
N TYR C 53 41.20 -21.96 -16.77
CA TYR C 53 40.50 -21.48 -15.58
C TYR C 53 39.02 -21.31 -15.84
N GLY C 54 38.22 -21.61 -14.81
CA GLY C 54 36.76 -21.53 -14.92
C GLY C 54 36.05 -20.56 -14.00
N TYR C 55 34.92 -20.04 -14.50
CA TYR C 55 33.98 -19.27 -13.68
C TYR C 55 32.58 -19.35 -14.26
N HIS C 56 31.58 -18.79 -13.57
CA HIS C 56 30.19 -18.93 -14.05
C HIS C 56 29.93 -18.12 -15.31
N GLY C 57 30.53 -16.93 -15.37
CA GLY C 57 30.29 -15.95 -16.42
C GLY C 57 30.53 -14.52 -15.97
N GLU C 58 30.41 -13.61 -16.92
CA GLU C 58 30.67 -12.19 -16.71
C GLU C 58 29.58 -11.43 -15.93
N GLY C 59 28.42 -12.05 -15.71
CA GLY C 59 27.31 -11.39 -15.03
C GLY C 59 27.46 -11.14 -13.54
N ILE C 60 28.41 -11.82 -12.89
CA ILE C 60 28.60 -11.68 -11.45
C ILE C 60 29.39 -10.43 -11.11
N SER C 61 30.59 -10.32 -11.68
CA SER C 61 31.51 -9.21 -11.38
C SER C 61 31.57 -8.17 -12.52
N GLU C 62 30.82 -8.40 -13.60
CA GLU C 62 30.91 -7.59 -14.84
C GLU C 62 32.34 -7.51 -15.43
N TYR C 63 33.09 -8.60 -15.29
CA TYR C 63 34.41 -8.77 -15.93
C TYR C 63 34.32 -9.95 -16.92
N GLY C 64 34.39 -9.64 -18.20
CA GLY C 64 34.41 -10.63 -19.29
C GLY C 64 35.77 -10.71 -19.96
N GLY C 65 35.96 -11.69 -20.86
CA GLY C 65 37.24 -11.91 -21.53
C GLY C 65 38.36 -11.99 -20.51
N LEU C 66 38.19 -12.88 -19.56
CA LEU C 66 38.94 -12.85 -18.30
C LEU C 66 40.37 -13.42 -18.38
N GLY C 67 40.66 -14.20 -19.42
CA GLY C 67 41.96 -14.87 -19.55
C GLY C 67 43.17 -13.98 -19.33
N PRO C 68 43.32 -12.94 -20.16
CA PRO C 68 44.44 -12.02 -20.01
C PRO C 68 44.52 -11.37 -18.62
N THR C 69 43.36 -11.04 -18.05
CA THR C 69 43.27 -10.50 -16.70
C THR C 69 43.88 -11.46 -15.66
N ILE C 70 43.62 -12.76 -15.82
CA ILE C 70 44.20 -13.80 -14.95
C ILE C 70 45.70 -14.01 -15.19
N SER C 71 46.12 -14.07 -16.44
CA SER C 71 47.56 -14.18 -16.77
C SER C 71 48.38 -13.02 -16.17
N ASP C 72 47.79 -11.82 -16.17
CA ASP C 72 48.40 -10.64 -15.53
C ASP C 72 48.37 -10.74 -13.99
N ALA C 73 47.24 -11.15 -13.42
CA ALA C 73 47.13 -11.28 -11.96
C ALA C 73 48.11 -12.30 -11.38
N LEU C 74 48.23 -13.46 -12.01
CA LEU C 74 49.18 -14.50 -11.57
C LEU C 74 50.64 -14.14 -11.85
N GLY C 75 50.88 -13.20 -12.77
CA GLY C 75 52.23 -12.79 -13.11
C GLY C 75 52.90 -13.84 -13.97
N ILE C 76 52.23 -14.22 -15.06
CA ILE C 76 52.76 -15.21 -16.01
C ILE C 76 52.79 -14.73 -17.47
N SER C 77 52.34 -13.51 -17.75
CA SER C 77 52.32 -13.00 -19.12
C SER C 77 53.70 -13.17 -19.77
N PRO C 78 53.78 -13.62 -21.03
CA PRO C 78 52.65 -13.73 -21.96
C PRO C 78 51.88 -15.05 -21.93
N ALA C 79 52.16 -15.95 -20.98
CA ALA C 79 51.52 -17.27 -20.96
C ALA C 79 50.00 -17.13 -20.95
N PRO C 80 49.31 -17.89 -21.80
CA PRO C 80 47.87 -17.70 -21.98
C PRO C 80 47.02 -18.34 -20.89
N THR C 81 45.84 -17.75 -20.67
CA THR C 81 44.79 -18.36 -19.87
C THR C 81 43.56 -18.62 -20.74
N PHE C 82 43.21 -19.89 -20.90
CA PHE C 82 42.01 -20.33 -21.60
C PHE C 82 40.88 -20.42 -20.57
N MET C 83 39.80 -19.69 -20.83
CA MET C 83 38.66 -19.66 -19.92
C MET C 83 37.62 -20.75 -20.23
N SER C 84 36.89 -21.12 -19.18
CA SER C 84 35.82 -22.09 -19.22
C SER C 84 34.59 -21.52 -18.48
N THR C 85 33.42 -21.57 -19.11
CA THR C 85 32.17 -21.05 -18.54
C THR C 85 31.09 -22.11 -18.62
N ALA C 86 30.95 -22.89 -17.55
CA ALA C 86 30.16 -24.13 -17.59
C ALA C 86 29.52 -24.50 -16.26
N ASN C 87 28.71 -23.59 -15.71
CA ASN C 87 27.95 -23.83 -14.48
C ASN C 87 28.88 -24.36 -13.34
N THR C 89 30.32 -27.13 -13.26
CA THR C 89 31.38 -27.97 -13.85
C THR C 89 32.56 -27.17 -14.45
N SER C 90 32.58 -25.84 -14.26
CA SER C 90 33.63 -25.01 -14.88
C SER C 90 35.08 -25.51 -14.60
N SER C 91 35.38 -25.84 -13.34
CA SER C 91 36.69 -26.40 -12.94
C SER C 91 36.95 -27.81 -13.46
N SER C 92 35.90 -28.62 -13.51
CA SER C 92 35.97 -29.98 -14.03
C SER C 92 36.33 -29.93 -15.51
N VAL C 93 35.68 -29.02 -16.23
CA VAL C 93 35.94 -28.79 -17.65
C VAL C 93 37.35 -28.23 -17.87
N SER C 94 37.74 -27.23 -17.07
CA SER C 94 39.07 -26.64 -17.22
C SER C 94 40.18 -27.67 -16.92
N PHE C 95 39.92 -28.58 -15.98
CA PHE C 95 40.84 -29.71 -15.73
C PHE C 95 41.02 -30.54 -16.99
N GLN C 96 39.90 -30.85 -17.65
CA GLN C 96 39.95 -31.63 -18.90
C GLN C 96 40.67 -30.89 -20.05
N MET C 97 40.50 -29.56 -20.09
CA MET C 97 41.22 -28.71 -21.06
C MET C 97 42.72 -28.73 -20.80
N GLY C 98 43.13 -28.65 -19.55
CA GLY C 98 44.55 -28.71 -19.19
C GLY C 98 45.14 -30.06 -19.52
N HIS C 99 44.38 -31.11 -19.24
CA HIS C 99 44.80 -32.46 -19.61
C HIS C 99 45.08 -32.55 -21.10
N GLN C 100 44.19 -31.98 -21.91
CA GLN C 100 44.42 -31.94 -23.37
C GLN C 100 45.67 -31.11 -23.74
N MET C 101 45.85 -29.96 -23.10
CA MET C 101 47.02 -29.10 -23.36
C MET C 101 48.35 -29.80 -23.12
N VAL C 102 48.42 -30.57 -22.04
CA VAL C 102 49.65 -31.31 -21.73
C VAL C 102 49.81 -32.54 -22.62
N ALA C 103 48.74 -33.33 -22.73
CA ALA C 103 48.74 -34.54 -23.55
C ALA C 103 49.07 -34.30 -25.02
N SER C 104 48.71 -33.11 -25.52
CA SER C 104 49.00 -32.70 -26.90
C SER C 104 50.47 -32.47 -27.17
N GLY C 105 51.24 -32.16 -26.12
CA GLY C 105 52.63 -31.78 -26.28
C GLY C 105 52.84 -30.29 -26.46
N GLU C 106 51.76 -29.51 -26.54
CA GLU C 106 51.90 -28.08 -26.79
C GLU C 106 52.38 -27.33 -25.54
N TYR C 107 51.93 -27.78 -24.36
CA TYR C 107 52.41 -27.22 -23.09
C TYR C 107 52.80 -28.38 -22.14
N ASP C 108 53.88 -28.23 -21.37
CA ASP C 108 54.36 -29.29 -20.46
C ASP C 108 53.87 -29.17 -19.01
N ILE C 109 53.65 -27.92 -18.59
CA ILE C 109 53.20 -27.58 -17.26
C ILE C 109 52.03 -26.61 -17.38
N VAL C 110 50.87 -27.03 -16.85
CA VAL C 110 49.64 -26.27 -16.98
C VAL C 110 48.92 -26.18 -15.63
N LEU C 111 48.46 -24.98 -15.29
CA LEU C 111 47.67 -24.78 -14.07
C LEU C 111 46.16 -24.80 -14.42
N CYS C 112 45.41 -25.72 -13.80
CA CYS C 112 43.97 -25.88 -14.04
C CYS C 112 43.22 -25.41 -12.84
N GLY C 113 42.10 -24.73 -13.02
CA GLY C 113 41.35 -24.33 -11.85
C GLY C 113 40.07 -23.57 -12.09
N GLY C 114 39.63 -22.91 -11.03
CA GLY C 114 38.40 -22.12 -11.12
C GLY C 114 38.09 -21.35 -9.87
N PHE C 115 37.14 -20.44 -10.00
CA PHE C 115 36.76 -19.60 -8.86
C PHE C 115 35.30 -19.21 -8.90
N GLU C 116 34.80 -18.68 -7.78
CA GLU C 116 33.52 -17.96 -7.81
C GLU C 116 33.43 -16.92 -6.72
N LYS C 117 33.10 -15.69 -7.11
CA LYS C 117 33.01 -14.55 -6.20
C LYS C 117 31.56 -14.04 -6.14
N MET C 118 30.65 -14.92 -5.71
CA MET C 118 29.21 -14.60 -5.67
C MET C 118 28.85 -13.25 -5.05
N THR C 119 29.60 -12.81 -4.03
CA THR C 119 29.27 -11.54 -3.31
C THR C 119 29.50 -10.26 -4.13
N ASP C 120 30.20 -10.36 -5.27
CA ASP C 120 30.27 -9.22 -6.20
C ASP C 120 28.91 -8.86 -6.79
N HIS C 121 28.01 -9.85 -6.88
CA HIS C 121 26.62 -9.64 -7.27
C HIS C 121 25.80 -9.43 -5.99
N PHE C 122 24.84 -8.53 -6.07
CA PHE C 122 23.96 -8.20 -4.94
C PHE C 122 23.20 -9.43 -4.44
N ASN C 123 22.69 -10.22 -5.40
CA ASN C 123 21.90 -11.43 -5.14
C ASN C 123 22.14 -12.51 -6.22
N TYR C 124 23.33 -13.09 -6.18
CA TYR C 124 23.77 -14.22 -7.04
C TYR C 124 22.73 -15.32 -7.29
N ALA C 125 21.94 -15.65 -6.27
CA ALA C 125 20.91 -16.69 -6.36
C ALA C 125 19.97 -16.52 -7.55
N GLU C 126 19.55 -15.29 -7.84
CA GLU C 126 18.69 -15.07 -9.00
C GLU C 126 19.42 -14.91 -10.35
N TYR C 127 20.73 -14.62 -10.31
CA TYR C 127 21.56 -14.60 -11.53
C TYR C 127 21.84 -16.00 -12.12
N ILE C 128 22.08 -16.99 -11.26
CA ILE C 128 22.43 -18.38 -11.66
C ILE C 128 21.63 -18.94 -12.84
N GLY C 129 20.31 -18.73 -12.80
CA GLY C 129 19.42 -19.21 -13.85
C GLY C 129 19.75 -18.79 -15.28
N SER C 130 20.57 -17.76 -15.45
CA SER C 130 21.04 -17.35 -16.78
C SER C 130 21.83 -18.45 -17.53
N SER C 131 22.35 -19.46 -16.83
CA SER C 131 22.95 -20.64 -17.50
C SER C 131 21.96 -21.82 -17.53
N THR C 132 20.94 -21.68 -18.37
CA THR C 132 19.88 -22.69 -18.59
C THR C 132 19.34 -22.48 -20.02
N GLU C 133 18.13 -22.97 -20.34
CA GLU C 133 17.48 -22.71 -21.63
C GLU C 133 16.61 -21.45 -21.44
N CYS C 134 17.29 -20.32 -21.34
CA CYS C 134 16.78 -19.13 -20.67
C CYS C 134 15.40 -18.65 -21.06
N GLU C 135 15.09 -18.66 -22.36
CA GLU C 135 13.79 -18.18 -22.83
C GLU C 135 12.60 -19.00 -22.32
N TYR C 136 12.86 -20.26 -21.97
CA TYR C 136 11.82 -21.20 -21.51
C TYR C 136 11.96 -21.66 -20.04
N ASP C 137 12.87 -21.05 -19.26
CA ASP C 137 12.98 -21.35 -17.82
C ASP C 137 13.37 -20.13 -16.95
N TYR C 138 14.54 -19.54 -17.18
CA TYR C 138 15.02 -18.36 -16.46
C TYR C 138 14.02 -17.21 -16.52
N PHE C 139 13.63 -16.84 -17.74
CA PHE C 139 12.67 -15.74 -17.95
C PHE C 139 11.23 -16.07 -17.55
N LEU C 140 10.95 -17.32 -17.18
CA LEU C 140 9.69 -17.72 -16.56
C LEU C 140 9.80 -17.97 -15.04
N GLY C 141 10.94 -17.62 -14.45
CA GLY C 141 11.16 -17.73 -13.00
C GLY C 141 11.39 -19.15 -12.50
N ILE C 142 12.03 -19.97 -13.33
CA ILE C 142 12.33 -21.36 -12.98
C ILE C 142 13.83 -21.48 -12.76
N SER C 143 14.20 -22.01 -11.60
CA SER C 143 15.58 -22.05 -11.15
C SER C 143 16.17 -23.45 -11.21
N HIS C 144 17.49 -23.55 -11.08
CA HIS C 144 18.16 -24.85 -10.93
C HIS C 144 17.74 -25.56 -9.65
N THR C 145 17.59 -24.80 -8.56
CA THR C 145 17.12 -25.35 -7.28
C THR C 145 15.74 -26.00 -7.39
N ASP C 146 14.86 -25.43 -8.22
CA ASP C 146 13.56 -26.06 -8.53
C ASP C 146 13.79 -27.43 -9.17
N ALA C 147 14.72 -27.50 -10.11
CA ALA C 147 15.07 -28.78 -10.77
C ALA C 147 15.53 -29.84 -9.78
N PHE C 148 16.37 -29.46 -8.82
CA PHE C 148 16.84 -30.43 -7.80
C PHE C 148 15.73 -30.86 -6.83
N ALA C 149 14.89 -29.92 -6.42
CA ALA C 149 13.71 -30.27 -5.60
C ALA C 149 12.80 -31.29 -6.31
N LEU C 150 12.55 -31.05 -7.59
CA LEU C 150 11.71 -31.93 -8.42
C LEU C 150 12.35 -33.30 -8.63
N ALA C 151 13.66 -33.30 -8.90
CA ALA C 151 14.42 -34.54 -9.08
C ALA C 151 14.34 -35.43 -7.84
N THR C 152 14.53 -34.80 -6.68
CA THR C 152 14.42 -35.48 -5.40
C THR C 152 13.02 -36.07 -5.18
N ALA C 153 11.99 -35.26 -5.46
CA ALA C 153 10.60 -35.72 -5.34
C ALA C 153 10.29 -36.91 -6.27
N GLU C 154 10.81 -36.86 -7.50
CA GLU C 154 10.61 -37.96 -8.45
C GLU C 154 11.28 -39.23 -7.95
N TYR C 155 12.53 -39.09 -7.50
CA TYR C 155 13.29 -40.24 -6.99
C TYR C 155 12.51 -40.95 -5.88
N PHE C 156 12.12 -40.19 -4.85
CA PHE C 156 11.44 -40.79 -3.71
C PHE C 156 10.06 -41.35 -4.04
N GLN C 157 9.28 -40.63 -4.85
CA GLN C 157 7.94 -41.10 -5.22
C GLN C 157 7.97 -42.37 -6.07
N LYS C 158 8.96 -42.51 -6.95
CA LYS C 158 8.99 -43.63 -7.88
C LYS C 158 9.81 -44.85 -7.42
N PHE C 159 10.75 -44.68 -6.49
CA PHE C 159 11.49 -45.86 -5.95
C PHE C 159 11.06 -46.31 -4.55
N GLY C 160 9.85 -45.90 -4.14
CA GLY C 160 9.20 -46.44 -2.96
C GLY C 160 9.80 -46.02 -1.65
N TYR C 161 10.19 -44.75 -1.55
CA TYR C 161 10.81 -44.26 -0.33
C TYR C 161 9.82 -43.48 0.56
N ALA C 162 8.53 -43.48 0.21
CA ALA C 162 7.51 -42.81 1.00
C ALA C 162 7.59 -43.22 2.48
N GLY C 163 7.61 -42.23 3.38
CA GLY C 163 7.81 -42.45 4.81
C GLY C 163 9.25 -42.44 5.31
N ARG C 164 10.23 -42.48 4.41
CA ARG C 164 11.66 -42.47 4.77
C ARG C 164 12.48 -41.37 4.07
N GLU C 165 11.81 -40.40 3.44
CA GLU C 165 12.50 -39.34 2.68
C GLU C 165 13.40 -38.54 3.62
N ALA C 166 12.81 -38.10 4.73
CA ALA C 166 13.52 -37.36 5.78
C ALA C 166 14.69 -38.16 6.33
N ASP C 167 14.48 -39.45 6.60
CA ASP C 167 15.56 -40.33 7.09
C ASP C 167 16.73 -40.43 6.12
N VAL C 168 16.45 -40.57 4.83
CA VAL C 168 17.50 -40.66 3.80
C VAL C 168 18.30 -39.35 3.71
N LEU C 169 17.60 -38.23 3.55
CA LEU C 169 18.29 -36.94 3.41
C LEU C 169 19.08 -36.54 4.67
N ALA C 170 18.50 -36.81 5.83
CA ALA C 170 19.18 -36.52 7.10
C ALA C 170 20.38 -37.43 7.33
N THR C 171 20.28 -38.72 7.00
CA THR C 171 21.43 -39.63 7.13
C THR C 171 22.57 -39.17 6.23
N PHE C 172 22.23 -38.77 5.00
CA PHE C 172 23.22 -38.23 4.06
C PHE C 172 23.92 -36.97 4.62
N GLY C 173 23.11 -35.99 5.03
CA GLY C 173 23.63 -34.73 5.56
C GLY C 173 24.45 -34.87 6.82
N ARG C 174 24.07 -35.87 7.63
CA ARG C 174 24.79 -36.18 8.87
C ARG C 174 26.14 -36.79 8.55
N GLN C 175 26.21 -37.71 7.57
CA GLN C 175 27.50 -38.27 7.17
C GLN C 175 28.43 -37.19 6.60
N MET C 176 27.87 -36.27 5.82
CA MET C 176 28.66 -35.12 5.34
C MET C 176 29.20 -34.28 6.51
N ARG C 177 28.36 -34.01 7.51
CA ARG C 177 28.82 -33.26 8.69
C ARG C 177 29.91 -34.01 9.49
N ILE C 178 29.79 -35.33 9.58
CA ILE C 178 30.81 -36.21 10.22
C ILE C 178 32.15 -36.14 9.50
N TYR C 179 32.11 -36.21 8.17
CA TYR C 179 33.33 -36.05 7.37
C TYR C 179 33.95 -34.65 7.48
N ALA C 180 33.10 -33.61 7.55
CA ALA C 180 33.59 -32.23 7.63
C ALA C 180 34.21 -31.90 9.00
N GLN C 181 33.65 -32.45 10.08
CA GLN C 181 34.11 -32.13 11.45
C GLN C 181 35.63 -32.15 11.65
N ASN C 182 36.32 -33.14 11.07
CA ASN C 182 37.76 -33.31 11.25
C ASN C 182 38.59 -32.93 10.01
N THR C 183 38.01 -32.14 9.09
CA THR C 183 38.69 -31.70 7.86
C THR C 183 38.95 -30.18 7.95
N PRO C 184 40.20 -29.75 8.25
CA PRO C 184 40.48 -28.31 8.49
C PRO C 184 40.07 -27.33 7.37
N THR C 185 40.12 -27.74 6.11
CA THR C 185 39.69 -26.86 5.00
C THR C 185 38.17 -26.78 4.82
N ALA C 186 37.39 -27.52 5.63
CA ALA C 186 35.93 -27.53 5.54
C ALA C 186 35.26 -26.40 6.33
N THR C 187 34.18 -25.85 5.77
CA THR C 187 33.39 -24.82 6.46
C THR C 187 32.81 -25.32 7.78
N ARG C 188 32.42 -26.59 7.85
CA ARG C 188 31.91 -27.15 9.10
C ARG C 188 32.97 -27.84 9.98
N TYR C 189 34.25 -27.54 9.73
CA TYR C 189 35.34 -28.00 10.58
C TYR C 189 35.04 -27.64 12.03
N GLY C 190 35.10 -28.64 12.90
CA GLY C 190 34.94 -28.45 14.33
C GLY C 190 33.53 -28.22 14.85
N GLN C 191 32.51 -28.26 13.99
CA GLN C 191 31.13 -28.09 14.47
C GLN C 191 30.65 -29.39 15.12
N PRO C 192 29.85 -29.28 16.20
CA PRO C 192 29.31 -30.50 16.80
C PRO C 192 28.30 -31.17 15.85
N ILE C 193 28.22 -32.50 15.92
CA ILE C 193 27.37 -33.28 15.02
C ILE C 193 25.95 -33.27 15.58
N PRO C 194 24.99 -32.65 14.85
CA PRO C 194 23.62 -32.71 15.36
C PRO C 194 23.02 -34.11 15.23
N SER C 195 22.04 -34.41 16.07
CA SER C 195 21.33 -35.69 16.02
C SER C 195 20.52 -35.82 14.73
N LEU C 196 20.25 -37.06 14.36
CA LEU C 196 19.45 -37.37 13.18
C LEU C 196 18.08 -36.67 13.26
N GLU C 197 17.46 -36.69 14.44
CA GLU C 197 16.15 -36.04 14.67
C GLU C 197 16.20 -34.51 14.51
N VAL C 198 17.25 -33.87 15.01
CA VAL C 198 17.43 -32.42 14.81
C VAL C 198 17.53 -32.10 13.32
N LEU C 199 18.30 -32.89 12.58
CA LEU C 199 18.45 -32.68 11.14
C LEU C 199 17.14 -32.86 10.38
N LYS C 200 16.38 -33.92 10.67
CA LYS C 200 15.07 -34.13 10.03
C LYS C 200 14.13 -32.93 10.16
N ASN C 201 14.12 -32.31 11.35
CA ASN C 201 13.29 -31.11 11.59
C ASN C 201 13.90 -29.78 11.13
N SER C 202 15.06 -29.81 10.48
CA SER C 202 15.70 -28.60 9.95
C SER C 202 15.50 -28.47 8.44
N GLU C 203 15.98 -27.35 7.89
CA GLU C 203 15.85 -27.01 6.47
C GLU C 203 16.38 -28.12 5.54
N ALA C 204 15.51 -28.53 4.61
CA ALA C 204 15.79 -29.61 3.65
C ALA C 204 16.20 -30.93 4.33
N CYS C 205 15.65 -31.18 5.52
CA CYS C 205 16.01 -32.36 6.32
C CYS C 205 17.54 -32.53 6.47
N GLY C 206 18.26 -31.41 6.53
CA GLY C 206 19.72 -31.41 6.67
C GLY C 206 20.56 -31.56 5.42
N SER C 207 19.93 -31.56 4.24
CA SER C 207 20.63 -31.81 2.97
C SER C 207 20.83 -30.55 2.09
N MET C 208 20.72 -29.37 2.72
CA MET C 208 21.00 -28.10 2.02
C MET C 208 22.50 -27.82 2.09
N LEU C 209 23.06 -27.37 0.97
CA LEU C 209 24.49 -27.13 0.89
C LEU C 209 24.90 -25.81 1.55
N ALA C 210 26.18 -25.67 1.85
CA ALA C 210 26.75 -24.42 2.38
C ALA C 210 27.43 -23.70 1.22
N TRP C 211 27.02 -22.47 0.95
CA TRP C 211 27.41 -21.79 -0.29
C TRP C 211 28.20 -20.54 0.03
N GLY C 212 29.41 -20.45 -0.53
CA GLY C 212 30.32 -19.33 -0.27
C GLY C 212 31.20 -18.94 -1.44
N GLU C 213 32.46 -18.62 -1.14
CA GLU C 213 33.43 -18.17 -2.14
C GLU C 213 34.74 -18.93 -2.01
N ALA C 214 35.33 -19.23 -3.16
CA ALA C 214 36.62 -19.89 -3.20
C ALA C 214 37.24 -19.82 -4.57
N SER C 215 38.56 -19.92 -4.58
CA SER C 215 39.32 -20.24 -5.78
C SER C 215 40.10 -21.49 -5.50
N GLY C 216 40.42 -22.23 -6.56
CA GLY C 216 41.23 -23.43 -6.43
C GLY C 216 41.94 -23.80 -7.70
N CYS C 217 42.98 -24.61 -7.55
CA CYS C 217 43.71 -25.12 -8.70
C CYS C 217 44.52 -26.39 -8.44
N ALA C 218 44.77 -27.10 -9.54
CA ALA C 218 45.66 -28.24 -9.58
C ALA C 218 46.71 -27.97 -10.65
N ILE C 219 47.92 -28.48 -10.44
CA ILE C 219 49.01 -28.29 -11.39
C ILE C 219 49.30 -29.61 -12.10
N LEU C 220 49.11 -29.59 -13.42
CA LEU C 220 49.31 -30.74 -14.27
C LEU C 220 50.64 -30.67 -15.00
N VAL C 221 51.30 -31.81 -15.05
CA VAL C 221 52.64 -31.92 -15.62
C VAL C 221 52.73 -33.22 -16.43
N ALA C 222 53.49 -33.20 -17.53
CA ALA C 222 53.76 -34.43 -18.28
C ALA C 222 54.46 -35.47 -17.41
N GLU C 223 54.07 -36.74 -17.50
CA GLU C 223 54.58 -37.81 -16.60
C GLU C 223 56.09 -37.74 -16.36
N HIS C 224 56.86 -37.67 -17.44
CA HIS C 224 58.33 -37.67 -17.37
C HIS C 224 58.94 -36.51 -16.53
N LEU C 225 58.19 -35.41 -16.33
CA LEU C 225 58.60 -34.30 -15.45
C LEU C 225 58.09 -34.35 -14.00
N ALA C 226 57.11 -35.21 -13.69
CA ALA C 226 56.42 -35.14 -12.40
C ALA C 226 57.31 -35.34 -11.15
N HIS C 227 58.30 -36.21 -11.26
CA HIS C 227 59.25 -36.43 -10.14
C HIS C 227 60.11 -35.23 -9.74
N LYS C 228 60.28 -34.26 -10.64
CA LYS C 228 60.93 -32.97 -10.29
C LYS C 228 60.16 -32.17 -9.24
N TYR C 229 58.84 -32.38 -9.17
CA TYR C 229 57.94 -31.57 -8.35
C TYR C 229 57.26 -32.32 -7.22
N THR C 230 57.13 -33.65 -7.32
CA THR C 230 56.57 -34.42 -6.20
C THR C 230 57.08 -35.85 -6.12
N ASP C 231 57.15 -36.35 -4.88
CA ASP C 231 57.46 -37.74 -4.59
C ASP C 231 56.28 -38.65 -4.89
N LYS C 232 55.05 -38.14 -4.73
CA LYS C 232 53.82 -38.95 -4.86
C LYS C 232 52.87 -38.38 -5.92
N PRO C 233 53.15 -38.67 -7.21
CA PRO C 233 52.27 -38.14 -8.28
C PRO C 233 50.96 -38.90 -8.40
N VAL C 234 49.88 -38.18 -8.73
CA VAL C 234 48.57 -38.77 -8.95
C VAL C 234 48.25 -38.66 -10.44
N PHE C 235 48.00 -39.80 -11.09
CA PHE C 235 47.82 -39.85 -12.54
C PHE C 235 46.37 -39.72 -12.99
N VAL C 236 46.15 -39.02 -14.10
CA VAL C 236 44.82 -38.92 -14.70
C VAL C 236 44.63 -40.12 -15.62
N ARG C 237 43.75 -41.05 -15.23
CA ARG C 237 43.48 -42.25 -16.01
C ARG C 237 42.59 -41.97 -17.21
N GLY C 238 41.56 -41.15 -17.01
CA GLY C 238 40.62 -40.84 -18.06
C GLY C 238 39.52 -39.92 -17.61
N CYS C 239 38.97 -39.19 -18.57
CA CYS C 239 37.94 -38.20 -18.33
C CYS C 239 36.87 -38.29 -19.39
N ALA C 240 35.67 -37.87 -19.02
CA ALA C 240 34.63 -37.61 -20.00
C ALA C 240 33.85 -36.37 -19.58
N TYR C 241 33.47 -35.59 -20.58
CA TYR C 241 32.60 -34.44 -20.44
C TYR C 241 31.48 -34.61 -21.46
N THR C 242 30.23 -34.50 -21.02
CA THR C 242 29.07 -34.69 -21.91
C THR C 242 28.05 -33.57 -21.75
N GLY C 243 27.33 -33.31 -22.83
CA GLY C 243 26.42 -32.18 -22.95
C GLY C 243 25.07 -32.55 -23.57
N VAL C 244 23.99 -32.23 -22.84
CA VAL C 244 22.61 -32.30 -23.37
C VAL C 244 21.91 -30.98 -23.12
N SER C 245 20.73 -30.79 -23.71
CA SER C 245 19.93 -29.55 -23.50
C SER C 245 19.82 -29.18 -22.03
N HIS C 246 19.87 -27.90 -21.72
CA HIS C 246 19.59 -27.42 -20.36
C HIS C 246 18.12 -27.60 -19.93
N TYR C 247 17.20 -27.69 -20.90
CA TYR C 247 15.77 -27.67 -20.62
C TYR C 247 15.33 -28.94 -19.89
N PHE C 248 14.74 -28.76 -18.70
CA PHE C 248 14.45 -29.87 -17.79
C PHE C 248 13.51 -30.92 -18.39
N GLY C 249 12.57 -30.46 -19.20
CA GLY C 249 11.66 -31.34 -19.94
C GLY C 249 12.37 -32.38 -20.78
N THR C 250 13.50 -32.02 -21.39
CA THR C 250 14.25 -32.96 -22.22
C THR C 250 14.80 -34.14 -21.43
N ARG C 251 14.95 -34.04 -20.10
CA ARG C 251 15.36 -35.20 -19.29
C ARG C 251 14.46 -36.41 -19.51
N PHE C 252 13.17 -36.16 -19.74
CA PHE C 252 12.17 -37.23 -19.93
C PHE C 252 12.10 -37.77 -21.36
N HIS C 253 12.47 -36.94 -22.34
CA HIS C 253 12.36 -37.28 -23.75
C HIS C 253 13.43 -36.51 -24.52
N ASN C 254 14.57 -37.16 -24.79
CA ASN C 254 15.69 -36.52 -25.50
C ASN C 254 16.27 -37.43 -26.60
N PRO C 255 15.56 -37.53 -27.75
CA PRO C 255 16.07 -38.29 -28.90
C PRO C 255 17.43 -37.82 -29.45
N THR C 256 17.80 -36.57 -29.14
CA THR C 256 19.10 -36.01 -29.46
C THR C 256 20.26 -36.73 -28.75
N LEU C 257 19.99 -37.33 -27.59
CA LEU C 257 21.03 -38.04 -26.82
C LEU C 257 21.27 -39.44 -27.37
N HIS C 258 22.36 -39.62 -28.11
CA HIS C 258 22.69 -40.89 -28.75
C HIS C 258 23.71 -41.62 -27.89
N HIS C 259 23.20 -42.54 -27.06
CA HIS C 259 24.03 -43.41 -26.26
C HIS C 259 23.32 -44.76 -26.02
N PRO C 260 24.00 -45.87 -26.30
CA PRO C 260 23.35 -47.17 -26.21
C PRO C 260 22.95 -47.61 -24.80
N GLY C 261 21.88 -48.39 -24.72
CA GLY C 261 21.49 -49.12 -23.52
C GLY C 261 21.02 -48.32 -22.34
N LEU C 262 20.50 -47.13 -22.60
CA LEU C 262 19.98 -46.28 -21.51
C LEU C 262 18.70 -46.91 -20.97
N PRO C 263 18.30 -46.56 -19.74
CA PRO C 263 17.07 -47.14 -19.23
C PRO C 263 15.86 -46.66 -20.02
N LYS C 264 14.79 -47.44 -19.97
CA LYS C 264 13.53 -47.04 -20.61
C LYS C 264 12.95 -45.79 -19.95
N ASP C 265 13.07 -45.72 -18.63
CA ASP C 265 12.40 -44.71 -17.79
C ASP C 265 13.29 -43.52 -17.36
N VAL C 266 14.00 -42.95 -18.33
CA VAL C 266 14.88 -41.82 -18.05
C VAL C 266 14.07 -40.60 -17.65
N GLY C 267 14.69 -39.72 -16.88
CA GLY C 267 14.00 -38.54 -16.38
C GLY C 267 14.91 -37.74 -15.48
N MET C 268 14.34 -37.17 -14.43
CA MET C 268 15.17 -36.44 -13.47
C MET C 268 15.80 -37.38 -12.45
N ALA C 269 15.03 -38.34 -11.95
CA ALA C 269 15.56 -39.35 -11.03
C ALA C 269 16.56 -40.32 -11.68
N VAL C 270 16.51 -40.43 -13.00
CA VAL C 270 17.44 -41.25 -13.77
C VAL C 270 18.10 -40.37 -14.83
N SER C 271 19.30 -39.85 -14.51
CA SER C 271 20.03 -38.93 -15.39
C SER C 271 20.76 -39.67 -16.51
N ALA C 272 20.15 -39.68 -17.69
CA ALA C 272 20.72 -40.32 -18.87
C ALA C 272 22.09 -39.73 -19.24
N ASN C 273 22.19 -38.40 -19.23
CA ASN C 273 23.45 -37.73 -19.55
C ASN C 273 24.57 -38.19 -18.59
N SER C 274 24.24 -38.27 -17.30
CA SER C 274 25.21 -38.74 -16.29
C SER C 274 25.63 -40.20 -16.46
N ILE C 275 24.68 -41.06 -16.84
CA ILE C 275 24.97 -42.48 -17.10
C ILE C 275 25.95 -42.59 -18.27
N ALA C 276 25.59 -41.92 -19.38
CA ALA C 276 26.45 -41.87 -20.57
C ALA C 276 27.86 -41.41 -20.25
N CYS C 277 27.94 -40.31 -19.50
CA CYS C 277 29.22 -39.72 -19.09
C CYS C 277 30.09 -40.73 -18.35
N ALA C 278 29.51 -41.39 -17.34
CA ALA C 278 30.25 -42.38 -16.56
C ALA C 278 30.75 -43.55 -17.40
N GLU C 279 29.89 -44.08 -18.26
CA GLU C 279 30.29 -45.21 -19.14
C GLU C 279 31.45 -44.85 -20.09
N ILE C 280 31.36 -43.67 -20.72
CA ILE C 280 32.43 -43.16 -21.60
C ILE C 280 33.74 -42.99 -20.80
N ALA C 281 33.66 -42.31 -19.67
CA ALA C 281 34.83 -42.07 -18.81
C ALA C 281 35.55 -43.35 -18.36
N TYR C 282 34.76 -44.32 -17.91
CA TYR C 282 35.32 -45.59 -17.46
C TYR C 282 35.98 -46.38 -18.58
N LYS C 283 35.38 -46.32 -19.78
CA LYS C 283 35.98 -46.95 -20.97
C LYS C 283 37.33 -46.30 -21.28
N LYS C 284 37.39 -44.97 -21.28
CA LYS C 284 38.66 -44.27 -21.48
C LYS C 284 39.71 -44.57 -20.41
N ALA C 285 39.27 -44.68 -19.16
CA ALA C 285 40.16 -44.94 -18.03
C ALA C 285 40.61 -46.39 -17.89
N GLY C 286 39.92 -47.31 -18.56
CA GLY C 286 40.18 -48.73 -18.42
C GLY C 286 39.79 -49.26 -17.06
N ILE C 287 38.63 -48.82 -16.53
CA ILE C 287 38.10 -49.33 -15.25
C ILE C 287 36.61 -49.65 -15.36
N THR C 288 36.08 -50.32 -14.33
CA THR C 288 34.62 -50.40 -14.11
C THR C 288 34.31 -49.86 -12.71
N ALA C 289 33.03 -49.68 -12.42
CA ALA C 289 32.60 -49.19 -11.09
C ALA C 289 33.17 -50.03 -9.92
N LYS C 290 33.20 -51.36 -10.09
CA LYS C 290 33.87 -52.28 -9.12
C LYS C 290 35.22 -51.74 -8.63
N ASP C 291 36.01 -51.15 -9.53
CA ASP C 291 37.37 -50.69 -9.22
C ASP C 291 37.45 -49.43 -8.34
N ILE C 292 36.36 -48.68 -8.19
CA ILE C 292 36.39 -47.39 -7.51
C ILE C 292 36.51 -47.56 -6.00
N ASP C 293 37.56 -46.99 -5.41
CA ASP C 293 37.78 -47.07 -3.95
C ASP C 293 37.21 -45.88 -3.17
N VAL C 294 37.06 -44.73 -3.84
CA VAL C 294 36.57 -43.53 -3.18
C VAL C 294 36.05 -42.53 -4.21
N ALA C 295 35.02 -41.77 -3.85
CA ALA C 295 34.40 -40.87 -4.83
C ALA C 295 33.94 -39.54 -4.27
N GLN C 296 33.68 -38.63 -5.23
CA GLN C 296 33.10 -37.32 -4.97
C GLN C 296 31.90 -37.12 -5.88
N VAL C 297 30.82 -36.56 -5.32
CA VAL C 297 29.63 -36.16 -6.09
C VAL C 297 29.11 -34.80 -5.64
N TYR C 298 28.39 -34.14 -6.55
CA TYR C 298 27.72 -32.88 -6.26
C TYR C 298 26.51 -33.17 -5.36
N ASP C 299 26.63 -32.89 -4.07
CA ASP C 299 25.55 -33.14 -3.11
C ASP C 299 24.67 -31.90 -2.91
N LEU C 300 23.37 -32.17 -2.82
CA LEU C 300 22.30 -31.18 -2.67
C LEU C 300 21.00 -31.98 -2.69
N LEU C 301 20.24 -31.94 -1.61
CA LEU C 301 19.00 -32.69 -1.53
C LEU C 301 19.25 -34.17 -1.87
N GLY C 302 18.53 -34.76 -2.84
CA GLY C 302 18.75 -36.15 -3.25
C GLY C 302 19.63 -36.35 -4.47
N ALA C 303 20.32 -35.30 -4.92
CA ALA C 303 21.16 -35.38 -6.12
C ALA C 303 22.32 -36.38 -5.98
N GLY C 304 22.86 -36.47 -4.76
CA GLY C 304 23.88 -37.46 -4.42
C GLY C 304 23.45 -38.89 -4.69
N LEU C 305 22.18 -39.18 -4.42
CA LEU C 305 21.61 -40.51 -4.68
C LEU C 305 21.55 -40.80 -6.19
N ILE C 306 21.02 -39.82 -6.93
CA ILE C 306 20.86 -39.96 -8.38
C ILE C 306 22.22 -40.17 -9.05
N GLN C 307 23.23 -39.44 -8.58
CA GLN C 307 24.57 -39.58 -9.10
C GLN C 307 25.27 -40.87 -8.66
N MET C 308 25.01 -41.33 -7.43
CA MET C 308 25.51 -42.64 -7.00
C MET C 308 25.03 -43.75 -7.92
N GLU C 309 23.77 -43.65 -8.35
CA GLU C 309 23.23 -44.61 -9.29
C GLU C 309 23.77 -44.44 -10.72
N SER C 310 23.78 -43.21 -11.24
CA SER C 310 24.31 -42.91 -12.60
C SER C 310 25.75 -43.37 -12.79
N MET C 311 26.53 -43.12 -11.75
CA MET C 311 27.96 -43.47 -11.66
C MET C 311 28.23 -44.98 -11.58
N GLY C 312 27.20 -45.77 -11.26
CA GLY C 312 27.33 -47.24 -11.20
C GLY C 312 27.68 -47.81 -9.83
N ILE C 313 27.58 -47.02 -8.77
CA ILE C 313 27.93 -47.48 -7.41
C ILE C 313 26.86 -48.41 -6.83
N CYS C 314 25.59 -48.13 -7.11
CA CYS C 314 24.50 -49.03 -6.76
C CYS C 314 23.43 -48.98 -7.82
N GLY C 315 22.52 -49.94 -7.75
CA GLY C 315 21.48 -50.13 -8.77
C GLY C 315 20.40 -49.08 -8.70
N LYS C 316 19.60 -49.03 -9.77
CA LYS C 316 18.51 -48.07 -9.89
C LYS C 316 17.58 -48.17 -8.67
N GLY C 317 17.26 -47.02 -8.08
CA GLY C 317 16.47 -46.94 -6.85
C GLY C 317 17.07 -47.43 -5.53
N GLN C 318 18.32 -47.88 -5.52
CA GLN C 318 18.90 -48.49 -4.31
C GLN C 318 19.82 -47.58 -3.48
N ALA C 319 20.12 -46.37 -3.98
CA ALA C 319 21.06 -45.48 -3.28
C ALA C 319 20.56 -44.98 -1.93
N GLY C 320 19.26 -44.73 -1.80
CA GLY C 320 18.67 -44.39 -0.50
C GLY C 320 18.92 -45.43 0.58
N ASP C 321 18.64 -46.70 0.25
CA ASP C 321 18.90 -47.83 1.16
C ASP C 321 20.40 -48.05 1.40
N PHE C 322 21.20 -47.85 0.36
CA PHE C 322 22.67 -47.91 0.49
C PHE C 322 23.17 -46.92 1.55
N VAL C 323 22.65 -45.69 1.50
CA VAL C 323 23.00 -44.66 2.48
C VAL C 323 22.50 -45.04 3.87
N LEU C 324 21.23 -45.41 3.98
CA LEU C 324 20.67 -45.85 5.27
C LEU C 324 21.44 -47.01 5.93
N GLU C 325 21.94 -47.94 5.12
CA GLU C 325 22.73 -49.07 5.62
C GLU C 325 24.22 -48.75 5.92
N GLY C 326 24.61 -47.48 5.82
CA GLY C 326 25.97 -47.06 6.19
C GLY C 326 27.00 -47.15 5.08
N GLY C 327 26.54 -47.33 3.84
CA GLY C 327 27.42 -47.59 2.69
C GLY C 327 28.41 -46.50 2.29
N ILE C 328 28.11 -45.25 2.65
CA ILE C 328 29.01 -44.12 2.33
C ILE C 328 29.85 -43.65 3.53
N ALA C 329 29.68 -44.27 4.70
CA ALA C 329 30.56 -44.01 5.85
C ALA C 329 31.97 -44.53 5.58
N LEU C 330 32.95 -44.12 6.38
CA LEU C 330 34.34 -44.48 6.13
C LEU C 330 34.61 -45.99 6.14
N ASP C 331 33.87 -46.73 6.97
CA ASP C 331 33.92 -48.21 7.00
C ASP C 331 32.90 -48.89 6.05
N GLY C 332 32.26 -48.11 5.18
CA GLY C 332 31.21 -48.62 4.30
C GLY C 332 31.78 -49.13 3.00
N GLN C 333 30.90 -49.66 2.16
CA GLN C 333 31.30 -50.29 0.91
C GLN C 333 31.92 -49.28 -0.09
N LEU C 334 31.46 -48.02 -0.06
CA LEU C 334 32.03 -46.98 -0.95
C LEU C 334 32.04 -45.60 -0.27
N PRO C 335 33.17 -45.23 0.36
CA PRO C 335 33.27 -43.90 0.97
C PRO C 335 33.19 -42.75 -0.04
N LEU C 336 32.38 -41.76 0.32
CA LEU C 336 31.89 -40.77 -0.65
C LEU C 336 31.86 -39.38 -0.01
N ASN C 337 32.44 -38.39 -0.68
CA ASN C 337 32.52 -37.00 -0.17
C ASN C 337 33.19 -36.95 1.23
N THR C 338 34.38 -37.54 1.30
CA THR C 338 35.16 -37.69 2.56
C THR C 338 35.73 -36.39 3.16
N ASP C 339 35.62 -35.29 2.41
CA ASP C 339 35.91 -33.93 2.89
C ASP C 339 34.70 -33.24 3.53
N GLY C 340 33.51 -33.82 3.37
CA GLY C 340 32.25 -33.19 3.78
C GLY C 340 31.34 -32.80 2.62
N GLY C 341 31.88 -32.75 1.40
CA GLY C 341 31.10 -32.36 0.23
C GLY C 341 30.56 -30.93 0.31
N ASN C 342 29.58 -30.63 -0.53
CA ASN C 342 28.95 -29.31 -0.56
C ASN C 342 28.23 -28.94 0.74
N ILE C 343 27.72 -29.95 1.46
CA ILE C 343 27.01 -29.72 2.71
C ILE C 343 27.95 -29.42 3.88
N GLY C 344 29.07 -30.13 3.95
CA GLY C 344 30.02 -30.02 5.07
C GLY C 344 31.21 -29.13 4.79
N ARG C 345 31.84 -29.36 3.64
CA ARG C 345 33.03 -28.61 3.21
C ARG C 345 32.61 -27.28 2.61
N GLY C 346 31.69 -27.35 1.64
CA GLY C 346 31.12 -26.15 1.03
C GLY C 346 31.21 -26.12 -0.48
N HIS C 347 30.47 -25.19 -1.06
CA HIS C 347 30.29 -25.11 -2.51
C HIS C 347 30.53 -23.68 -2.98
N ALA C 348 31.33 -23.56 -4.04
CA ALA C 348 31.54 -22.32 -4.76
C ALA C 348 31.61 -22.70 -6.22
N SER C 349 30.53 -22.41 -6.96
CA SER C 349 30.27 -23.00 -8.28
C SER C 349 31.52 -23.34 -9.12
N GLY C 350 32.19 -22.32 -9.62
CA GLY C 350 33.34 -22.49 -10.51
C GLY C 350 34.54 -23.21 -9.94
N CYS C 351 34.66 -23.25 -8.61
CA CYS C 351 35.72 -23.97 -7.91
C CYS C 351 35.41 -25.47 -7.63
N ASP C 352 34.14 -25.88 -7.73
CA ASP C 352 33.71 -27.22 -7.23
C ASP C 352 34.50 -28.40 -7.80
N GLY C 353 34.83 -28.35 -9.09
CA GLY C 353 35.63 -29.39 -9.74
C GLY C 353 36.97 -29.66 -9.06
N ILE C 354 37.65 -28.57 -8.70
CA ILE C 354 38.90 -28.64 -7.95
C ILE C 354 38.64 -29.05 -6.50
N LEU C 355 37.53 -28.60 -5.92
CA LEU C 355 37.18 -29.07 -4.56
C LEU C 355 37.10 -30.61 -4.51
N HIS C 356 36.50 -31.23 -5.53
CA HIS C 356 36.46 -32.70 -5.65
C HIS C 356 37.87 -33.27 -5.84
N ILE C 357 38.55 -32.75 -6.86
CA ILE C 357 39.86 -33.26 -7.26
C ILE C 357 40.91 -33.19 -6.13
N THR C 358 40.85 -32.17 -5.28
CA THR C 358 41.82 -32.00 -4.20
C THR C 358 41.68 -33.10 -3.16
N GLU C 359 40.45 -33.40 -2.74
CA GLU C 359 40.23 -34.47 -1.77
C GLU C 359 40.61 -35.85 -2.34
N LEU C 360 40.32 -36.09 -3.62
CA LEU C 360 40.73 -37.35 -4.27
C LEU C 360 42.26 -37.48 -4.40
N PHE C 361 42.89 -36.34 -4.72
CA PHE C 361 44.35 -36.20 -4.79
C PHE C 361 44.95 -36.59 -3.44
N ARG C 362 44.45 -35.98 -2.38
CA ARG C 362 44.89 -36.32 -1.01
C ARG C 362 44.66 -37.79 -0.64
N GLN C 363 43.49 -38.32 -0.98
CA GLN C 363 43.17 -39.73 -0.70
C GLN C 363 44.18 -40.68 -1.35
N LEU C 364 44.47 -40.40 -2.62
CA LEU C 364 45.37 -41.23 -3.41
C LEU C 364 46.86 -41.11 -3.03
N ARG C 365 47.18 -40.16 -2.16
CA ARG C 365 48.53 -40.06 -1.56
C ARG C 365 48.54 -40.44 -0.07
N GLY C 366 47.42 -40.91 0.49
CA GLY C 366 47.37 -41.24 1.91
C GLY C 366 47.32 -40.05 2.87
N GLU C 367 47.01 -38.86 2.38
CA GLU C 367 47.05 -37.63 3.16
C GLU C 367 45.66 -37.09 3.57
N SER C 368 44.58 -37.83 3.29
CA SER C 368 43.24 -37.36 3.67
C SER C 368 43.01 -37.45 5.17
N ASP C 369 42.20 -36.53 5.69
CA ASP C 369 41.79 -36.54 7.08
C ASP C 369 40.83 -37.68 7.41
N ASN C 370 40.12 -38.20 6.38
CA ASN C 370 39.28 -39.40 6.53
C ASN C 370 39.74 -40.39 5.48
N GLN C 371 40.85 -41.06 5.78
CA GLN C 371 41.60 -41.83 4.81
C GLN C 371 40.98 -43.19 4.51
N VAL C 372 40.92 -43.54 3.23
CA VAL C 372 40.46 -44.84 2.77
C VAL C 372 41.73 -45.68 2.60
N LYS C 373 41.90 -46.66 3.47
CA LYS C 373 43.13 -47.47 3.47
C LYS C 373 43.31 -48.17 2.14
N GLY C 374 44.48 -48.00 1.52
CA GLY C 374 44.84 -48.66 0.27
C GLY C 374 44.07 -48.18 -0.94
N ALA C 375 43.78 -46.89 -0.99
CA ALA C 375 43.00 -46.31 -2.09
C ALA C 375 43.87 -46.25 -3.33
N ARG C 376 43.42 -46.90 -4.41
CA ARG C 376 44.13 -46.92 -5.69
C ARG C 376 43.43 -46.07 -6.75
N ILE C 377 42.10 -46.13 -6.79
CA ILE C 377 41.28 -45.44 -7.79
C ILE C 377 40.30 -44.47 -7.11
N GLY C 378 40.29 -43.23 -7.58
CA GLY C 378 39.36 -42.19 -7.08
C GLY C 378 38.60 -41.52 -8.21
N VAL C 379 37.31 -41.24 -7.99
CA VAL C 379 36.45 -40.68 -9.08
C VAL C 379 35.67 -39.42 -8.69
N SER C 380 35.74 -38.38 -9.54
CA SER C 380 34.89 -37.17 -9.42
C SER C 380 33.74 -37.24 -10.41
N GLN C 381 32.51 -37.29 -9.90
CA GLN C 381 31.28 -37.14 -10.70
C GLN C 381 30.73 -35.76 -10.38
N ASN C 382 30.69 -34.89 -11.39
CA ASN C 382 30.22 -33.50 -11.20
C ASN C 382 29.21 -33.17 -12.29
N LEU C 383 28.31 -32.25 -12.01
CA LEU C 383 27.29 -31.87 -12.98
C LEU C 383 27.10 -30.36 -13.02
N GLY C 384 26.51 -29.87 -14.11
CA GLY C 384 26.24 -28.45 -14.29
C GLY C 384 24.86 -28.25 -14.88
N GLY C 385 24.13 -27.26 -14.34
CA GLY C 385 22.69 -27.14 -14.56
C GLY C 385 22.06 -28.35 -13.89
N TYR C 386 20.89 -28.80 -14.37
CA TYR C 386 20.42 -30.12 -13.93
C TYR C 386 21.04 -31.19 -14.84
N ALA C 387 22.32 -31.48 -14.61
CA ALA C 387 23.06 -32.47 -15.38
C ALA C 387 22.97 -32.23 -16.90
N ALA C 388 22.99 -30.96 -17.29
CA ALA C 388 23.10 -30.59 -18.70
C ALA C 388 24.56 -30.76 -19.10
N HIS C 389 25.45 -30.21 -18.26
CA HIS C 389 26.86 -30.57 -18.27
C HIS C 389 27.01 -31.78 -17.35
N ASN C 390 27.82 -32.76 -17.74
CA ASN C 390 28.27 -33.77 -16.77
C ASN C 390 29.73 -34.15 -17.01
N SER C 391 30.51 -34.23 -15.93
CA SER C 391 31.93 -34.59 -15.98
C SER C 391 32.18 -35.78 -15.08
N VAL C 392 32.97 -36.73 -15.59
CA VAL C 392 33.49 -37.83 -14.77
C VAL C 392 34.99 -37.88 -14.98
N ILE C 393 35.74 -37.76 -13.88
CA ILE C 393 37.21 -37.74 -13.92
C ILE C 393 37.74 -38.87 -13.03
N VAL C 394 38.60 -39.73 -13.60
CA VAL C 394 39.15 -40.91 -12.92
C VAL C 394 40.65 -40.74 -12.68
N LEU C 395 41.05 -40.78 -11.40
CA LEU C 395 42.45 -40.62 -10.97
C LEU C 395 42.97 -41.89 -10.33
N SER C 396 44.26 -42.16 -10.48
CA SER C 396 44.90 -43.31 -9.83
C SER C 396 46.25 -42.91 -9.27
N ASN C 397 46.88 -43.83 -8.53
CA ASN C 397 48.23 -43.60 -7.99
C ASN C 397 49.34 -44.52 -8.51
N ASP C 398 49.15 -45.15 -9.67
CA ASP C 398 50.18 -46.03 -10.27
C ASP C 398 49.93 -46.34 -11.75
N LYS D 4 -29.92 -15.17 -44.85
CA LYS D 4 -29.33 -15.65 -43.56
C LYS D 4 -28.95 -14.46 -42.68
N LYS D 5 -29.52 -14.41 -41.48
CA LYS D 5 -29.32 -13.27 -40.58
C LYS D 5 -27.96 -13.36 -39.87
N ILE D 6 -27.45 -12.20 -39.46
CA ILE D 6 -26.12 -12.05 -38.88
C ILE D 6 -26.22 -11.83 -37.38
N GLY D 7 -25.28 -12.41 -36.64
CA GLY D 7 -25.24 -12.20 -35.20
C GLY D 7 -24.23 -13.04 -34.46
N ILE D 8 -24.52 -13.27 -33.18
CA ILE D 8 -23.61 -13.98 -32.29
C ILE D 8 -23.64 -15.47 -32.61
N VAL D 9 -22.46 -16.07 -32.74
CA VAL D 9 -22.29 -17.49 -33.05
C VAL D 9 -21.84 -18.24 -31.80
N SER D 10 -20.80 -17.74 -31.16
CA SER D 10 -20.28 -18.29 -29.91
C SER D 10 -19.75 -17.20 -28.99
N TYR D 11 -19.54 -17.56 -27.73
CA TYR D 11 -18.97 -16.62 -26.77
C TYR D 11 -18.06 -17.31 -25.76
N GLY D 12 -17.37 -16.48 -24.98
CA GLY D 12 -16.54 -16.97 -23.87
C GLY D 12 -16.32 -15.89 -22.83
N ALA D 13 -15.91 -16.30 -21.64
CA ALA D 13 -15.64 -15.38 -20.54
C ALA D 13 -14.34 -15.73 -19.84
N GLY D 14 -13.72 -14.72 -19.23
CA GLY D 14 -12.53 -14.88 -18.38
C GLY D 14 -12.67 -14.03 -17.12
N ILE D 15 -12.63 -14.67 -15.95
CA ILE D 15 -12.78 -14.00 -14.66
C ILE D 15 -11.64 -14.44 -13.73
N PRO D 16 -11.00 -13.50 -13.00
CA PRO D 16 -10.02 -13.89 -11.99
C PRO D 16 -10.64 -14.76 -10.89
N VAL D 17 -9.90 -15.71 -10.35
CA VAL D 17 -10.41 -16.58 -9.29
C VAL D 17 -10.27 -16.00 -7.87
N CYS D 18 -9.34 -15.07 -7.64
CA CYS D 18 -9.16 -14.54 -6.28
C CYS D 18 -10.30 -13.59 -5.89
N ARG D 19 -10.70 -13.66 -4.62
CA ARG D 19 -11.84 -12.91 -4.08
C ARG D 19 -11.52 -12.22 -2.75
N LEU D 20 -12.10 -11.04 -2.58
CA LEU D 20 -11.92 -10.22 -1.38
C LEU D 20 -13.29 -9.79 -0.87
N LYS D 21 -13.63 -10.24 0.34
CA LYS D 21 -14.87 -9.85 0.98
C LYS D 21 -14.87 -8.36 1.29
N VAL D 22 -16.01 -7.71 1.05
CA VAL D 22 -16.15 -6.27 1.23
C VAL D 22 -15.73 -5.79 2.64
N GLN D 23 -16.12 -6.55 3.67
CA GLN D 23 -15.79 -6.17 5.04
C GLN D 23 -14.27 -6.05 5.27
N GLU D 24 -13.46 -6.79 4.52
CA GLU D 24 -11.99 -6.68 4.64
C GLU D 24 -11.47 -5.29 4.28
N VAL D 25 -12.09 -4.65 3.30
CA VAL D 25 -11.74 -3.28 2.91
C VAL D 25 -12.32 -2.26 3.89
N ILE D 26 -13.57 -2.46 4.26
CA ILE D 26 -14.27 -1.52 5.16
C ILE D 26 -13.64 -1.52 6.57
N ASN D 27 -13.13 -2.65 7.04
CA ASN D 27 -12.43 -2.73 8.34
C ASN D 27 -11.19 -1.83 8.39
N VAL D 28 -10.48 -1.71 7.27
CA VAL D 28 -9.30 -0.87 7.17
C VAL D 28 -9.68 0.61 7.00
N TRP D 29 -10.51 0.93 6.01
CA TRP D 29 -10.75 2.36 5.69
C TRP D 29 -11.89 3.04 6.45
N LYS D 30 -12.90 2.27 6.85
CA LYS D 30 -14.06 2.77 7.58
C LYS D 30 -14.64 4.02 6.92
N ASN D 31 -14.68 3.97 5.58
CA ASN D 31 -15.06 5.11 4.74
C ASN D 31 -16.41 4.92 4.02
N THR D 32 -17.09 3.81 4.32
CA THR D 32 -18.43 3.55 3.81
C THR D 32 -19.13 2.48 4.68
N ASP D 33 -20.45 2.40 4.58
CA ASP D 33 -21.25 1.47 5.36
C ASP D 33 -21.23 0.05 4.76
N LEU D 34 -20.93 -0.95 5.58
CA LEU D 34 -21.02 -2.36 5.17
C LEU D 34 -22.41 -2.76 4.66
N LYS D 35 -23.44 -2.26 5.33
CA LYS D 35 -24.83 -2.56 4.96
C LYS D 35 -25.21 -1.94 3.61
N LEU D 36 -24.82 -0.69 3.37
CA LEU D 36 -25.00 -0.05 2.06
C LEU D 36 -24.44 -0.90 0.91
N VAL D 37 -23.19 -1.34 1.03
CA VAL D 37 -22.54 -2.08 -0.07
C VAL D 37 -23.11 -3.50 -0.24
N GLU D 38 -23.29 -4.22 0.87
CA GLU D 38 -23.80 -5.60 0.81
C GLU D 38 -25.29 -5.69 0.43
N GLU D 39 -26.13 -4.87 1.05
CA GLU D 39 -27.60 -4.97 0.87
C GLU D 39 -28.19 -4.05 -0.20
N ASN D 40 -27.91 -2.73 -0.18
CA ASN D 40 -28.43 -1.83 -1.23
C ASN D 40 -27.73 -2.00 -2.57
N LEU D 41 -26.40 -1.97 -2.57
CA LEU D 41 -25.64 -2.08 -3.84
C LEU D 41 -25.52 -3.53 -4.34
N GLY D 42 -25.62 -4.49 -3.41
CA GLY D 42 -25.73 -5.91 -3.73
C GLY D 42 -24.44 -6.67 -3.95
N VAL D 43 -23.32 -6.15 -3.44
CA VAL D 43 -22.00 -6.76 -3.66
C VAL D 43 -21.40 -7.17 -2.33
N THR D 44 -21.12 -8.46 -2.15
CA THR D 44 -20.56 -8.97 -0.90
C THR D 44 -19.05 -9.27 -0.97
N GLU D 45 -18.56 -9.53 -2.19
CA GLU D 45 -17.12 -9.73 -2.40
C GLU D 45 -16.75 -9.33 -3.82
N ARG D 46 -15.46 -9.10 -4.06
CA ARG D 46 -15.01 -8.65 -5.37
C ARG D 46 -13.77 -9.38 -5.85
N ALA D 47 -13.59 -9.37 -7.17
CA ALA D 47 -12.49 -10.06 -7.81
C ALA D 47 -11.17 -9.32 -7.55
N VAL D 48 -10.13 -10.10 -7.28
CA VAL D 48 -8.81 -9.57 -7.04
C VAL D 48 -7.92 -10.02 -8.18
N LEU D 49 -7.20 -9.07 -8.78
CA LEU D 49 -6.31 -9.39 -9.87
C LEU D 49 -4.99 -9.95 -9.32
N GLN D 50 -4.58 -11.12 -9.78
CA GLN D 50 -3.27 -11.69 -9.38
C GLN D 50 -2.13 -10.99 -10.11
N PRO D 51 -0.90 -11.08 -9.59
CA PRO D 51 0.26 -10.41 -10.22
C PRO D 51 0.53 -10.82 -11.66
N ASP D 52 0.19 -12.07 -12.01
CA ASP D 52 0.34 -12.58 -13.37
C ASP D 52 -0.93 -12.50 -14.24
N GLU D 53 -1.90 -11.68 -13.83
CA GLU D 53 -3.13 -11.44 -14.62
C GLU D 53 -3.26 -9.98 -15.06
N ASP D 54 -3.90 -9.77 -16.22
CA ASP D 54 -4.23 -8.44 -16.75
C ASP D 54 -5.28 -8.53 -17.89
N VAL D 55 -5.61 -7.38 -18.48
CA VAL D 55 -6.58 -7.31 -19.59
C VAL D 55 -6.26 -8.28 -20.72
N ILE D 56 -4.98 -8.42 -21.08
CA ILE D 56 -4.58 -9.37 -22.12
C ILE D 56 -4.78 -10.82 -21.69
N THR D 57 -4.36 -11.18 -20.48
CA THR D 57 -4.56 -12.55 -19.95
C THR D 57 -6.02 -12.98 -19.90
N LEU D 58 -6.88 -12.08 -19.43
CA LEU D 58 -8.32 -12.35 -19.35
C LEU D 58 -8.96 -12.38 -20.75
N GLY D 59 -8.57 -11.42 -21.58
CA GLY D 59 -9.07 -11.28 -22.94
C GLY D 59 -8.79 -12.48 -23.82
N VAL D 60 -7.54 -12.93 -23.82
CA VAL D 60 -7.17 -14.12 -24.58
C VAL D 60 -7.83 -15.40 -24.02
N LEU D 61 -8.08 -15.46 -22.71
CA LEU D 61 -8.83 -16.60 -22.14
C LEU D 61 -10.26 -16.65 -22.67
N ALA D 62 -10.96 -15.52 -22.59
CA ALA D 62 -12.33 -15.40 -23.10
C ALA D 62 -12.42 -15.69 -24.61
N ALA D 63 -11.52 -15.08 -25.38
CA ALA D 63 -11.48 -15.26 -26.81
C ALA D 63 -11.21 -16.70 -27.21
N GLN D 64 -10.24 -17.33 -26.54
CA GLN D 64 -9.92 -18.72 -26.84
C GLN D 64 -11.10 -19.62 -26.49
N ARG D 65 -11.83 -19.30 -25.43
CA ARG D 65 -13.04 -20.06 -25.09
C ARG D 65 -14.17 -19.91 -26.13
N ALA D 66 -14.32 -18.72 -26.72
CA ALA D 66 -15.27 -18.54 -27.84
C ALA D 66 -14.85 -19.31 -29.10
N LEU D 67 -13.58 -19.18 -29.48
CA LEU D 67 -13.07 -19.88 -30.65
C LEU D 67 -12.99 -21.40 -30.50
N ASP D 68 -12.84 -21.90 -29.28
CA ASP D 68 -12.95 -23.37 -29.04
C ASP D 68 -14.30 -23.94 -29.46
N LYS D 69 -15.36 -23.12 -29.47
CA LYS D 69 -16.67 -23.55 -29.98
C LYS D 69 -16.73 -23.72 -31.51
N VAL D 70 -15.78 -23.10 -32.25
CA VAL D 70 -15.77 -23.13 -33.72
C VAL D 70 -14.40 -23.62 -34.23
N PRO D 71 -14.12 -24.94 -34.12
CA PRO D 71 -12.82 -25.52 -34.46
C PRO D 71 -12.28 -25.05 -35.82
N GLY D 72 -11.01 -24.63 -35.84
CA GLY D 72 -10.36 -24.19 -37.07
C GLY D 72 -10.78 -22.84 -37.62
N HIS D 73 -11.52 -22.04 -36.84
CA HIS D 73 -11.94 -20.72 -37.31
C HIS D 73 -10.73 -19.85 -37.65
N GLN D 74 -10.72 -19.26 -38.84
CA GLN D 74 -9.71 -18.27 -39.24
C GLN D 74 -10.23 -16.86 -38.94
N ILE D 75 -9.45 -16.08 -38.18
CA ILE D 75 -9.88 -14.76 -37.71
C ILE D 75 -9.74 -13.71 -38.80
N GLU D 76 -10.84 -13.00 -39.07
CA GLU D 76 -10.92 -11.95 -40.09
C GLU D 76 -10.91 -10.54 -39.49
N ALA D 77 -11.36 -10.42 -38.24
CA ALA D 77 -11.28 -9.17 -37.51
C ALA D 77 -11.29 -9.43 -36.01
N LEU D 78 -10.58 -8.59 -35.26
CA LEU D 78 -10.48 -8.69 -33.81
C LEU D 78 -10.40 -7.31 -33.19
N TYR D 79 -11.41 -6.94 -32.42
CA TYR D 79 -11.44 -5.64 -31.75
C TYR D 79 -11.49 -5.79 -30.23
N LEU D 80 -10.57 -5.10 -29.55
CA LEU D 80 -10.47 -5.16 -28.10
C LEU D 80 -10.98 -3.87 -27.45
N GLY D 81 -12.17 -3.97 -26.84
CA GLY D 81 -12.77 -2.89 -26.06
C GLY D 81 -12.29 -2.90 -24.61
N THR D 82 -11.57 -1.86 -24.22
CA THR D 82 -11.06 -1.71 -22.83
C THR D 82 -10.74 -0.26 -22.49
N CYS D 83 -10.95 0.12 -21.24
CA CYS D 83 -10.48 1.42 -20.73
C CYS D 83 -9.32 1.29 -19.74
N THR D 84 -8.81 0.07 -19.56
CA THR D 84 -7.66 -0.18 -18.67
C THR D 84 -6.56 -0.90 -19.47
N ASN D 85 -6.27 -0.36 -20.64
CA ASN D 85 -5.34 -0.97 -21.59
C ASN D 85 -3.91 -1.07 -21.04
N PRO D 86 -3.28 -2.26 -21.14
CA PRO D 86 -1.85 -2.41 -20.83
C PRO D 86 -0.91 -1.54 -21.65
N TYR D 87 -1.32 -1.12 -22.84
CA TYR D 87 -0.54 -0.20 -23.67
C TYR D 87 -1.36 1.05 -24.04
N ASP D 88 -0.73 2.22 -24.00
CA ASP D 88 -1.35 3.48 -24.44
C ASP D 88 -0.98 3.84 -25.89
N SER D 89 0.09 3.24 -26.41
CA SER D 89 0.37 3.23 -27.85
C SER D 89 0.80 1.83 -28.24
N ARG D 90 0.32 1.38 -29.40
CA ARG D 90 0.31 -0.02 -29.86
C ARG D 90 -0.96 -0.72 -29.39
N ALA D 91 -1.45 -1.65 -30.20
CA ALA D 91 -2.74 -2.29 -29.95
C ALA D 91 -2.57 -3.66 -29.28
N SER D 92 -3.02 -3.76 -28.02
CA SER D 92 -3.09 -5.05 -27.30
C SER D 92 -3.87 -6.14 -28.08
N ALA D 93 -4.83 -5.71 -28.90
CA ALA D 93 -5.53 -6.60 -29.82
C ALA D 93 -4.59 -7.43 -30.70
N SER D 94 -3.49 -6.84 -31.17
CA SER D 94 -2.55 -7.57 -32.03
C SER D 94 -1.78 -8.64 -31.22
N ILE D 95 -1.56 -8.36 -29.94
CA ILE D 95 -0.96 -9.35 -29.04
C ILE D 95 -1.92 -10.54 -28.85
N ILE D 96 -3.20 -10.25 -28.60
CA ILE D 96 -4.21 -11.31 -28.46
C ILE D 96 -4.32 -12.13 -29.75
N LEU D 97 -4.29 -11.45 -30.89
CA LEU D 97 -4.35 -12.10 -32.20
C LEU D 97 -3.20 -13.08 -32.36
N GLU D 98 -2.00 -12.60 -32.09
CA GLU D 98 -0.80 -13.45 -32.11
C GLU D 98 -0.99 -14.69 -31.24
N MET D 99 -1.48 -14.49 -30.01
CA MET D 99 -1.69 -15.61 -29.09
C MET D 99 -2.69 -16.66 -29.60
N LEU D 100 -3.76 -16.17 -30.24
CA LEU D 100 -4.84 -17.05 -30.73
C LEU D 100 -4.42 -17.93 -31.89
N GLY D 101 -3.45 -17.47 -32.68
CA GLY D 101 -2.77 -18.33 -33.66
C GLY D 101 -3.70 -18.89 -34.72
N SER D 102 -4.55 -18.01 -35.24
CA SER D 102 -5.61 -18.38 -36.18
C SER D 102 -5.70 -17.38 -37.31
N GLY D 103 -4.56 -16.88 -37.76
CA GLY D 103 -4.50 -15.94 -38.87
C GLY D 103 -4.01 -14.56 -38.49
N TYR D 104 -3.29 -13.94 -39.42
CA TYR D 104 -2.74 -12.61 -39.29
C TYR D 104 -3.50 -11.54 -40.12
N ASP D 105 -4.27 -11.97 -41.13
CA ASP D 105 -4.91 -11.02 -42.06
C ASP D 105 -6.27 -10.59 -41.52
N ALA D 106 -6.23 -9.72 -40.52
CA ALA D 106 -7.42 -9.29 -39.80
C ALA D 106 -7.48 -7.78 -39.57
N TYR D 107 -8.70 -7.24 -39.67
CA TYR D 107 -8.97 -5.89 -39.22
C TYR D 107 -8.75 -5.90 -37.71
N CYS D 108 -7.99 -4.94 -37.19
CA CYS D 108 -7.53 -5.01 -35.81
C CYS D 108 -7.33 -3.64 -35.18
N ALA D 109 -7.90 -3.42 -34.00
CA ALA D 109 -7.65 -2.21 -33.20
C ALA D 109 -8.14 -2.34 -31.77
N ASP D 110 -7.66 -1.45 -30.91
CA ASP D 110 -8.20 -1.28 -29.57
C ASP D 110 -9.24 -0.16 -29.62
N VAL D 111 -10.27 -0.32 -28.81
CA VAL D 111 -11.43 0.57 -28.81
C VAL D 111 -11.67 1.03 -27.38
N GLN D 112 -11.86 2.33 -27.19
CA GLN D 112 -11.99 2.90 -25.85
C GLN D 112 -13.13 3.91 -25.74
N PHE D 113 -14.13 3.56 -24.93
CA PHE D 113 -15.11 4.49 -24.39
C PHE D 113 -15.61 3.91 -23.06
N ALA D 114 -14.69 3.85 -22.10
CA ALA D 114 -15.02 3.50 -20.73
C ALA D 114 -15.78 2.16 -20.66
N GLY D 115 -16.82 2.07 -19.81
CA GLY D 115 -17.61 0.85 -19.70
C GLY D 115 -18.37 0.39 -20.94
N LYS D 116 -18.53 1.24 -21.96
CA LYS D 116 -19.17 0.80 -23.21
C LYS D 116 -18.18 0.37 -24.31
N SER D 117 -16.88 0.24 -23.96
CA SER D 117 -15.87 -0.17 -24.95
C SER D 117 -16.21 -1.51 -25.64
N GLY D 118 -16.68 -2.48 -24.86
CA GLY D 118 -17.03 -3.82 -25.35
C GLY D 118 -18.22 -3.84 -26.30
N THR D 119 -19.28 -3.11 -25.94
CA THR D 119 -20.43 -2.99 -26.83
C THR D 119 -20.06 -2.21 -28.11
N SER D 120 -19.19 -1.20 -27.99
CA SER D 120 -18.71 -0.46 -29.17
C SER D 120 -17.92 -1.35 -30.13
N ALA D 121 -17.06 -2.20 -29.57
CA ALA D 121 -16.34 -3.20 -30.36
C ALA D 121 -17.31 -4.16 -31.06
N LEU D 122 -18.34 -4.58 -30.32
CA LEU D 122 -19.37 -5.46 -30.86
C LEU D 122 -20.09 -4.84 -32.07
N GLN D 123 -20.46 -3.56 -31.94
CA GLN D 123 -21.07 -2.82 -33.06
C GLN D 123 -20.13 -2.73 -34.27
N ILE D 124 -18.85 -2.48 -34.01
CA ILE D 124 -17.85 -2.45 -35.09
C ILE D 124 -17.82 -3.80 -35.83
N CYS D 125 -17.77 -4.90 -35.08
CA CYS D 125 -17.74 -6.25 -35.67
C CYS D 125 -18.99 -6.57 -36.50
N GLN D 126 -20.16 -6.24 -35.95
CA GLN D 126 -21.43 -6.34 -36.68
C GLN D 126 -21.38 -5.56 -37.99
N ALA D 127 -20.90 -4.33 -37.95
CA ALA D 127 -20.80 -3.50 -39.15
C ALA D 127 -19.86 -4.13 -40.19
N LEU D 128 -18.74 -4.70 -39.74
CA LEU D 128 -17.79 -5.36 -40.66
C LEU D 128 -18.37 -6.58 -41.36
N VAL D 129 -19.21 -7.35 -40.65
CA VAL D 129 -19.85 -8.53 -41.25
C VAL D 129 -21.03 -8.13 -42.15
N ALA D 130 -21.92 -7.29 -41.61
CA ALA D 130 -23.09 -6.79 -42.34
C ALA D 130 -22.71 -6.03 -43.62
N SER D 131 -21.59 -5.31 -43.62
CA SER D 131 -21.09 -4.62 -44.82
C SER D 131 -20.50 -5.55 -45.89
N GLY D 132 -20.26 -6.82 -45.55
CA GLY D 132 -19.53 -7.73 -46.42
C GLY D 132 -18.02 -7.53 -46.46
N MET D 133 -17.47 -6.64 -45.62
CA MET D 133 -16.01 -6.44 -45.54
C MET D 133 -15.29 -7.63 -44.92
N THR D 134 -16.00 -8.37 -44.06
CA THR D 134 -15.57 -9.70 -43.56
C THR D 134 -16.74 -10.67 -43.49
N GLY D 135 -16.42 -11.96 -43.40
CA GLY D 135 -17.40 -13.01 -43.14
C GLY D 135 -17.70 -13.24 -41.67
N SER D 136 -16.82 -12.76 -40.80
CA SER D 136 -16.96 -12.92 -39.36
C SER D 136 -16.08 -11.90 -38.63
N ALA D 137 -16.28 -11.76 -37.33
CA ALA D 137 -15.46 -10.82 -36.55
C ALA D 137 -15.57 -11.09 -35.05
N LEU D 138 -14.45 -10.95 -34.34
CA LEU D 138 -14.39 -11.25 -32.91
C LEU D 138 -14.29 -9.98 -32.09
N ALA D 139 -15.28 -9.76 -31.21
CA ALA D 139 -15.30 -8.61 -30.32
C ALA D 139 -14.96 -9.06 -28.90
N ILE D 140 -14.10 -8.30 -28.22
CA ILE D 140 -13.77 -8.57 -26.81
C ILE D 140 -14.04 -7.33 -25.98
N GLY D 141 -14.61 -7.52 -24.80
CA GLY D 141 -14.78 -6.45 -23.82
C GLY D 141 -14.07 -6.89 -22.56
N ALA D 142 -13.11 -6.10 -22.09
CA ALA D 142 -12.34 -6.50 -20.90
C ALA D 142 -11.80 -5.32 -20.11
N ASP D 143 -11.86 -5.43 -18.78
CA ASP D 143 -11.32 -4.39 -17.89
C ASP D 143 -10.77 -4.96 -16.58
N THR D 144 -9.72 -4.31 -16.07
CA THR D 144 -9.16 -4.51 -14.74
C THR D 144 -9.44 -3.24 -13.93
N ILE D 145 -10.69 -3.08 -13.53
CA ILE D 145 -11.15 -1.90 -12.79
C ILE D 145 -10.47 -1.87 -11.42
N ASN D 146 -10.36 -3.03 -10.77
CA ASN D 146 -9.60 -3.16 -9.52
C ASN D 146 -8.19 -2.56 -9.60
N ARG D 147 -7.40 -3.00 -10.58
CA ARG D 147 -6.04 -2.50 -10.80
C ARG D 147 -5.99 -0.99 -10.90
N ASN D 148 -7.00 -0.41 -11.56
CA ASN D 148 -7.06 1.05 -11.75
C ASN D 148 -8.07 1.77 -10.83
N THR D 149 -8.29 1.21 -9.63
CA THR D 149 -9.02 1.90 -8.57
C THR D 149 -8.11 2.02 -7.33
N ALA D 150 -8.03 3.23 -6.78
CA ALA D 150 -7.07 3.55 -5.72
C ALA D 150 -7.45 3.00 -4.35
N PRO D 151 -6.45 2.59 -3.55
CA PRO D 151 -6.72 2.27 -2.14
C PRO D 151 -7.35 3.46 -1.39
N GLY D 152 -8.41 3.16 -0.64
CA GLY D 152 -9.16 4.20 0.04
C GLY D 152 -10.22 4.90 -0.79
N ASP D 153 -10.30 4.61 -2.09
CA ASP D 153 -11.39 5.13 -2.92
C ASP D 153 -12.72 4.55 -2.42
N LEU D 154 -13.78 5.36 -2.44
CA LEU D 154 -15.13 4.90 -2.06
C LEU D 154 -15.62 3.68 -2.84
N THR D 155 -15.15 3.53 -4.08
CA THR D 155 -15.50 2.37 -4.92
C THR D 155 -14.59 1.14 -4.77
N GLU D 156 -13.52 1.24 -3.97
CA GLU D 156 -12.53 0.16 -3.83
C GLU D 156 -13.14 -1.21 -3.53
N SER D 157 -14.03 -1.25 -2.53
CA SER D 157 -14.61 -2.50 -2.05
C SER D 157 -15.41 -3.28 -3.10
N TYR D 158 -15.82 -2.61 -4.18
CA TYR D 158 -16.54 -3.29 -5.29
C TYR D 158 -15.94 -3.10 -6.69
N ALA D 159 -14.65 -2.76 -6.77
CA ALA D 159 -13.94 -2.73 -8.06
C ALA D 159 -13.45 -4.15 -8.39
N GLY D 160 -13.82 -4.67 -9.56
CA GLY D 160 -13.46 -6.01 -9.98
C GLY D 160 -12.74 -6.06 -11.32
N ALA D 161 -12.84 -7.19 -12.00
CA ALA D 161 -12.21 -7.35 -13.31
C ALA D 161 -12.86 -8.48 -14.08
N GLY D 162 -12.72 -8.44 -15.41
CA GLY D 162 -13.30 -9.48 -16.24
C GLY D 162 -13.15 -9.25 -17.72
N ALA D 163 -13.43 -10.32 -18.47
CA ALA D 163 -13.38 -10.30 -19.94
C ALA D 163 -14.50 -11.14 -20.52
N ALA D 164 -15.03 -10.69 -21.65
CA ALA D 164 -16.05 -11.41 -22.41
C ALA D 164 -15.76 -11.28 -23.89
N ALA D 165 -15.92 -12.38 -24.63
CA ALA D 165 -15.65 -12.44 -26.06
C ALA D 165 -16.88 -12.94 -26.79
N LEU D 166 -17.22 -12.29 -27.91
CA LEU D 166 -18.36 -12.66 -28.74
C LEU D 166 -17.91 -12.76 -30.19
N LEU D 167 -18.15 -13.91 -30.81
CA LEU D 167 -17.87 -14.11 -32.24
C LEU D 167 -19.11 -13.79 -33.06
N ILE D 168 -18.98 -12.86 -34.00
CA ILE D 168 -20.06 -12.47 -34.91
C ILE D 168 -19.86 -13.15 -36.27
N GLY D 169 -20.96 -13.66 -36.82
CA GLY D 169 -20.95 -14.31 -38.12
C GLY D 169 -22.34 -14.51 -38.67
N SER D 170 -22.45 -15.33 -39.72
CA SER D 170 -23.72 -15.64 -40.37
C SER D 170 -24.01 -17.16 -40.53
N GLN D 171 -23.22 -18.00 -39.87
CA GLN D 171 -23.36 -19.45 -39.90
C GLN D 171 -23.54 -19.94 -38.45
N ASP D 172 -24.64 -20.66 -38.21
CA ASP D 172 -24.96 -21.22 -36.87
C ASP D 172 -25.14 -20.11 -35.82
N VAL D 173 -25.91 -19.09 -36.20
CA VAL D 173 -26.14 -17.94 -35.35
C VAL D 173 -27.14 -18.31 -34.25
N ILE D 174 -26.77 -17.99 -33.01
CA ILE D 174 -27.60 -18.27 -31.83
C ILE D 174 -28.38 -17.04 -31.32
N ALA D 175 -27.90 -15.85 -31.66
CA ALA D 175 -28.64 -14.60 -31.39
C ALA D 175 -28.45 -13.60 -32.53
N GLU D 176 -29.53 -13.36 -33.28
CA GLU D 176 -29.53 -12.42 -34.39
C GLU D 176 -29.47 -11.02 -33.85
N PHE D 177 -28.59 -10.22 -34.45
CA PHE D 177 -28.40 -8.80 -34.12
C PHE D 177 -29.46 -8.04 -34.93
N ASP D 178 -30.50 -7.54 -34.28
CA ASP D 178 -31.63 -6.93 -34.99
C ASP D 178 -31.39 -5.47 -35.37
N ALA D 179 -30.95 -4.67 -34.42
CA ALA D 179 -30.66 -3.25 -34.64
C ALA D 179 -29.90 -2.67 -33.46
N SER D 180 -29.29 -1.50 -33.66
CA SER D 180 -28.65 -0.76 -32.58
C SER D 180 -28.82 0.75 -32.70
N PHE D 181 -28.62 1.42 -31.57
CA PHE D 181 -28.71 2.88 -31.47
C PHE D 181 -27.66 3.33 -30.47
N SER D 182 -26.86 4.34 -30.83
CA SER D 182 -25.84 4.87 -29.91
C SER D 182 -26.00 6.35 -29.69
N CYS D 183 -25.60 6.80 -28.50
CA CYS D 183 -25.51 8.23 -28.22
C CYS D 183 -24.28 8.53 -27.37
N ALA D 184 -23.91 9.82 -27.36
CA ALA D 184 -22.76 10.32 -26.61
C ALA D 184 -22.84 11.83 -26.36
N ALA D 185 -21.98 12.31 -25.47
CA ALA D 185 -21.81 13.73 -25.14
C ALA D 185 -20.56 13.94 -24.28
N ASP D 186 -20.22 15.21 -24.01
CA ASP D 186 -19.20 15.53 -23.00
C ASP D 186 -19.92 15.60 -21.65
N VAL D 187 -19.76 14.53 -20.86
CA VAL D 187 -20.23 14.47 -19.48
C VAL D 187 -19.14 13.83 -18.62
N ALA D 188 -18.30 14.65 -17.99
CA ALA D 188 -17.13 14.16 -17.25
C ALA D 188 -17.46 13.64 -15.85
N ASP D 189 -18.35 12.65 -15.77
CA ASP D 189 -18.80 12.09 -14.50
C ASP D 189 -17.71 11.21 -13.87
N ASN D 190 -16.93 10.54 -14.72
CA ASN D 190 -15.65 9.91 -14.34
C ASN D 190 -14.63 10.19 -15.44
N ILE D 191 -13.35 10.30 -15.05
CA ILE D 191 -12.27 10.51 -16.01
C ILE D 191 -11.03 9.71 -15.65
N ARG D 192 -10.11 9.61 -16.59
CA ARG D 192 -8.74 9.18 -16.29
C ARG D 192 -7.79 9.89 -17.23
N PRO D 193 -7.21 11.02 -16.79
CA PRO D 193 -6.28 11.78 -17.64
C PRO D 193 -5.06 10.95 -18.06
N GLN D 194 -4.51 11.27 -19.23
CA GLN D 194 -3.32 10.57 -19.72
C GLN D 194 -2.24 10.59 -18.65
N GLY D 195 -1.77 9.39 -18.28
CA GLY D 195 -0.77 9.24 -17.22
C GLY D 195 -1.34 8.65 -15.95
N ASP D 196 -2.40 9.27 -15.40
CA ASP D 196 -3.05 8.77 -14.16
C ASP D 196 -3.33 7.25 -14.24
N ARG D 197 -2.90 6.51 -13.21
CA ARG D 197 -3.24 5.09 -13.08
C ARG D 197 -4.70 4.91 -12.68
N TYR D 198 -5.17 5.79 -11.80
CA TYR D 198 -6.46 5.58 -11.17
C TYR D 198 -7.58 6.35 -11.85
N ILE D 199 -8.73 5.68 -12.01
CA ILE D 199 -9.93 6.29 -12.56
C ILE D 199 -10.53 7.16 -11.46
N ARG D 200 -10.92 8.38 -11.81
CA ARG D 200 -11.35 9.40 -10.85
C ARG D 200 -12.80 9.80 -11.07
N SER D 201 -13.48 10.16 -10.00
CA SER D 201 -14.83 10.71 -10.10
C SER D 201 -14.77 12.21 -10.36
N GLY D 202 -15.78 12.72 -11.06
CA GLY D 202 -15.93 14.15 -11.34
C GLY D 202 -16.81 14.86 -10.32
N MET D 203 -17.46 14.11 -9.44
CA MET D 203 -18.30 14.68 -8.38
C MET D 203 -18.58 13.61 -7.34
N GLY D 204 -19.28 13.97 -6.26
CA GLY D 204 -19.69 13.02 -5.24
C GLY D 204 -20.64 11.95 -5.75
N LEU D 205 -20.58 10.77 -5.16
CA LEU D 205 -21.40 9.64 -5.61
C LEU D 205 -22.84 9.78 -5.12
N GLY D 206 -23.77 9.18 -5.85
CA GLY D 206 -25.19 9.21 -5.52
C GLY D 206 -26.09 9.45 -6.72
N SER D 207 -27.36 9.69 -6.42
CA SER D 207 -28.40 9.78 -7.45
C SER D 207 -28.28 11.04 -8.31
N ASP D 208 -27.70 12.12 -7.78
CA ASP D 208 -27.44 13.33 -8.56
C ASP D 208 -26.45 13.04 -9.71
N LYS D 209 -25.32 12.42 -9.39
CA LYS D 209 -24.35 11.99 -10.41
C LYS D 209 -24.94 10.98 -11.38
N ASN D 210 -25.73 10.04 -10.84
CA ASN D 210 -26.39 9.03 -11.67
C ASN D 210 -27.37 9.62 -12.67
N SER D 211 -28.08 10.68 -12.27
CA SER D 211 -29.12 11.26 -13.11
C SER D 211 -28.57 11.94 -14.37
N ILE D 212 -27.41 12.57 -14.27
CA ILE D 212 -26.84 13.34 -15.38
C ILE D 212 -25.95 12.55 -16.34
N GLY D 213 -25.55 11.34 -15.96
CA GLY D 213 -24.72 10.47 -16.81
C GLY D 213 -25.38 9.14 -17.11
N LEU D 214 -25.21 8.21 -16.17
CA LEU D 214 -25.75 6.83 -16.26
C LEU D 214 -27.20 6.74 -16.76
N GLU D 215 -28.10 7.41 -16.05
CA GLU D 215 -29.53 7.37 -16.37
C GLU D 215 -29.86 8.14 -17.67
N ASP D 216 -29.33 9.36 -17.85
CA ASP D 216 -29.59 10.16 -19.08
C ASP D 216 -29.21 9.43 -20.37
N GLN D 217 -27.98 8.91 -20.41
CA GLN D 217 -27.48 8.25 -21.61
C GLN D 217 -28.14 6.88 -21.83
N THR D 218 -28.25 6.08 -20.76
CA THR D 218 -28.97 4.81 -20.86
C THR D 218 -30.40 4.99 -21.38
N ARG D 219 -31.13 5.93 -20.79
CA ARG D 219 -32.50 6.26 -21.24
C ARG D 219 -32.51 6.71 -22.70
N ARG D 220 -31.61 7.60 -23.07
CA ARG D 220 -31.57 8.13 -24.43
C ARG D 220 -31.36 7.04 -25.47
N ALA D 221 -30.40 6.14 -25.23
CA ALA D 221 -30.14 5.03 -26.17
C ALA D 221 -31.28 4.01 -26.22
N ALA D 222 -31.80 3.62 -25.05
CA ALA D 222 -32.92 2.66 -24.98
C ALA D 222 -34.18 3.17 -25.69
N GLU D 223 -34.55 4.41 -25.40
CA GLU D 223 -35.71 5.06 -26.04
C GLU D 223 -35.48 5.27 -27.53
N GLY D 224 -34.25 5.62 -27.91
CA GLY D 224 -33.87 5.75 -29.31
C GLY D 224 -34.09 4.48 -30.10
N LEU D 225 -33.54 3.38 -29.58
CA LEU D 225 -33.66 2.06 -30.25
C LEU D 225 -35.10 1.57 -30.32
N MET D 226 -35.80 1.62 -29.18
CA MET D 226 -37.21 1.25 -29.14
C MET D 226 -38.10 2.07 -30.07
N ALA D 227 -37.80 3.36 -30.22
CA ALA D 227 -38.50 4.22 -31.18
C ALA D 227 -38.22 3.77 -32.61
N LYS D 228 -36.97 3.42 -32.90
CA LYS D 228 -36.61 2.88 -34.22
C LYS D 228 -37.33 1.58 -34.56
N LEU D 229 -37.44 0.68 -33.59
CA LEU D 229 -38.11 -0.63 -33.79
C LEU D 229 -39.62 -0.66 -33.51
N HIS D 230 -40.19 0.47 -33.08
CA HIS D 230 -41.58 0.56 -32.61
C HIS D 230 -41.89 -0.50 -31.53
N THR D 231 -41.05 -0.55 -30.50
CA THR D 231 -41.22 -1.46 -29.37
C THR D 231 -41.28 -0.69 -28.06
N SER D 232 -41.62 -1.39 -26.99
CA SER D 232 -41.65 -0.86 -25.62
C SER D 232 -41.15 -1.96 -24.66
N PRO D 233 -40.90 -1.62 -23.38
CA PRO D 233 -40.32 -2.62 -22.46
C PRO D 233 -41.05 -3.98 -22.39
N ALA D 234 -42.38 -3.93 -22.42
CA ALA D 234 -43.23 -5.13 -22.50
C ALA D 234 -42.88 -6.13 -23.63
N ASP D 235 -42.32 -5.64 -24.73
CA ASP D 235 -41.91 -6.49 -25.86
C ASP D 235 -40.62 -7.32 -25.63
N TYR D 236 -39.92 -7.13 -24.52
CA TYR D 236 -38.63 -7.81 -24.31
C TYR D 236 -38.70 -8.84 -23.18
N ASP D 237 -38.19 -10.03 -23.45
CA ASP D 237 -38.08 -11.08 -22.44
C ASP D 237 -36.95 -10.78 -21.45
N TYR D 238 -35.84 -10.21 -21.96
CA TYR D 238 -34.72 -9.82 -21.08
C TYR D 238 -34.20 -8.40 -21.33
N VAL D 239 -33.76 -7.75 -20.26
CA VAL D 239 -33.06 -6.48 -20.36
C VAL D 239 -31.71 -6.60 -19.63
N VAL D 240 -30.66 -6.09 -20.26
CA VAL D 240 -29.30 -6.14 -19.72
C VAL D 240 -28.72 -4.74 -19.70
N PHE D 241 -28.24 -4.30 -18.54
CA PHE D 241 -27.65 -2.97 -18.38
C PHE D 241 -26.18 -3.08 -17.97
N GLN D 242 -25.51 -1.93 -17.82
CA GLN D 242 -24.20 -1.89 -17.15
C GLN D 242 -24.31 -2.46 -15.76
N GLN D 243 -23.34 -3.29 -15.39
CA GLN D 243 -23.38 -3.99 -14.11
C GLN D 243 -22.07 -3.80 -13.34
N ASN D 244 -21.77 -2.52 -13.08
CA ASN D 244 -20.79 -2.12 -12.08
C ASN D 244 -21.23 -2.57 -10.69
N LEU D 245 -22.54 -2.62 -10.47
CA LEU D 245 -23.14 -3.09 -9.21
C LEU D 245 -24.42 -3.84 -9.52
N VAL D 246 -24.74 -4.83 -8.69
CA VAL D 246 -26.00 -5.56 -8.81
C VAL D 246 -27.19 -4.60 -8.78
N SER D 247 -27.12 -3.57 -7.95
CA SER D 247 -28.21 -2.57 -7.87
C SER D 247 -28.46 -1.77 -9.15
N THR D 248 -27.45 -1.61 -10.00
CA THR D 248 -27.54 -0.72 -11.17
C THR D 248 -28.57 -1.17 -12.22
N PRO D 249 -28.55 -2.45 -12.65
CA PRO D 249 -29.59 -2.90 -13.56
C PRO D 249 -31.02 -2.77 -13.02
N TYR D 250 -31.23 -3.09 -11.74
CA TYR D 250 -32.56 -2.98 -11.13
C TYR D 250 -33.05 -1.53 -11.08
N SER D 251 -32.13 -0.64 -10.74
CA SER D 251 -32.39 0.80 -10.69
C SER D 251 -32.75 1.40 -12.06
N LEU D 252 -31.93 1.12 -13.06
CA LEU D 252 -32.21 1.52 -14.46
C LEU D 252 -33.51 0.91 -15.01
N ALA D 253 -33.80 -0.33 -14.63
CA ALA D 253 -35.03 -1.01 -15.02
C ALA D 253 -36.26 -0.29 -14.46
N LYS D 254 -36.21 0.03 -13.17
CA LYS D 254 -37.26 0.81 -12.53
C LYS D 254 -37.41 2.18 -13.23
N HIS D 255 -36.29 2.81 -13.57
CA HIS D 255 -36.31 4.10 -14.26
C HIS D 255 -36.91 4.06 -15.68
N LEU D 256 -36.70 2.96 -16.43
CA LEU D 256 -37.17 2.86 -17.82
C LEU D 256 -38.43 2.00 -18.05
N GLY D 257 -39.10 1.59 -16.97
CA GLY D 257 -40.34 0.82 -17.07
C GLY D 257 -40.19 -0.66 -17.39
N PHE D 258 -39.02 -1.25 -17.09
CA PHE D 258 -38.86 -2.70 -17.09
C PHE D 258 -39.12 -3.19 -15.68
N ASN D 259 -39.39 -4.48 -15.54
CA ASN D 259 -39.67 -5.05 -14.23
C ASN D 259 -38.58 -6.07 -13.81
N PRO D 260 -38.50 -6.38 -12.50
CA PRO D 260 -37.42 -7.23 -11.97
C PRO D 260 -37.18 -8.57 -12.68
N LYS D 261 -38.23 -9.31 -13.02
CA LYS D 261 -38.11 -10.59 -13.73
C LYS D 261 -37.42 -10.50 -15.11
N GLN D 262 -37.51 -9.33 -15.77
CA GLN D 262 -36.75 -9.08 -17.02
C GLN D 262 -35.23 -8.87 -16.81
N VAL D 263 -34.86 -8.42 -15.62
CA VAL D 263 -33.47 -8.07 -15.27
C VAL D 263 -32.70 -9.25 -14.66
N GLU D 264 -33.35 -9.95 -13.73
CA GLU D 264 -32.72 -10.98 -12.88
C GLU D 264 -31.78 -11.96 -13.61
N PRO D 265 -32.22 -12.51 -14.75
CA PRO D 265 -31.35 -13.48 -15.44
C PRO D 265 -30.00 -12.95 -15.94
N GLY D 266 -29.84 -11.62 -16.06
CA GLY D 266 -28.54 -11.01 -16.37
C GLY D 266 -27.61 -10.72 -15.20
N ILE D 267 -28.10 -10.92 -13.97
CA ILE D 267 -27.35 -10.55 -12.77
C ILE D 267 -26.32 -11.63 -12.45
N TYR D 268 -25.06 -11.21 -12.33
CA TYR D 268 -23.92 -12.08 -11.99
C TYR D 268 -22.92 -11.48 -10.98
N ALA D 269 -22.99 -10.17 -10.71
CA ALA D 269 -21.83 -9.42 -10.18
C ALA D 269 -21.74 -9.33 -8.64
N GLY D 270 -22.64 -10.00 -7.92
CA GLY D 270 -22.63 -10.00 -6.46
C GLY D 270 -21.35 -10.48 -5.81
N ASN D 271 -20.66 -11.42 -6.48
CA ASN D 271 -19.35 -11.93 -6.05
C ASN D 271 -18.17 -11.46 -6.91
N VAL D 272 -18.39 -10.51 -7.81
CA VAL D 272 -17.36 -10.06 -8.75
C VAL D 272 -17.02 -8.59 -8.62
N GLY D 273 -18.05 -7.73 -8.56
CA GLY D 273 -17.86 -6.29 -8.60
C GLY D 273 -17.84 -5.78 -10.02
N ASP D 274 -17.35 -4.57 -10.18
CA ASP D 274 -17.37 -3.85 -11.46
C ASP D 274 -16.30 -4.39 -12.42
N ALA D 275 -16.74 -4.98 -13.53
CA ALA D 275 -15.84 -5.44 -14.60
C ALA D 275 -15.86 -4.54 -15.85
N GLY D 276 -16.36 -3.31 -15.71
CA GLY D 276 -16.30 -2.30 -16.76
C GLY D 276 -16.85 -2.75 -18.11
N SER D 277 -16.00 -2.67 -19.13
CA SER D 277 -16.33 -3.07 -20.51
C SER D 277 -16.89 -4.47 -20.62
N ALA D 278 -16.49 -5.35 -19.72
CA ALA D 278 -16.99 -6.71 -19.72
C ALA D 278 -18.42 -6.83 -19.21
N SER D 279 -18.87 -5.91 -18.36
CA SER D 279 -20.10 -6.15 -17.58
C SER D 279 -21.41 -6.31 -18.38
N PRO D 280 -21.66 -5.45 -19.39
CA PRO D 280 -22.86 -5.70 -20.19
C PRO D 280 -22.78 -7.01 -21.00
N LEU D 281 -21.59 -7.31 -21.51
CA LEU D 281 -21.37 -8.55 -22.28
C LEU D 281 -21.47 -9.80 -21.41
N LEU D 282 -21.05 -9.71 -20.15
CA LEU D 282 -21.19 -10.81 -19.20
C LEU D 282 -22.65 -11.01 -18.81
N GLY D 283 -23.39 -9.92 -18.65
CA GLY D 283 -24.84 -10.02 -18.45
C GLY D 283 -25.53 -10.74 -19.61
N LEU D 284 -25.18 -10.34 -20.83
CA LEU D 284 -25.69 -11.00 -22.04
C LEU D 284 -25.35 -12.49 -22.08
N ILE D 285 -24.09 -12.83 -21.77
CA ILE D 285 -23.67 -14.23 -21.70
C ILE D 285 -24.51 -15.02 -20.69
N ASN D 286 -24.76 -14.40 -19.53
CA ASN D 286 -25.54 -15.04 -18.46
C ASN D 286 -26.98 -15.31 -18.90
N VAL D 287 -27.53 -14.40 -19.73
CA VAL D 287 -28.85 -14.62 -20.34
C VAL D 287 -28.82 -15.79 -21.37
N LEU D 288 -27.95 -15.67 -22.36
CA LEU D 288 -27.85 -16.68 -23.43
C LEU D 288 -27.56 -18.10 -22.94
N ASP D 289 -26.86 -18.22 -21.81
CA ASP D 289 -26.65 -19.54 -21.17
C ASP D 289 -27.94 -20.31 -20.86
N GLN D 290 -29.05 -19.60 -20.62
CA GLN D 290 -30.33 -20.24 -20.26
C GLN D 290 -31.55 -19.83 -21.12
N ALA D 291 -31.36 -18.99 -22.15
CA ALA D 291 -32.48 -18.46 -22.94
C ALA D 291 -33.06 -19.49 -23.89
N ARG D 292 -34.25 -19.18 -24.40
CA ARG D 292 -35.00 -20.07 -25.29
C ARG D 292 -35.21 -19.46 -26.68
N PRO D 293 -35.33 -20.32 -27.72
CA PRO D 293 -35.56 -19.81 -29.09
C PRO D 293 -36.79 -18.93 -29.20
N GLY D 294 -36.66 -17.81 -29.90
CA GLY D 294 -37.72 -16.83 -30.03
C GLY D 294 -37.60 -15.63 -29.11
N GLN D 295 -36.83 -15.74 -28.01
CA GLN D 295 -36.85 -14.69 -27.00
C GLN D 295 -36.10 -13.43 -27.43
N LYS D 296 -36.53 -12.31 -26.88
CA LYS D 296 -36.08 -10.97 -27.25
C LYS D 296 -35.26 -10.36 -26.11
N ILE D 297 -34.08 -9.85 -26.49
CA ILE D 297 -33.16 -9.24 -25.53
C ILE D 297 -32.90 -7.79 -25.91
N LEU D 298 -32.96 -6.89 -24.92
CA LEU D 298 -32.47 -5.52 -25.08
C LEU D 298 -31.25 -5.34 -24.20
N LEU D 299 -30.15 -4.89 -24.81
CA LEU D 299 -28.88 -4.65 -24.12
C LEU D 299 -28.56 -3.16 -24.21
N VAL D 300 -28.42 -2.48 -23.07
CA VAL D 300 -28.03 -1.05 -23.05
C VAL D 300 -26.86 -0.77 -22.08
N SER D 301 -25.68 -0.54 -22.66
CA SER D 301 -24.45 -0.30 -21.88
C SER D 301 -24.32 1.18 -21.49
N TYR D 302 -23.26 1.51 -20.76
CA TYR D 302 -22.99 2.88 -20.35
C TYR D 302 -21.52 3.09 -20.14
N GLY D 303 -20.96 4.04 -20.89
CA GLY D 303 -19.59 4.47 -20.71
C GLY D 303 -19.60 5.85 -20.09
N PHE D 304 -18.91 6.02 -18.97
CA PHE D 304 -18.69 7.35 -18.43
C PHE D 304 -17.93 8.20 -19.46
N GLY D 305 -18.16 9.51 -19.45
CA GLY D 305 -17.54 10.40 -20.44
C GLY D 305 -18.37 11.38 -21.28
N ALA D 306 -19.56 11.04 -21.76
CA ALA D 306 -20.28 9.79 -21.52
C ALA D 306 -21.10 9.41 -22.73
N GLY D 307 -21.59 8.17 -22.72
CA GLY D 307 -22.41 7.67 -23.82
C GLY D 307 -23.00 6.30 -23.54
N SER D 308 -23.77 5.81 -24.50
CA SER D 308 -24.51 4.57 -24.33
C SER D 308 -24.75 3.89 -25.68
N ASP D 309 -24.54 2.56 -25.70
CA ASP D 309 -24.83 1.71 -26.85
C ASP D 309 -26.02 0.80 -26.51
N ALA D 310 -27.06 0.87 -27.33
CA ALA D 310 -28.24 0.00 -27.22
C ALA D 310 -28.25 -0.97 -28.40
N ILE D 311 -28.48 -2.26 -28.11
CA ILE D 311 -28.54 -3.33 -29.10
C ILE D 311 -29.75 -4.22 -28.80
N ALA D 312 -30.49 -4.57 -29.86
CA ALA D 312 -31.63 -5.51 -29.75
C ALA D 312 -31.27 -6.84 -30.39
N LEU D 313 -31.59 -7.95 -29.71
CA LEU D 313 -31.31 -9.29 -30.24
C LEU D 313 -32.51 -10.22 -30.15
N THR D 314 -32.48 -11.23 -31.05
CA THR D 314 -33.47 -12.29 -31.06
C THR D 314 -32.73 -13.63 -30.96
N VAL D 315 -33.13 -14.46 -30.00
CA VAL D 315 -32.51 -15.78 -29.81
C VAL D 315 -33.08 -16.76 -30.84
N THR D 316 -32.21 -17.63 -31.40
CA THR D 316 -32.58 -18.57 -32.47
C THR D 316 -32.69 -20.01 -32.00
N ASP D 317 -33.19 -20.87 -32.90
CA ASP D 317 -33.23 -22.33 -32.67
C ASP D 317 -31.88 -22.95 -32.30
N ALA D 318 -30.81 -22.42 -32.90
CA ALA D 318 -29.44 -22.92 -32.65
C ALA D 318 -28.99 -22.83 -31.18
N ILE D 319 -29.64 -21.98 -30.38
CA ILE D 319 -29.30 -21.86 -28.96
C ILE D 319 -29.40 -23.20 -28.22
N GLU D 320 -30.35 -24.06 -28.61
CA GLU D 320 -30.51 -25.35 -27.92
C GLU D 320 -29.31 -26.29 -28.11
N GLN D 321 -28.80 -26.37 -29.33
CA GLN D 321 -27.60 -27.15 -29.61
C GLN D 321 -26.38 -26.53 -28.90
N TYR D 322 -26.21 -25.22 -29.02
CA TYR D 322 -25.11 -24.52 -28.31
C TYR D 322 -25.10 -24.81 -26.80
N GLN D 323 -26.29 -24.81 -26.19
CA GLN D 323 -26.45 -25.07 -24.75
C GLN D 323 -26.21 -26.52 -24.33
N LYS D 324 -26.21 -27.47 -25.26
CA LYS D 324 -26.19 -28.90 -24.91
C LYS D 324 -24.96 -29.30 -24.10
N HIS D 325 -23.78 -28.93 -24.59
CA HIS D 325 -22.51 -29.14 -23.88
C HIS D 325 -21.80 -27.80 -23.72
N ASN D 326 -22.23 -27.05 -22.71
CA ASN D 326 -21.76 -25.69 -22.45
C ASN D 326 -21.57 -25.52 -20.96
N LYS D 327 -20.44 -24.93 -20.56
CA LYS D 327 -20.20 -24.58 -19.17
C LYS D 327 -20.74 -23.16 -18.96
N PRO D 328 -21.82 -23.02 -18.18
CA PRO D 328 -22.35 -21.67 -17.99
C PRO D 328 -21.45 -20.78 -17.12
N LEU D 329 -21.66 -19.48 -17.25
CA LEU D 329 -20.94 -18.47 -16.46
C LEU D 329 -21.19 -18.65 -14.97
N ARG D 330 -22.43 -18.93 -14.59
CA ARG D 330 -22.80 -19.26 -13.20
C ARG D 330 -21.86 -20.31 -12.58
N GLU D 331 -21.52 -21.35 -13.34
CA GLU D 331 -20.60 -22.41 -12.89
C GLU D 331 -19.15 -21.91 -12.80
N LEU D 332 -18.69 -21.22 -13.84
CA LEU D 332 -17.35 -20.59 -13.83
C LEU D 332 -17.10 -19.73 -12.57
N LEU D 333 -18.09 -18.91 -12.21
CA LEU D 333 -18.02 -18.03 -11.04
C LEU D 333 -18.01 -18.76 -9.68
N GLU D 334 -18.27 -20.07 -9.65
CA GLU D 334 -18.09 -20.86 -8.42
C GLU D 334 -16.61 -21.11 -8.07
N SER D 335 -15.71 -21.01 -9.05
CA SER D 335 -14.26 -21.18 -8.80
C SER D 335 -13.65 -19.94 -8.14
N LYS D 336 -13.22 -20.08 -6.88
CA LYS D 336 -12.69 -18.94 -6.15
C LYS D 336 -11.68 -19.29 -5.04
N ILE D 337 -10.77 -18.34 -4.81
CA ILE D 337 -9.78 -18.39 -3.72
C ILE D 337 -9.90 -17.10 -2.92
N TYR D 338 -10.25 -17.18 -1.64
CA TYR D 338 -10.31 -16.00 -0.78
C TYR D 338 -8.92 -15.51 -0.34
N VAL D 339 -8.74 -14.19 -0.35
CA VAL D 339 -7.50 -13.57 0.16
C VAL D 339 -7.87 -12.44 1.11
N ASP D 340 -6.94 -12.05 1.97
CA ASP D 340 -7.15 -10.92 2.89
C ASP D 340 -6.74 -9.59 2.22
N TYR D 341 -7.00 -8.48 2.91
CA TYR D 341 -6.76 -7.15 2.34
C TYR D 341 -5.29 -6.93 1.96
N GLY D 342 -4.40 -7.26 2.89
CA GLY D 342 -2.95 -7.12 2.69
C GLY D 342 -2.43 -7.86 1.47
N THR D 343 -2.88 -9.12 1.33
CA THR D 343 -2.57 -9.94 0.18
C THR D 343 -3.14 -9.37 -1.12
N SER D 344 -4.36 -8.82 -1.07
CA SER D 344 -4.98 -8.23 -2.27
C SER D 344 -4.17 -7.04 -2.77
N ILE D 345 -3.71 -6.22 -1.83
CA ILE D 345 -2.90 -5.04 -2.12
C ILE D 345 -1.54 -5.43 -2.70
N LYS D 346 -0.95 -6.50 -2.16
CA LYS D 346 0.30 -7.04 -2.72
C LYS D 346 0.11 -7.51 -4.17
N TYR D 347 -0.87 -8.39 -4.36
CA TYR D 347 -1.21 -8.97 -5.66
C TYR D 347 -1.53 -7.93 -6.74
N GLU D 348 -2.19 -6.84 -6.34
CA GLU D 348 -2.59 -5.77 -7.28
C GLU D 348 -1.59 -4.62 -7.39
N PHE D 349 -0.41 -4.79 -6.79
CA PHE D 349 0.66 -3.78 -6.86
C PHE D 349 0.23 -2.40 -6.36
N LYS D 350 -0.38 -2.36 -5.18
CA LYS D 350 -0.87 -1.10 -4.60
C LYS D 350 -0.12 -0.66 -3.32
N TYR D 351 1.01 -1.31 -2.98
CA TYR D 351 1.93 -0.78 -1.97
C TYR D 351 2.87 0.20 -2.64
N LEU D 352 3.21 1.26 -1.91
CA LEU D 352 4.15 2.27 -2.37
C LEU D 352 5.56 1.76 -2.06
N ARG D 353 6.10 0.99 -2.99
CA ARG D 353 7.43 0.40 -2.88
C ARG D 353 8.41 1.28 -3.63
N ALA D 354 9.70 0.93 -3.54
CA ALA D 354 10.74 1.71 -4.20
C ALA D 354 10.60 1.64 -5.72
N ASP D 355 10.87 2.75 -6.39
CA ASP D 355 10.80 2.81 -7.86
C ASP D 355 11.79 1.84 -8.55
N TYR D 356 12.94 1.59 -7.92
CA TYR D 356 13.97 0.69 -8.45
C TYR D 356 14.23 -0.39 -7.40
N ALA D 357 14.04 -1.64 -7.80
CA ALA D 357 14.17 -2.78 -6.90
C ALA D 357 15.55 -3.43 -7.02
N LEU D 358 16.16 -3.79 -5.89
CA LEU D 358 17.49 -4.39 -5.88
C LEU D 358 17.40 -5.91 -5.93
N THR D 359 16.50 -6.44 -5.13
CA THR D 359 16.07 -7.83 -5.21
C THR D 359 14.55 -7.80 -5.09
N ALA D 360 13.93 -8.97 -4.94
CA ALA D 360 12.50 -9.04 -4.66
C ALA D 360 12.09 -8.31 -3.37
N TYR D 361 12.99 -8.26 -2.39
CA TYR D 361 12.66 -7.77 -1.06
C TYR D 361 13.69 -6.78 -0.48
N LEU D 362 14.38 -6.02 -1.34
CA LEU D 362 15.38 -5.03 -0.88
C LEU D 362 15.47 -3.76 -1.76
N SER E 2 2.45 15.01 -12.91
CA SER E 2 3.77 14.36 -12.69
C SER E 2 4.59 14.37 -14.00
N MET E 3 4.18 13.50 -14.94
CA MET E 3 4.80 13.41 -16.26
C MET E 3 4.47 14.62 -17.16
N TYR E 4 3.34 15.29 -16.90
CA TYR E 4 2.90 16.46 -17.65
C TYR E 4 2.81 17.66 -16.71
N PRO E 5 3.87 18.49 -16.63
CA PRO E 5 3.90 19.61 -15.68
C PRO E 5 3.13 20.86 -16.15
N GLU E 6 1.84 20.70 -16.41
CA GLU E 6 0.94 21.82 -16.75
C GLU E 6 0.32 22.26 -15.45
N GLN E 7 0.38 23.54 -15.15
CA GLN E 7 -0.12 24.06 -13.87
C GLN E 7 -1.64 23.93 -13.78
N ILE E 8 -2.09 23.42 -12.65
CA ILE E 8 -3.50 23.18 -12.39
C ILE E 8 -4.09 24.40 -11.65
N HIS E 9 -5.34 24.74 -11.93
CA HIS E 9 -5.98 25.91 -11.31
C HIS E 9 -6.20 25.75 -9.82
N ARG E 10 -5.90 26.80 -9.05
CA ARG E 10 -6.12 26.81 -7.60
C ARG E 10 -6.39 28.24 -7.12
N MET E 11 -7.61 28.53 -6.66
CA MET E 11 -7.96 29.90 -6.22
C MET E 11 -7.03 30.41 -5.12
N THR E 12 -6.75 29.55 -4.13
CA THR E 12 -6.09 29.97 -2.90
C THR E 12 -4.81 29.18 -2.62
N THR E 13 -3.74 29.94 -2.31
CA THR E 13 -2.47 29.41 -1.86
C THR E 13 -2.03 30.23 -0.66
N ALA E 14 -1.74 29.58 0.46
CA ALA E 14 -1.35 30.30 1.68
C ALA E 14 0.09 30.82 1.66
N SER E 15 0.27 32.06 2.09
CA SER E 15 1.59 32.60 2.44
C SER E 15 2.04 32.01 3.78
N MET E 16 3.36 31.80 3.90
CA MET E 16 3.99 31.43 5.17
C MET E 16 3.68 32.39 6.35
N LEU E 17 3.40 33.65 6.03
CA LEU E 17 3.05 34.67 7.03
C LEU E 17 1.92 34.26 7.97
N ARG E 18 0.93 33.54 7.46
CA ARG E 18 -0.22 33.15 8.27
C ARG E 18 0.19 32.37 9.52
N GLU E 19 0.87 31.24 9.31
CA GLU E 19 1.29 30.37 10.40
C GLU E 19 2.46 30.96 11.20
N TRP E 20 3.35 31.67 10.52
CA TRP E 20 4.48 32.35 11.17
C TRP E 20 4.00 33.15 12.38
N ARG E 21 2.98 33.99 12.19
CA ARG E 21 2.45 34.82 13.29
C ARG E 21 1.72 34.03 14.40
N GLU E 22 1.28 32.80 14.12
CA GLU E 22 0.52 32.00 15.11
C GLU E 22 1.32 30.88 15.81
N HIS E 23 2.64 30.84 15.63
CA HIS E 23 3.45 29.81 16.29
C HIS E 23 3.27 29.79 17.83
N GLY E 24 3.09 30.96 18.44
CA GLY E 24 2.80 31.06 19.86
C GLY E 24 1.49 30.37 20.22
N GLY E 25 0.45 30.66 19.45
CA GLY E 25 -0.86 30.06 19.70
C GLY E 25 -0.90 28.56 19.46
N LYS E 26 -0.23 28.09 18.41
CA LYS E 26 -0.41 26.72 17.92
C LYS E 26 0.66 25.73 18.39
N TYR E 27 1.90 26.20 18.58
CA TYR E 27 2.97 25.37 19.15
C TYR E 27 3.00 25.45 20.68
N ARG E 28 2.66 26.62 21.24
CA ARG E 28 2.88 26.90 22.66
C ARG E 28 1.61 27.20 23.48
N LEU E 29 0.44 27.07 22.86
CA LEU E 29 -0.85 27.35 23.51
C LEU E 29 -0.87 28.73 24.21
N GLU E 30 -0.37 29.74 23.47
CA GLU E 30 -0.37 31.13 23.94
C GLU E 30 -1.65 31.83 23.50
N GLY E 31 -2.44 32.21 24.49
CA GLY E 31 -3.51 33.18 24.29
C GLY E 31 -3.05 34.55 24.74
N SER E 32 -3.96 35.31 25.33
CA SER E 32 -3.70 36.69 25.72
C SER E 32 -4.20 36.95 27.13
N GLN E 33 -3.49 37.84 27.83
CA GLN E 33 -3.90 38.35 29.14
C GLN E 33 -3.88 39.88 29.15
N CYS E 34 -4.90 40.49 29.76
CA CYS E 34 -4.96 41.94 29.88
C CYS E 34 -4.06 42.44 31.02
N GLU E 35 -3.24 43.45 30.75
CA GLU E 35 -2.33 44.01 31.75
C GLU E 35 -3.05 44.83 32.81
N GLU E 36 -4.21 45.41 32.46
CA GLU E 36 -4.96 46.26 33.39
C GLU E 36 -5.86 45.47 34.33
N CYS E 37 -6.65 44.54 33.80
CA CYS E 37 -7.61 43.75 34.60
C CYS E 37 -7.29 42.25 34.78
N ASN E 38 -6.22 41.75 34.15
CA ASN E 38 -5.75 40.34 34.26
C ASN E 38 -6.65 39.24 33.70
N GLU E 39 -7.69 39.60 32.94
CA GLU E 39 -8.55 38.61 32.31
C GLU E 39 -7.75 37.87 31.23
N ILE E 40 -8.10 36.61 31.03
CA ILE E 40 -7.41 35.74 30.08
C ILE E 40 -8.37 35.27 28.98
N PHE E 41 -7.80 35.06 27.79
CA PHE E 41 -8.53 34.70 26.59
C PHE E 41 -7.72 33.73 25.74
N PHE E 42 -8.41 32.81 25.07
CA PHE E 42 -7.85 32.03 23.96
C PHE E 42 -8.88 31.96 22.82
N PRO E 43 -8.48 32.20 21.57
CA PRO E 43 -7.10 32.50 21.14
C PRO E 43 -6.68 33.95 21.36
N ARG E 44 -5.41 34.22 21.08
CA ARG E 44 -4.78 35.54 21.21
C ARG E 44 -5.58 36.67 20.55
N ARG E 45 -5.43 37.87 21.08
CA ARG E 45 -6.22 39.03 20.64
C ARG E 45 -5.53 40.36 20.96
N THR E 46 -6.05 41.43 20.40
CA THR E 46 -5.44 42.76 20.49
C THR E 46 -6.14 43.69 21.50
N VAL E 47 -7.44 43.49 21.71
CA VAL E 47 -8.22 44.34 22.61
C VAL E 47 -8.78 43.45 23.71
N CYS E 48 -8.61 43.85 24.96
CA CYS E 48 -9.25 43.13 26.06
C CYS E 48 -10.78 43.24 25.91
N GLY E 49 -11.47 42.11 25.91
CA GLY E 49 -12.93 42.09 25.78
C GLY E 49 -13.70 42.58 27.00
N ALA E 50 -13.07 42.45 28.18
CA ALA E 50 -13.70 42.85 29.44
C ALA E 50 -13.73 44.37 29.58
N CYS E 51 -12.57 45.01 29.38
CA CYS E 51 -12.40 46.45 29.66
C CYS E 51 -11.97 47.32 28.45
N ASN E 52 -11.73 46.72 27.29
CA ASN E 52 -11.38 47.43 26.03
C ASN E 52 -10.01 48.14 26.06
N SER E 53 -9.12 47.69 26.93
CA SER E 53 -7.73 48.15 26.94
C SER E 53 -6.95 47.49 25.80
N LEU E 54 -6.02 48.24 25.24
CA LEU E 54 -5.07 47.73 24.25
C LEU E 54 -3.79 47.18 24.90
N SER E 55 -3.63 47.35 26.21
CA SER E 55 -2.50 46.77 26.96
C SER E 55 -2.74 45.29 27.22
N VAL E 56 -2.42 44.48 26.23
CA VAL E 56 -2.64 43.05 26.26
C VAL E 56 -1.32 42.37 25.93
N LYS E 57 -1.00 41.29 26.64
CA LYS E 57 0.27 40.60 26.44
C LYS E 57 0.02 39.12 26.17
N PRO E 58 1.01 38.43 25.58
CA PRO E 58 0.88 36.97 25.44
C PRO E 58 0.74 36.28 26.79
N TYR E 59 -0.02 35.19 26.81
CA TYR E 59 -0.27 34.41 28.02
C TYR E 59 -0.15 32.92 27.71
N ARG E 60 0.74 32.22 28.41
CA ARG E 60 0.84 30.76 28.30
C ARG E 60 -0.34 30.13 29.02
N CYS E 61 -1.27 29.55 28.26
CA CYS E 61 -2.40 28.83 28.86
C CYS E 61 -1.90 27.57 29.58
N ALA E 62 -2.65 27.15 30.59
CA ALA E 62 -2.37 25.89 31.28
C ALA E 62 -2.43 24.75 30.26
N ARG E 63 -1.44 23.87 30.30
CA ARG E 63 -1.36 22.75 29.36
C ARG E 63 -1.96 21.45 29.89
N SER E 64 -2.45 21.47 31.14
CA SER E 64 -3.24 20.37 31.71
C SER E 64 -4.70 20.77 31.84
N GLY E 65 -5.59 19.79 31.79
CA GLY E 65 -7.02 20.05 31.91
C GLY E 65 -7.87 18.79 32.06
N LYS E 66 -9.17 18.94 31.88
CA LYS E 66 -10.14 17.85 31.95
C LYS E 66 -11.02 17.87 30.70
N ILE E 67 -11.57 16.72 30.34
CA ILE E 67 -12.56 16.67 29.26
C ILE E 67 -13.90 17.21 29.78
N GLU E 68 -14.36 18.33 29.24
CA GLU E 68 -15.66 18.91 29.61
C GLU E 68 -16.78 18.17 28.88
N VAL E 69 -16.63 18.06 27.56
CA VAL E 69 -17.56 17.35 26.69
C VAL E 69 -16.78 16.72 25.54
N MET E 70 -17.33 15.61 25.04
CA MET E 70 -16.65 14.75 24.07
C MET E 70 -17.68 14.20 23.07
N ALA E 71 -17.25 13.99 21.82
CA ALA E 71 -18.11 13.44 20.75
C ALA E 71 -17.28 12.76 19.67
N PRO E 72 -17.54 11.46 19.40
CA PRO E 72 -16.92 10.79 18.26
C PRO E 72 -17.32 11.40 16.92
N ALA E 73 -16.34 11.48 16.01
CA ALA E 73 -16.55 11.81 14.61
C ALA E 73 -16.19 10.58 13.80
N GLU E 74 -17.23 9.92 13.27
CA GLU E 74 -17.13 8.68 12.48
C GLU E 74 -17.75 8.74 11.10
N ASN E 75 -18.47 9.82 10.78
CA ASN E 75 -19.23 9.92 9.53
C ASN E 75 -18.28 10.19 8.34
N PRO E 76 -18.15 9.22 7.40
CA PRO E 76 -17.26 9.42 6.24
C PRO E 76 -17.57 10.68 5.43
N ILE E 77 -18.87 11.00 5.33
CA ILE E 77 -19.35 12.21 4.63
C ILE E 77 -18.65 13.49 5.14
N LEU E 78 -18.34 13.55 6.43
CA LEU E 78 -17.71 14.73 7.03
C LEU E 78 -16.20 14.60 7.26
N ALA E 79 -15.56 13.61 6.65
CA ALA E 79 -14.10 13.48 6.78
C ALA E 79 -13.39 14.57 5.98
N ALA E 80 -12.64 15.42 6.68
CA ALA E 80 -11.85 16.47 6.02
C ALA E 80 -10.57 15.90 5.40
N MET E 81 -10.08 16.53 4.33
CA MET E 81 -8.82 16.12 3.71
C MET E 81 -7.69 16.32 4.71
N GLY E 82 -6.82 15.31 4.79
CA GLY E 82 -5.78 15.26 5.81
C GLY E 82 -6.18 14.57 7.11
N TYR E 83 -7.47 14.31 7.32
CA TYR E 83 -7.96 13.68 8.56
C TYR E 83 -8.79 12.41 8.29
N GLY E 84 -8.68 11.86 7.09
CA GLY E 84 -9.45 10.67 6.72
C GLY E 84 -8.89 9.33 7.18
N GLU E 85 -7.64 9.31 7.60
CA GLU E 85 -6.93 8.06 7.88
C GLU E 85 -7.25 7.52 9.27
N THR E 86 -7.49 8.42 10.23
CA THR E 86 -7.80 8.02 11.61
C THR E 86 -9.31 8.10 11.81
N VAL E 87 -9.93 6.96 12.12
CA VAL E 87 -11.37 6.82 12.32
C VAL E 87 -11.62 5.79 13.44
N PRO E 88 -12.32 6.16 14.52
CA PRO E 88 -12.94 7.48 14.74
C PRO E 88 -11.94 8.55 15.15
N ARG E 89 -12.38 9.81 15.15
CA ARG E 89 -11.63 10.86 15.86
C ARG E 89 -12.47 11.26 17.06
N ILE E 90 -11.84 11.46 18.22
CA ILE E 90 -12.58 11.79 19.44
C ILE E 90 -12.48 13.31 19.66
N MET E 91 -13.50 14.03 19.21
CA MET E 91 -13.50 15.49 19.34
C MET E 91 -13.86 15.84 20.77
N ALA E 92 -13.25 16.88 21.32
CA ALA E 92 -13.52 17.30 22.70
C ALA E 92 -13.38 18.79 22.95
N MET E 93 -14.16 19.28 23.90
CA MET E 93 -13.93 20.56 24.54
C MET E 93 -13.16 20.28 25.83
N VAL E 94 -11.94 20.79 25.91
CA VAL E 94 -11.05 20.56 27.03
C VAL E 94 -11.09 21.79 27.93
N ARG E 95 -11.44 21.60 29.19
CA ARG E 95 -11.33 22.65 30.20
C ARG E 95 -9.95 22.63 30.86
N LEU E 96 -9.17 23.67 30.57
CA LEU E 96 -7.83 23.79 31.13
C LEU E 96 -7.88 24.17 32.60
N ASP E 97 -6.80 23.88 33.33
CA ASP E 97 -6.70 24.19 34.77
C ASP E 97 -6.81 25.68 35.12
N ASP E 98 -6.53 26.58 34.18
CA ASP E 98 -6.76 28.03 34.35
C ASP E 98 -8.20 28.51 34.04
N GLY E 99 -9.10 27.59 33.69
CA GLY E 99 -10.50 27.94 33.41
C GLY E 99 -10.88 28.09 31.94
N LEU E 100 -9.91 28.33 31.06
CA LEU E 100 -10.21 28.45 29.62
C LEU E 100 -10.66 27.12 29.01
N VAL E 101 -11.37 27.19 27.88
CA VAL E 101 -11.79 25.99 27.17
C VAL E 101 -11.25 25.98 25.73
N ILE E 102 -10.72 24.82 25.33
CA ILE E 102 -10.06 24.63 24.04
C ILE E 102 -10.82 23.58 23.24
N ALA E 103 -11.06 23.86 21.96
CA ALA E 103 -11.65 22.88 21.06
C ALA E 103 -10.52 22.06 20.44
N SER E 104 -10.53 20.74 20.66
CA SER E 104 -9.45 19.88 20.18
C SER E 104 -9.92 18.43 20.01
N GLU E 105 -8.97 17.48 20.01
CA GLU E 105 -9.29 16.05 20.00
C GLU E 105 -8.36 15.28 20.93
N ILE E 106 -8.84 14.11 21.35
CA ILE E 106 -8.09 13.21 22.21
C ILE E 106 -7.48 12.10 21.35
N VAL E 107 -6.18 11.85 21.52
CA VAL E 107 -5.49 10.81 20.76
C VAL E 107 -4.71 9.89 21.69
N ASP E 108 -4.21 8.78 21.13
CA ASP E 108 -3.41 7.80 21.87
C ASP E 108 -4.12 7.20 23.08
N VAL E 109 -5.38 6.84 22.91
CA VAL E 109 -6.16 6.26 24.00
C VAL E 109 -5.80 4.78 24.15
N CYS E 110 -4.95 4.50 25.14
CA CYS E 110 -4.41 3.14 25.38
C CYS E 110 -5.37 2.27 26.16
N ASP E 111 -6.13 2.88 27.07
CA ASP E 111 -7.19 2.22 27.83
C ASP E 111 -8.52 2.97 27.62
N GLN E 112 -9.39 2.40 26.78
CA GLN E 112 -10.70 2.99 26.45
C GLN E 112 -11.59 3.27 27.68
N GLN E 113 -11.49 2.44 28.71
CA GLN E 113 -12.27 2.65 29.94
C GLN E 113 -11.88 3.91 30.73
N GLN E 114 -10.73 4.50 30.41
CA GLN E 114 -10.32 5.78 30.99
C GLN E 114 -10.82 7.01 30.22
N LEU E 115 -11.37 6.79 29.02
CA LEU E 115 -11.87 7.91 28.20
C LEU E 115 -13.29 8.24 28.63
N LYS E 116 -13.44 9.28 29.44
CA LYS E 116 -14.75 9.69 29.97
C LYS E 116 -14.75 11.18 30.34
N VAL E 117 -15.95 11.73 30.52
CA VAL E 117 -16.10 13.13 30.91
C VAL E 117 -15.46 13.32 32.29
N GLY E 118 -14.69 14.40 32.42
CA GLY E 118 -13.91 14.66 33.64
C GLY E 118 -12.52 14.06 33.65
N ALA E 119 -12.16 13.27 32.64
CA ALA E 119 -10.84 12.64 32.60
C ALA E 119 -9.74 13.68 32.40
N PRO E 120 -8.63 13.56 33.14
CA PRO E 120 -7.52 14.50 32.99
C PRO E 120 -6.74 14.30 31.69
N VAL E 121 -6.38 15.42 31.05
CA VAL E 121 -5.65 15.44 29.78
C VAL E 121 -4.49 16.43 29.80
N ARG E 122 -3.53 16.21 28.90
CA ARG E 122 -2.41 17.14 28.68
C ARG E 122 -2.13 17.36 27.19
N MET E 123 -1.64 18.57 26.90
CA MET E 123 -1.34 19.01 25.54
C MET E 123 -0.14 18.27 24.94
N VAL E 124 -0.24 17.96 23.65
CA VAL E 124 0.90 17.41 22.89
C VAL E 124 0.95 18.07 21.52
N ILE E 125 2.14 18.15 20.95
CA ILE E 125 2.33 18.72 19.62
C ILE E 125 2.28 17.59 18.60
N ARG E 126 1.43 17.79 17.59
CA ARG E 126 1.18 16.83 16.52
C ARG E 126 1.12 17.50 15.16
N LYS E 127 1.25 16.67 14.13
CA LYS E 127 1.19 17.06 12.73
C LYS E 127 -0.27 17.16 12.34
N HIS E 128 -0.64 18.26 11.70
CA HIS E 128 -2.02 18.51 11.26
C HIS E 128 -1.98 18.55 9.73
N VAL E 129 -3.10 18.90 9.09
CA VAL E 129 -3.15 18.93 7.61
C VAL E 129 -2.09 19.85 7.00
N ARG E 130 -1.40 19.33 5.99
CA ARG E 130 -0.27 20.03 5.36
C ARG E 130 -0.73 21.33 4.71
N GLU E 131 0.12 22.36 4.77
CA GLU E 131 -0.23 23.68 4.22
C GLU E 131 -0.26 23.72 2.68
N SER E 132 -1.06 24.63 2.12
CA SER E 132 -1.13 24.82 0.66
C SER E 132 0.15 25.39 0.01
N ASN E 133 1.10 25.84 0.83
CA ASN E 133 2.45 26.17 0.36
C ASN E 133 3.51 25.06 0.57
N LEU E 134 3.05 23.84 0.91
CA LEU E 134 3.90 22.63 1.09
C LEU E 134 4.60 22.46 2.44
N ALA E 135 4.55 23.47 3.31
CA ALA E 135 5.13 23.33 4.65
C ALA E 135 4.30 22.39 5.49
N TRP E 136 4.95 21.60 6.34
CA TRP E 136 4.23 20.73 7.27
C TRP E 136 3.56 21.62 8.33
N GLN E 137 2.31 21.32 8.67
CA GLN E 137 1.62 22.05 9.74
C GLN E 137 1.72 21.27 11.05
N TYR E 138 2.13 21.96 12.11
CA TYR E 138 2.18 21.41 13.46
C TYR E 138 1.29 22.25 14.39
N ALA E 139 0.63 21.57 15.31
CA ALA E 139 -0.24 22.23 16.30
C ALA E 139 -0.59 21.28 17.44
N TYR E 140 -1.38 21.78 18.38
CA TYR E 140 -1.77 20.99 19.55
C TYR E 140 -2.82 19.92 19.26
N LYS E 141 -2.77 18.88 20.08
CA LYS E 141 -3.87 17.94 20.34
C LYS E 141 -3.78 17.58 21.84
N PHE E 142 -4.64 16.70 22.33
CA PHE E 142 -4.55 16.28 23.74
C PHE E 142 -4.47 14.76 23.91
N VAL E 143 -3.83 14.33 25.00
CA VAL E 143 -3.85 12.91 25.39
C VAL E 143 -4.32 12.77 26.83
N LEU E 144 -4.80 11.58 27.17
CA LEU E 144 -5.18 11.27 28.54
C LEU E 144 -3.91 11.25 29.37
N ASP E 145 -3.98 11.82 30.57
CA ASP E 145 -2.83 11.98 31.47
C ASP E 145 -3.13 11.28 32.80
N ILE E 146 -2.57 10.09 33.00
CA ILE E 146 -3.02 9.20 34.09
C ILE E 146 -1.90 8.36 34.72
N ALA F 3 -38.89 57.23 11.03
CA ALA F 3 -39.13 55.77 10.89
C ALA F 3 -40.54 55.48 10.37
N ARG F 4 -40.63 54.56 9.40
CA ARG F 4 -41.89 54.14 8.79
C ARG F 4 -41.92 52.61 8.70
N ARG F 5 -43.12 52.05 8.65
CA ARG F 5 -43.28 50.59 8.69
C ARG F 5 -42.97 49.93 7.36
N VAL F 6 -42.49 48.69 7.45
CA VAL F 6 -42.10 47.90 6.29
C VAL F 6 -42.91 46.60 6.28
N ALA F 7 -43.50 46.34 5.11
CA ALA F 7 -44.37 45.20 4.90
C ALA F 7 -43.73 44.21 3.93
N ILE F 8 -43.92 42.92 4.24
CA ILE F 8 -43.64 41.83 3.32
C ILE F 8 -44.90 41.66 2.48
N VAL F 9 -44.75 41.76 1.15
CA VAL F 9 -45.88 41.57 0.23
C VAL F 9 -45.89 40.21 -0.46
N SER F 10 -44.72 39.56 -0.56
CA SER F 10 -44.66 38.18 -1.02
C SER F 10 -43.37 37.51 -0.53
N ALA F 11 -43.40 36.18 -0.47
CA ALA F 11 -42.22 35.38 -0.09
C ALA F 11 -42.30 34.03 -0.79
N ALA F 12 -41.17 33.56 -1.31
CA ALA F 12 -41.14 32.32 -2.08
C ALA F 12 -39.74 31.75 -2.19
N TYR F 13 -39.65 30.42 -2.31
CA TYR F 13 -38.37 29.73 -2.51
C TYR F 13 -38.51 28.56 -3.47
N THR F 14 -37.39 28.15 -4.05
CA THR F 14 -37.38 27.01 -4.96
C THR F 14 -37.70 25.75 -4.16
N PRO F 15 -38.79 25.04 -4.52
CA PRO F 15 -39.30 23.94 -3.69
C PRO F 15 -38.31 22.78 -3.47
N LYS F 16 -38.53 22.02 -2.40
CA LYS F 16 -37.68 20.91 -1.96
C LYS F 16 -36.21 21.35 -1.74
N PRO F 17 -35.98 22.25 -0.76
CA PRO F 17 -34.65 22.79 -0.49
C PRO F 17 -33.66 21.81 0.16
N GLY F 18 -34.17 20.68 0.65
CA GLY F 18 -33.34 19.54 1.03
C GLY F 18 -32.93 18.64 -0.13
N SER F 19 -33.29 19.04 -1.36
CA SER F 19 -32.87 18.33 -2.58
C SER F 19 -32.05 19.23 -3.49
N SER F 20 -31.22 18.61 -4.34
CA SER F 20 -30.30 19.34 -5.22
C SER F 20 -30.88 19.57 -6.61
N ARG F 21 -30.33 20.59 -7.28
CA ARG F 21 -30.78 21.04 -8.60
C ARG F 21 -29.59 21.10 -9.54
N VAL F 22 -28.93 19.96 -9.73
CA VAL F 22 -27.68 19.93 -10.47
C VAL F 22 -27.77 20.40 -11.93
N ARG F 23 -28.96 20.30 -12.52
CA ARG F 23 -29.19 20.77 -13.88
C ARG F 23 -29.27 22.30 -14.02
N GLN F 24 -29.49 23.02 -12.92
CA GLN F 24 -29.51 24.49 -12.95
C GLN F 24 -28.14 25.10 -12.58
N THR F 25 -27.88 26.31 -13.06
CA THR F 25 -26.81 27.16 -12.53
C THR F 25 -27.38 27.94 -11.34
N PHE F 26 -26.52 28.55 -10.56
CA PHE F 26 -26.99 29.37 -9.45
C PHE F 26 -27.83 30.56 -9.93
N LYS F 27 -27.49 31.13 -11.09
CA LYS F 27 -28.24 32.24 -11.66
C LYS F 27 -29.67 31.85 -12.03
N GLU F 28 -29.79 30.73 -12.74
CA GLU F 28 -31.10 30.16 -13.09
C GLU F 28 -31.97 29.92 -11.84
N MET F 29 -31.34 29.32 -10.82
CA MET F 29 -32.02 29.02 -9.55
C MET F 29 -32.51 30.29 -8.81
N ILE F 30 -31.68 31.33 -8.77
CA ILE F 30 -32.06 32.64 -8.19
C ILE F 30 -33.25 33.26 -8.92
N VAL F 31 -33.17 33.24 -10.26
CA VAL F 31 -34.25 33.78 -11.09
C VAL F 31 -35.59 33.07 -10.81
N GLU F 32 -35.57 31.75 -10.66
CA GLU F 32 -36.80 31.00 -10.41
C GLU F 32 -37.62 31.56 -9.24
N SER F 33 -37.01 31.63 -8.06
CA SER F 33 -37.69 32.12 -6.85
C SER F 33 -38.02 33.62 -6.92
N ALA F 34 -37.10 34.41 -7.49
CA ALA F 34 -37.34 35.85 -7.63
C ALA F 34 -38.59 36.16 -8.47
N TYR F 35 -38.67 35.53 -9.64
CA TYR F 35 -39.79 35.78 -10.55
C TYR F 35 -41.10 35.15 -10.06
N LYS F 36 -41.00 34.04 -9.31
CA LYS F 36 -42.18 33.50 -8.61
C LYS F 36 -42.75 34.49 -7.59
N ALA F 37 -41.86 35.10 -6.78
CA ALA F 37 -42.29 36.08 -5.77
C ALA F 37 -42.84 37.35 -6.40
N LEU F 38 -42.18 37.82 -7.46
CA LEU F 38 -42.69 38.95 -8.26
C LEU F 38 -44.10 38.70 -8.78
N LYS F 39 -44.33 37.50 -9.32
CA LYS F 39 -45.67 37.12 -9.77
C LYS F 39 -46.69 37.10 -8.63
N ASP F 40 -46.35 36.43 -7.52
CA ASP F 40 -47.21 36.43 -6.32
C ASP F 40 -47.62 37.84 -5.87
N ALA F 41 -46.69 38.78 -5.98
CA ALA F 41 -46.95 40.18 -5.58
C ALA F 41 -47.59 41.05 -6.65
N LYS F 42 -47.84 40.52 -7.85
CA LYS F 42 -48.32 41.31 -8.99
C LYS F 42 -47.40 42.52 -9.26
N MET F 43 -46.12 42.21 -9.37
CA MET F 43 -45.06 43.20 -9.46
C MET F 43 -44.14 42.89 -10.63
N HIS F 44 -43.67 43.94 -11.30
CA HIS F 44 -42.73 43.84 -12.41
C HIS F 44 -41.29 43.90 -11.88
N PRO F 45 -40.34 43.13 -12.49
CA PRO F 45 -38.97 43.17 -11.99
C PRO F 45 -38.36 44.59 -11.91
N ARG F 46 -38.66 45.40 -12.91
CA ARG F 46 -38.15 46.77 -12.98
C ARG F 46 -38.77 47.73 -11.96
N GLU F 47 -39.75 47.29 -11.17
CA GLU F 47 -40.18 48.05 -9.98
C GLU F 47 -39.24 47.86 -8.79
N ILE F 48 -38.35 46.86 -8.83
CA ILE F 48 -37.40 46.62 -7.74
C ILE F 48 -36.34 47.71 -7.77
N GLN F 49 -36.17 48.39 -6.63
CA GLN F 49 -35.23 49.51 -6.52
C GLN F 49 -33.88 49.09 -5.94
N ALA F 50 -33.86 48.01 -5.17
CA ALA F 50 -32.62 47.41 -4.67
C ALA F 50 -32.82 45.97 -4.22
N VAL F 51 -31.70 45.24 -4.14
CA VAL F 51 -31.69 43.85 -3.68
C VAL F 51 -30.69 43.69 -2.55
N ALA F 52 -31.04 42.87 -1.56
CA ALA F 52 -30.11 42.41 -0.54
C ALA F 52 -30.10 40.89 -0.60
N TYR F 53 -28.93 40.31 -0.90
CA TYR F 53 -28.87 38.87 -1.16
C TYR F 53 -27.73 38.21 -0.43
N GLY F 54 -27.95 36.98 0.02
CA GLY F 54 -26.95 36.23 0.79
C GLY F 54 -26.44 34.93 0.17
N TYR F 55 -25.19 34.61 0.49
CA TYR F 55 -24.62 33.28 0.21
C TYR F 55 -23.46 32.97 1.15
N HIS F 56 -22.91 31.77 1.10
CA HIS F 56 -21.87 31.38 2.08
C HIS F 56 -20.56 32.12 1.84
N GLY F 57 -20.23 32.32 0.56
CA GLY F 57 -18.96 32.88 0.14
C GLY F 57 -18.54 32.42 -1.25
N GLU F 58 -17.43 32.98 -1.71
CA GLU F 58 -16.91 32.73 -3.05
C GLU F 58 -16.23 31.36 -3.24
N GLY F 59 -15.96 30.63 -2.15
CA GLY F 59 -15.28 29.34 -2.23
C GLY F 59 -16.05 28.18 -2.84
N ILE F 60 -17.36 28.30 -2.95
CA ILE F 60 -18.20 27.22 -3.49
C ILE F 60 -18.15 27.19 -5.01
N SER F 61 -18.53 28.31 -5.63
CA SER F 61 -18.62 28.41 -7.09
C SER F 61 -17.45 29.18 -7.71
N GLU F 62 -16.53 29.68 -6.88
CA GLU F 62 -15.45 30.59 -7.32
C GLU F 62 -15.97 31.87 -8.02
N TYR F 63 -17.13 32.36 -7.59
CA TYR F 63 -17.71 33.64 -8.02
C TYR F 63 -17.79 34.59 -6.82
N GLY F 64 -16.95 35.63 -6.82
CA GLY F 64 -16.95 36.68 -5.80
C GLY F 64 -17.46 38.00 -6.36
N GLY F 65 -17.62 38.99 -5.48
CA GLY F 65 -18.18 40.30 -5.86
C GLY F 65 -19.49 40.11 -6.60
N LEU F 66 -20.40 39.38 -5.98
CA LEU F 66 -21.54 38.79 -6.69
C LEU F 66 -22.70 39.74 -6.98
N GLY F 67 -22.76 40.88 -6.29
CA GLY F 67 -23.88 41.81 -6.42
C GLY F 67 -24.25 42.17 -7.84
N PRO F 68 -23.31 42.76 -8.58
CA PRO F 68 -23.55 43.12 -9.98
C PRO F 68 -24.00 41.94 -10.84
N THR F 69 -23.40 40.77 -10.60
CA THR F 69 -23.76 39.54 -11.29
C THR F 69 -25.25 39.19 -11.07
N ILE F 70 -25.73 39.38 -9.84
CA ILE F 70 -27.15 39.16 -9.52
C ILE F 70 -28.08 40.23 -10.11
N SER F 71 -27.69 41.50 -10.03
CA SER F 71 -28.47 42.58 -10.66
C SER F 71 -28.65 42.36 -12.17
N ASP F 72 -27.59 41.84 -12.82
CA ASP F 72 -27.66 41.46 -14.24
C ASP F 72 -28.53 40.21 -14.48
N ALA F 73 -28.37 39.18 -13.64
CA ALA F 73 -29.17 37.95 -13.78
C ALA F 73 -30.68 38.20 -13.63
N LEU F 74 -31.06 38.99 -12.62
CA LEU F 74 -32.47 39.33 -12.41
C LEU F 74 -33.02 40.32 -13.45
N GLY F 75 -32.14 41.04 -14.13
CA GLY F 75 -32.55 42.00 -15.14
C GLY F 75 -33.10 43.24 -14.47
N ILE F 76 -32.30 43.81 -13.56
CA ILE F 76 -32.68 45.04 -12.84
C ILE F 76 -31.64 46.16 -12.92
N SER F 77 -30.51 45.95 -13.61
CA SER F 77 -29.48 46.97 -13.71
C SER F 77 -30.09 48.30 -14.17
N PRO F 78 -29.73 49.44 -13.56
CA PRO F 78 -28.58 49.59 -12.67
C PRO F 78 -28.85 49.32 -11.18
N ALA F 79 -30.05 48.85 -10.82
CA ALA F 79 -30.42 48.69 -9.41
C ALA F 79 -29.39 47.82 -8.68
N PRO F 80 -28.95 48.26 -7.50
CA PRO F 80 -27.85 47.56 -6.83
C PRO F 80 -28.27 46.31 -6.10
N THR F 81 -27.32 45.39 -5.96
CA THR F 81 -27.44 44.24 -5.08
C THR F 81 -26.35 44.30 -4.00
N PHE F 82 -26.77 44.45 -2.75
CA PHE F 82 -25.91 44.41 -1.58
C PHE F 82 -25.80 42.96 -1.11
N MET F 83 -24.58 42.44 -1.06
CA MET F 83 -24.35 41.05 -0.66
C MET F 83 -24.15 40.90 0.86
N SER F 84 -24.47 39.69 1.32
CA SER F 84 -24.33 39.28 2.70
C SER F 84 -23.65 37.89 2.73
N THR F 85 -22.61 37.75 3.53
CA THR F 85 -21.86 36.49 3.67
C THR F 85 -21.75 36.13 5.14
N ALA F 86 -22.69 35.31 5.62
CA ALA F 86 -22.86 35.09 7.05
C ALA F 86 -23.39 33.71 7.42
N ASN F 87 -22.68 32.67 6.99
CA ASN F 87 -23.03 31.28 7.32
C ASN F 87 -24.52 30.97 7.00
N THR F 89 -27.02 32.18 8.44
CA THR F 89 -27.82 33.39 8.69
C THR F 89 -27.78 34.41 7.53
N SER F 90 -27.15 34.06 6.40
CA SER F 90 -27.00 35.02 5.29
C SER F 90 -28.32 35.69 4.85
N SER F 91 -29.38 34.90 4.68
CA SER F 91 -30.72 35.40 4.33
C SER F 91 -31.41 36.20 5.44
N SER F 92 -31.18 35.77 6.68
CA SER F 92 -31.71 36.45 7.85
C SER F 92 -31.10 37.86 7.94
N VAL F 93 -29.79 37.92 7.73
CA VAL F 93 -29.06 39.18 7.70
C VAL F 93 -29.50 40.07 6.53
N SER F 94 -29.61 39.48 5.33
CA SER F 94 -30.04 40.25 4.16
C SER F 94 -31.46 40.80 4.33
N PHE F 95 -32.33 40.05 5.00
CA PHE F 95 -33.66 40.53 5.36
C PHE F 95 -33.57 41.80 6.22
N GLN F 96 -32.69 41.75 7.22
CA GLN F 96 -32.49 42.91 8.09
C GLN F 96 -31.91 44.13 7.34
N MET F 97 -31.02 43.85 6.37
CA MET F 97 -30.45 44.90 5.50
C MET F 97 -31.54 45.57 4.65
N GLY F 98 -32.43 44.76 4.08
CA GLY F 98 -33.54 45.27 3.29
C GLY F 98 -34.51 46.09 4.11
N HIS F 99 -34.78 45.60 5.32
CA HIS F 99 -35.60 46.35 6.26
C HIS F 99 -35.01 47.75 6.51
N GLN F 100 -33.70 47.82 6.70
CA GLN F 100 -33.03 49.12 6.87
C GLN F 100 -33.13 49.99 5.60
N MET F 101 -32.95 49.38 4.43
CA MET F 101 -33.04 50.10 3.14
C MET F 101 -34.39 50.78 2.93
N VAL F 102 -35.46 50.07 3.28
CA VAL F 102 -36.81 50.63 3.13
C VAL F 102 -37.13 51.64 4.23
N ALA F 103 -36.85 51.25 5.47
CA ALA F 103 -37.09 52.10 6.63
C ALA F 103 -36.36 53.43 6.59
N SER F 104 -35.19 53.45 5.95
CA SER F 104 -34.38 54.67 5.76
C SER F 104 -35.03 55.69 4.84
N GLY F 105 -35.88 55.23 3.93
CA GLY F 105 -36.43 56.09 2.89
C GLY F 105 -35.60 56.12 1.62
N GLU F 106 -34.46 55.44 1.59
CA GLU F 106 -33.59 55.49 0.42
C GLU F 106 -34.13 54.62 -0.72
N TYR F 107 -34.78 53.51 -0.39
CA TYR F 107 -35.45 52.66 -1.38
C TYR F 107 -36.85 52.30 -0.88
N ASP F 108 -37.85 52.24 -1.78
CA ASP F 108 -39.23 51.92 -1.39
C ASP F 108 -39.62 50.46 -1.55
N ILE F 109 -38.99 49.78 -2.52
CA ILE F 109 -39.26 48.39 -2.85
C ILE F 109 -37.94 47.65 -2.95
N VAL F 110 -37.75 46.65 -2.11
CA VAL F 110 -36.48 45.94 -1.98
C VAL F 110 -36.72 44.43 -1.95
N LEU F 111 -35.94 43.69 -2.74
CA LEU F 111 -36.00 42.23 -2.73
C LEU F 111 -34.90 41.67 -1.82
N CYS F 112 -35.28 40.90 -0.81
CA CYS F 112 -34.34 40.30 0.17
C CYS F 112 -34.27 38.82 -0.07
N GLY F 113 -33.09 38.23 0.02
CA GLY F 113 -33.03 36.80 -0.15
C GLY F 113 -31.69 36.14 0.00
N GLY F 114 -31.60 34.93 -0.53
CA GLY F 114 -30.36 34.18 -0.48
C GLY F 114 -30.40 32.86 -1.20
N PHE F 115 -29.22 32.27 -1.39
CA PHE F 115 -29.14 31.01 -2.10
C PHE F 115 -27.99 30.14 -1.62
N GLU F 116 -27.98 28.87 -2.02
CA GLU F 116 -26.77 28.06 -1.91
C GLU F 116 -26.72 26.95 -2.94
N LYS F 117 -25.61 26.88 -3.67
CA LYS F 117 -25.40 25.89 -4.74
C LYS F 117 -24.25 24.94 -4.36
N MET F 118 -24.44 24.22 -3.25
CA MET F 118 -23.38 23.32 -2.73
C MET F 118 -22.72 22.39 -3.77
N THR F 119 -23.48 21.92 -4.76
CA THR F 119 -22.96 20.97 -5.77
C THR F 119 -21.94 21.56 -6.74
N ASP F 120 -21.80 22.88 -6.79
CA ASP F 120 -20.70 23.51 -7.55
C ASP F 120 -19.34 23.16 -6.96
N HIS F 121 -19.29 22.89 -5.66
CA HIS F 121 -18.10 22.39 -4.98
C HIS F 121 -18.15 20.86 -5.00
N PHE F 122 -16.99 20.23 -5.19
CA PHE F 122 -16.86 18.78 -5.24
C PHE F 122 -17.36 18.12 -3.95
N ASN F 123 -16.99 18.73 -2.82
CA ASN F 123 -17.36 18.26 -1.47
C ASN F 123 -17.53 19.43 -0.48
N TYR F 124 -18.62 20.18 -0.67
CA TYR F 124 -19.06 21.30 0.20
C TYR F 124 -18.91 21.09 1.72
N ALA F 125 -19.16 19.86 2.18
CA ALA F 125 -19.06 19.51 3.60
C ALA F 125 -17.73 19.92 4.24
N GLU F 126 -16.62 19.73 3.52
CA GLU F 126 -15.31 20.14 4.07
C GLU F 126 -14.95 21.62 3.82
N TYR F 127 -15.63 22.28 2.89
CA TYR F 127 -15.47 23.73 2.67
C TYR F 127 -16.10 24.59 3.80
N ILE F 128 -17.28 24.20 4.29
CA ILE F 128 -18.04 25.03 5.24
C ILE F 128 -17.25 25.57 6.45
N GLY F 129 -16.34 24.74 6.98
CA GLY F 129 -15.45 25.15 8.08
C GLY F 129 -14.64 26.43 7.87
N SER F 130 -14.48 26.86 6.62
CA SER F 130 -13.81 28.13 6.33
C SER F 130 -14.50 29.36 6.95
N SER F 131 -15.77 29.26 7.35
CA SER F 131 -16.43 30.33 8.12
C SER F 131 -16.48 29.97 9.61
N THR F 132 -15.30 30.06 10.25
CA THR F 132 -15.11 29.80 11.68
C THR F 132 -13.86 30.61 12.13
N GLU F 133 -13.22 30.25 13.25
CA GLU F 133 -11.96 30.88 13.69
C GLU F 133 -10.82 30.04 13.08
N CYS F 134 -10.67 30.17 11.77
CA CYS F 134 -10.04 29.15 10.93
C CYS F 134 -8.70 28.60 11.37
N GLU F 135 -7.80 29.48 11.82
CA GLU F 135 -6.46 29.04 12.23
C GLU F 135 -6.48 28.08 13.43
N TYR F 136 -7.53 28.14 14.24
CA TYR F 136 -7.66 27.34 15.46
C TYR F 136 -8.82 26.31 15.44
N ASP F 137 -9.46 26.10 14.29
CA ASP F 137 -10.48 25.04 14.14
C ASP F 137 -10.50 24.36 12.75
N TYR F 138 -10.78 25.14 11.70
CA TYR F 138 -10.80 24.62 10.32
C TYR F 138 -9.51 23.94 9.94
N PHE F 139 -8.38 24.63 10.12
CA PHE F 139 -7.05 24.09 9.80
C PHE F 139 -6.56 22.99 10.75
N LEU F 140 -7.31 22.72 11.82
CA LEU F 140 -7.10 21.56 12.69
C LEU F 140 -8.13 20.43 12.47
N GLY F 141 -8.96 20.56 11.44
CA GLY F 141 -9.96 19.54 11.10
C GLY F 141 -11.18 19.49 12.01
N ILE F 142 -11.58 20.66 12.52
CA ILE F 142 -12.71 20.76 13.43
C ILE F 142 -13.85 21.46 12.69
N SER F 143 -15.01 20.82 12.67
CA SER F 143 -16.14 21.25 11.87
C SER F 143 -17.26 21.88 12.71
N HIS F 144 -18.21 22.53 12.02
CA HIS F 144 -19.44 22.99 12.67
C HIS F 144 -20.27 21.82 13.21
N THR F 145 -20.33 20.73 12.45
CA THR F 145 -21.07 19.53 12.87
C THR F 145 -20.51 18.94 14.18
N ASP F 146 -19.19 19.01 14.37
CA ASP F 146 -18.58 18.63 15.65
C ASP F 146 -19.14 19.50 16.78
N ALA F 147 -19.23 20.81 16.54
CA ALA F 147 -19.81 21.74 17.53
C ALA F 147 -21.23 21.38 17.93
N PHE F 148 -22.07 21.03 16.96
CA PHE F 148 -23.45 20.63 17.26
C PHE F 148 -23.56 19.29 18.00
N ALA F 149 -22.74 18.32 17.61
CA ALA F 149 -22.65 17.05 18.34
C ALA F 149 -22.28 17.27 19.83
N LEU F 150 -21.27 18.11 20.04
CA LEU F 150 -20.80 18.45 21.39
C LEU F 150 -21.85 19.21 22.20
N ALA F 151 -22.50 20.18 21.56
CA ALA F 151 -23.56 20.96 22.19
C ALA F 151 -24.70 20.08 22.68
N THR F 152 -25.10 19.14 21.82
CA THR F 152 -26.14 18.17 22.16
C THR F 152 -25.71 17.29 23.34
N ALA F 153 -24.48 16.78 23.30
CA ALA F 153 -23.94 15.97 24.40
C ALA F 153 -23.90 16.74 25.73
N GLU F 154 -23.52 18.02 25.69
CA GLU F 154 -23.49 18.85 26.89
C GLU F 154 -24.89 19.05 27.44
N TYR F 155 -25.83 19.37 26.55
CA TYR F 155 -27.23 19.56 26.95
C TYR F 155 -27.76 18.35 27.72
N PHE F 156 -27.65 17.17 27.10
CA PHE F 156 -28.19 15.96 27.70
C PHE F 156 -27.48 15.54 28.98
N GLN F 157 -26.14 15.64 28.98
CA GLN F 157 -25.37 15.24 30.18
C GLN F 157 -25.63 16.16 31.38
N LYS F 158 -25.85 17.45 31.14
CA LYS F 158 -25.98 18.40 32.25
C LYS F 158 -27.41 18.69 32.68
N PHE F 159 -28.42 18.45 31.84
CA PHE F 159 -29.83 18.63 32.27
C PHE F 159 -30.58 17.33 32.58
N GLY F 160 -29.84 16.25 32.82
CA GLY F 160 -30.37 15.00 33.36
C GLY F 160 -31.23 14.22 32.39
N TYR F 161 -30.81 14.15 31.13
CA TYR F 161 -31.60 13.44 30.13
C TYR F 161 -31.03 12.04 29.83
N ALA F 162 -30.04 11.59 30.61
CA ALA F 162 -29.45 10.26 30.43
C ALA F 162 -30.55 9.18 30.40
N GLY F 163 -30.49 8.31 29.39
CA GLY F 163 -31.53 7.30 29.15
C GLY F 163 -32.70 7.72 28.26
N ARG F 164 -32.84 9.02 27.97
CA ARG F 164 -33.92 9.53 27.11
C ARG F 164 -33.43 10.38 25.92
N GLU F 165 -32.13 10.35 25.63
CA GLU F 165 -31.55 11.18 24.56
C GLU F 165 -32.19 10.81 23.22
N ALA F 166 -32.18 9.50 22.93
CA ALA F 166 -32.79 8.94 21.73
C ALA F 166 -34.27 9.29 21.63
N ASP F 167 -35.00 9.18 22.74
CA ASP F 167 -36.43 9.53 22.78
C ASP F 167 -36.68 11.00 22.42
N VAL F 168 -35.87 11.90 22.96
CA VAL F 168 -36.02 13.34 22.68
C VAL F 168 -35.74 13.65 21.22
N LEU F 169 -34.58 13.20 20.71
CA LEU F 169 -34.20 13.50 19.33
C LEU F 169 -35.17 12.88 18.31
N ALA F 170 -35.60 11.65 18.57
CA ALA F 170 -36.56 10.97 17.71
C ALA F 170 -37.94 11.61 17.72
N THR F 171 -38.42 12.02 18.90
CA THR F 171 -39.71 12.72 19.00
C THR F 171 -39.67 14.02 18.19
N PHE F 172 -38.56 14.76 18.32
CA PHE F 172 -38.35 15.99 17.55
C PHE F 172 -38.38 15.73 16.04
N GLY F 173 -37.55 14.79 15.59
CA GLY F 173 -37.45 14.45 14.16
C GLY F 173 -38.74 13.91 13.57
N ARG F 174 -39.51 13.21 14.40
CA ARG F 174 -40.81 12.68 14.00
C ARG F 174 -41.82 13.80 13.82
N GLN F 175 -41.84 14.77 14.75
CA GLN F 175 -42.74 15.92 14.59
C GLN F 175 -42.39 16.73 13.33
N MET F 176 -41.10 16.88 13.05
CA MET F 176 -40.67 17.53 11.80
C MET F 176 -41.18 16.76 10.57
N ARG F 177 -41.05 15.44 10.58
CA ARG F 177 -41.57 14.63 9.48
C ARG F 177 -43.10 14.73 9.31
N ILE F 178 -43.82 14.80 10.43
CA ILE F 178 -45.29 15.01 10.46
C ILE F 178 -45.69 16.34 9.82
N TYR F 179 -44.97 17.40 10.18
CA TYR F 179 -45.19 18.71 9.57
C TYR F 179 -44.85 18.74 8.07
N ALA F 180 -43.79 18.04 7.68
CA ALA F 180 -43.35 18.02 6.27
C ALA F 180 -44.30 17.21 5.37
N GLN F 181 -44.86 16.12 5.89
CA GLN F 181 -45.72 15.22 5.09
C GLN F 181 -46.78 15.92 4.24
N ASN F 182 -47.44 16.95 4.79
CA ASN F 182 -48.52 17.66 4.10
C ASN F 182 -48.13 19.06 3.61
N THR F 183 -46.83 19.33 3.49
CA THR F 183 -46.32 20.63 3.03
C THR F 183 -45.67 20.46 1.63
N PRO F 184 -46.38 20.86 0.53
CA PRO F 184 -45.87 20.59 -0.84
C PRO F 184 -44.45 21.08 -1.18
N THR F 185 -44.02 22.20 -0.60
CA THR F 185 -42.65 22.70 -0.83
C THR F 185 -41.56 21.96 -0.04
N ALA F 186 -41.94 20.99 0.80
CA ALA F 186 -40.99 20.25 1.63
C ALA F 186 -40.37 19.04 0.92
N THR F 187 -39.10 18.79 1.18
CA THR F 187 -38.41 17.61 0.63
C THR F 187 -39.06 16.30 1.06
N ARG F 188 -39.58 16.23 2.29
CA ARG F 188 -40.27 15.01 2.75
C ARG F 188 -41.79 15.04 2.54
N TYR F 189 -42.27 15.92 1.65
CA TYR F 189 -43.68 15.92 1.25
C TYR F 189 -44.10 14.52 0.82
N GLY F 190 -45.17 14.04 1.42
CA GLY F 190 -45.77 12.76 1.04
C GLY F 190 -45.07 11.51 1.52
N GLN F 191 -43.98 11.63 2.28
CA GLN F 191 -43.30 10.42 2.79
C GLN F 191 -44.08 9.83 3.96
N PRO F 192 -44.13 8.48 4.06
CA PRO F 192 -44.81 7.90 5.22
C PRO F 192 -44.03 8.17 6.52
N ILE F 193 -44.76 8.31 7.62
CA ILE F 193 -44.18 8.67 8.92
C ILE F 193 -43.59 7.41 9.56
N PRO F 194 -42.25 7.35 9.72
CA PRO F 194 -41.69 6.19 10.39
C PRO F 194 -42.05 6.17 11.89
N SER F 195 -42.06 4.98 12.48
CA SER F 195 -42.31 4.84 13.92
C SER F 195 -41.18 5.45 14.74
N LEU F 196 -41.51 5.80 15.97
CA LEU F 196 -40.53 6.36 16.91
C LEU F 196 -39.33 5.40 17.08
N GLU F 197 -39.61 4.10 17.17
CA GLU F 197 -38.56 3.07 17.31
C GLU F 197 -37.64 2.97 16.09
N VAL F 198 -38.21 3.06 14.88
CA VAL F 198 -37.40 3.07 13.66
C VAL F 198 -36.45 4.28 13.66
N LEU F 199 -36.99 5.45 14.05
CA LEU F 199 -36.17 6.67 14.12
C LEU F 199 -35.03 6.57 15.13
N LYS F 200 -35.33 6.08 16.33
CA LYS F 200 -34.28 5.90 17.36
C LYS F 200 -33.09 5.07 16.86
N ASN F 201 -33.37 4.01 16.10
CA ASN F 201 -32.33 3.14 15.53
C ASN F 201 -31.71 3.62 14.21
N SER F 202 -32.08 4.81 13.76
CA SER F 202 -31.53 5.41 12.53
C SER F 202 -30.50 6.50 12.86
N GLU F 203 -29.88 7.04 11.80
CA GLU F 203 -28.82 8.05 11.91
C GLU F 203 -29.25 9.27 12.73
N ALA F 204 -28.44 9.59 13.74
CA ALA F 204 -28.69 10.69 14.68
C ALA F 204 -30.05 10.60 15.39
N CYS F 205 -30.51 9.37 15.62
CA CYS F 205 -31.84 9.12 16.21
C CYS F 205 -32.96 9.89 15.49
N GLY F 206 -32.80 10.07 14.18
CA GLY F 206 -33.79 10.79 13.35
C GLY F 206 -33.70 12.30 13.28
N SER F 207 -32.67 12.90 13.90
CA SER F 207 -32.54 14.37 13.99
C SER F 207 -31.47 14.97 13.06
N MET F 208 -31.08 14.21 12.03
CA MET F 208 -30.15 14.71 11.01
C MET F 208 -30.96 15.46 9.95
N LEU F 209 -30.44 16.60 9.52
CA LEU F 209 -31.16 17.44 8.56
C LEU F 209 -31.02 16.90 7.13
N ALA F 210 -31.90 17.37 6.24
CA ALA F 210 -31.83 17.08 4.82
C ALA F 210 -31.20 18.27 4.12
N TRP F 211 -30.10 18.05 3.41
CA TRP F 211 -29.28 19.16 2.91
C TRP F 211 -29.24 19.13 1.39
N GLY F 212 -29.62 20.25 0.78
CA GLY F 212 -29.70 20.35 -0.67
C GLY F 212 -29.38 21.74 -1.21
N GLU F 213 -30.13 22.16 -2.23
CA GLU F 213 -29.93 23.45 -2.90
C GLU F 213 -31.23 24.20 -3.04
N ALA F 214 -31.13 25.52 -2.85
CA ALA F 214 -32.28 26.39 -3.00
C ALA F 214 -31.88 27.84 -3.12
N SER F 215 -32.75 28.61 -3.75
CA SER F 215 -32.75 30.06 -3.65
C SER F 215 -34.11 30.48 -3.12
N GLY F 216 -34.14 31.64 -2.48
CA GLY F 216 -35.39 32.19 -1.98
C GLY F 216 -35.35 33.68 -1.80
N CYS F 217 -36.54 34.28 -1.75
CA CYS F 217 -36.65 35.71 -1.48
C CYS F 217 -38.01 36.17 -0.95
N ALA F 218 -37.99 37.31 -0.27
CA ALA F 218 -39.17 38.04 0.18
C ALA F 218 -39.07 39.45 -0.37
N ILE F 219 -40.24 40.04 -0.68
CA ILE F 219 -40.27 41.40 -1.24
C ILE F 219 -40.83 42.37 -0.19
N LEU F 220 -39.99 43.32 0.19
CA LEU F 220 -40.30 44.33 1.18
C LEU F 220 -40.69 45.65 0.53
N VAL F 221 -41.74 46.27 1.08
CA VAL F 221 -42.31 47.49 0.54
C VAL F 221 -42.69 48.44 1.69
N ALA F 222 -42.51 49.74 1.47
CA ALA F 222 -42.97 50.75 2.42
C ALA F 222 -44.48 50.63 2.64
N GLU F 223 -44.93 50.75 3.90
CA GLU F 223 -46.35 50.52 4.25
C GLU F 223 -47.34 51.18 3.29
N HIS F 224 -47.15 52.48 3.03
CA HIS F 224 -48.05 53.24 2.16
C HIS F 224 -48.23 52.69 0.72
N LEU F 225 -47.26 51.89 0.24
CA LEU F 225 -47.34 51.22 -1.09
C LEU F 225 -47.86 49.77 -1.09
N ALA F 226 -47.93 49.13 0.09
CA ALA F 226 -48.18 47.68 0.18
C ALA F 226 -49.51 47.23 -0.43
N HIS F 227 -50.55 48.04 -0.27
CA HIS F 227 -51.89 47.79 -0.86
C HIS F 227 -51.93 47.59 -2.39
N LYS F 228 -50.96 48.18 -3.12
CA LYS F 228 -50.82 47.97 -4.56
C LYS F 228 -50.51 46.51 -4.93
N TYR F 229 -49.89 45.79 -4.00
CA TYR F 229 -49.35 44.46 -4.26
C TYR F 229 -50.01 43.33 -3.47
N THR F 230 -50.62 43.64 -2.32
CA THR F 230 -51.34 42.60 -1.56
C THR F 230 -52.47 43.15 -0.67
N ASP F 231 -53.49 42.32 -0.50
CA ASP F 231 -54.57 42.59 0.46
C ASP F 231 -54.11 42.33 1.90
N LYS F 232 -53.19 41.39 2.08
CA LYS F 232 -52.81 40.88 3.42
C LYS F 232 -51.31 41.04 3.66
N PRO F 233 -50.87 42.26 4.03
CA PRO F 233 -49.46 42.49 4.29
C PRO F 233 -49.02 41.95 5.66
N VAL F 234 -47.77 41.47 5.73
CA VAL F 234 -47.17 41.00 6.98
C VAL F 234 -46.10 42.02 7.40
N PHE F 235 -46.23 42.60 8.59
CA PHE F 235 -45.35 43.69 9.03
C PHE F 235 -44.14 43.20 9.84
N VAL F 236 -43.00 43.88 9.65
CA VAL F 236 -41.80 43.60 10.45
C VAL F 236 -41.88 44.40 11.75
N ARG F 237 -42.07 43.71 12.87
CA ARG F 237 -42.14 44.36 14.18
C ARG F 237 -40.77 44.78 14.73
N GLY F 238 -39.80 43.91 14.57
CA GLY F 238 -38.46 44.17 15.07
C GLY F 238 -37.50 43.02 14.78
N CYS F 239 -36.22 43.38 14.68
CA CYS F 239 -35.17 42.42 14.39
C CYS F 239 -33.98 42.68 15.27
N ALA F 240 -33.20 41.63 15.52
CA ALA F 240 -31.88 41.78 16.09
C ALA F 240 -30.93 40.80 15.40
N TYR F 241 -29.71 41.26 15.21
CA TYR F 241 -28.59 40.45 14.70
C TYR F 241 -27.44 40.67 15.67
N THR F 242 -26.84 39.60 16.17
CA THR F 242 -25.73 39.68 17.12
C THR F 242 -24.56 38.78 16.73
N GLY F 243 -23.36 39.19 17.16
CA GLY F 243 -22.10 38.56 16.79
C GLY F 243 -21.14 38.35 17.96
N VAL F 244 -20.70 37.10 18.13
CA VAL F 244 -19.62 36.74 19.06
C VAL F 244 -18.57 35.91 18.32
N SER F 245 -17.42 35.67 18.95
CA SER F 245 -16.34 34.86 18.34
C SER F 245 -16.87 33.54 17.78
N HIS F 246 -16.34 33.13 16.64
CA HIS F 246 -16.64 31.80 16.10
C HIS F 246 -16.04 30.65 16.92
N TYR F 247 -15.00 30.93 17.72
CA TYR F 247 -14.25 29.89 18.42
C TYR F 247 -15.09 29.25 19.52
N PHE F 248 -15.27 27.93 19.43
CA PHE F 248 -16.22 27.20 20.27
C PHE F 248 -15.90 27.30 21.77
N GLY F 249 -14.61 27.34 22.09
CA GLY F 249 -14.15 27.56 23.45
C GLY F 249 -14.71 28.80 24.12
N THR F 250 -14.85 29.88 23.34
CA THR F 250 -15.38 31.13 23.88
C THR F 250 -16.83 31.01 24.37
N ARG F 251 -17.59 30.01 23.91
CA ARG F 251 -18.95 29.79 24.45
C ARG F 251 -18.97 29.64 25.97
N PHE F 252 -17.90 29.04 26.52
CA PHE F 252 -17.77 28.79 27.96
C PHE F 252 -17.23 29.98 28.76
N HIS F 253 -16.46 30.86 28.12
CA HIS F 253 -15.82 32.00 28.77
C HIS F 253 -15.63 33.09 27.72
N ASN F 254 -16.55 34.06 27.67
CA ASN F 254 -16.50 35.17 26.69
C ASN F 254 -16.73 36.54 27.35
N PRO F 255 -15.72 37.07 28.07
CA PRO F 255 -15.82 38.43 28.65
C PRO F 255 -16.05 39.54 27.64
N THR F 256 -15.73 39.27 26.36
CA THR F 256 -16.02 40.18 25.25
C THR F 256 -17.53 40.43 25.04
N LEU F 257 -18.37 39.45 25.41
CA LEU F 257 -19.83 39.57 25.27
C LEU F 257 -20.42 40.39 26.41
N HIS F 258 -20.76 41.64 26.12
CA HIS F 258 -21.34 42.55 27.11
C HIS F 258 -22.85 42.58 26.92
N HIS F 259 -23.54 41.75 27.70
CA HIS F 259 -25.00 41.80 27.79
C HIS F 259 -25.37 41.53 29.23
N PRO F 260 -25.93 42.55 29.91
CA PRO F 260 -26.23 42.38 31.34
C PRO F 260 -27.38 41.40 31.60
N GLY F 261 -27.35 40.76 32.77
CA GLY F 261 -28.39 39.82 33.17
C GLY F 261 -28.41 38.50 32.40
N LEU F 262 -27.29 38.10 31.78
CA LEU F 262 -27.17 36.75 31.24
C LEU F 262 -27.16 35.75 32.38
N PRO F 263 -27.46 34.47 32.09
CA PRO F 263 -27.30 33.47 33.13
C PRO F 263 -25.84 33.34 33.59
N LYS F 264 -25.68 32.85 34.81
CA LYS F 264 -24.38 32.73 35.45
C LYS F 264 -23.49 31.76 34.67
N ASP F 265 -24.08 30.65 34.23
CA ASP F 265 -23.40 29.52 33.62
C ASP F 265 -23.79 29.42 32.17
N VAL F 266 -22.87 29.75 31.29
CA VAL F 266 -23.09 29.71 29.83
C VAL F 266 -22.14 28.71 29.19
N GLY F 267 -22.46 28.28 27.98
CA GLY F 267 -21.63 27.27 27.30
C GLY F 267 -22.22 26.95 25.95
N MET F 268 -22.13 25.69 25.55
CA MET F 268 -22.73 25.28 24.30
C MET F 268 -24.22 24.96 24.47
N ALA F 269 -24.57 24.29 25.56
CA ALA F 269 -25.97 24.01 25.89
C ALA F 269 -26.78 25.26 26.29
N VAL F 270 -26.09 26.32 26.68
CA VAL F 270 -26.71 27.61 27.01
C VAL F 270 -26.03 28.69 26.18
N SER F 271 -26.66 29.02 25.04
CA SER F 271 -26.10 29.99 24.08
C SER F 271 -26.35 31.43 24.52
N ALA F 272 -25.33 32.04 25.11
CA ALA F 272 -25.39 33.43 25.57
C ALA F 272 -25.69 34.40 24.44
N ASN F 273 -25.02 34.22 23.30
CA ASN F 273 -25.26 35.09 22.15
C ASN F 273 -26.72 35.04 21.71
N SER F 274 -27.29 33.83 21.67
CA SER F 274 -28.70 33.65 21.29
C SER F 274 -29.68 34.27 22.29
N ILE F 275 -29.37 34.15 23.59
CA ILE F 275 -30.20 34.77 24.63
C ILE F 275 -30.22 36.30 24.46
N ALA F 276 -29.03 36.88 24.36
CA ALA F 276 -28.87 38.32 24.14
C ALA F 276 -29.67 38.79 22.91
N CYS F 277 -29.50 38.05 21.81
CA CYS F 277 -30.19 38.36 20.55
C CYS F 277 -31.71 38.42 20.72
N ALA F 278 -32.27 37.37 21.35
CA ALA F 278 -33.72 37.31 21.59
C ALA F 278 -34.22 38.48 22.47
N GLU F 279 -33.51 38.78 23.55
CA GLU F 279 -33.90 39.88 24.44
C GLU F 279 -33.90 41.25 23.73
N ILE F 280 -32.84 41.51 22.95
CA ILE F 280 -32.75 42.75 22.15
C ILE F 280 -33.92 42.84 21.14
N ALA F 281 -34.11 41.76 20.38
CA ALA F 281 -35.18 41.68 19.36
C ALA F 281 -36.57 41.93 19.93
N TYR F 282 -36.89 41.27 21.04
CA TYR F 282 -38.18 41.41 21.68
C TYR F 282 -38.42 42.82 22.21
N LYS F 283 -37.37 43.44 22.76
CA LYS F 283 -37.47 44.83 23.21
C LYS F 283 -37.77 45.76 22.03
N LYS F 284 -37.06 45.59 20.92
CA LYS F 284 -37.35 46.38 19.71
C LYS F 284 -38.76 46.14 19.14
N ALA F 285 -39.22 44.90 19.18
CA ALA F 285 -40.53 44.52 18.64
C ALA F 285 -41.70 44.88 19.55
N GLY F 286 -41.43 45.17 20.82
CA GLY F 286 -42.47 45.42 21.80
C GLY F 286 -43.25 44.17 22.16
N ILE F 287 -42.57 43.04 22.32
CA ILE F 287 -43.21 41.77 22.73
C ILE F 287 -42.42 41.04 23.82
N THR F 288 -43.00 40.00 24.41
CA THR F 288 -42.26 39.00 25.20
C THR F 288 -42.54 37.63 24.61
N ALA F 289 -41.82 36.61 25.08
CA ALA F 289 -42.02 35.23 24.61
C ALA F 289 -43.48 34.74 24.71
N LYS F 290 -44.16 35.09 25.80
CA LYS F 290 -45.62 34.84 25.96
C LYS F 290 -46.41 35.16 24.69
N ASP F 291 -46.07 36.25 24.01
CA ASP F 291 -46.82 36.73 22.83
C ASP F 291 -46.64 35.90 21.56
N ILE F 292 -45.63 35.04 21.51
CA ILE F 292 -45.28 34.31 20.28
C ILE F 292 -46.30 33.19 20.02
N ASP F 293 -46.96 33.22 18.86
CA ASP F 293 -47.94 32.21 18.48
C ASP F 293 -47.36 31.05 17.67
N VAL F 294 -46.25 31.30 16.97
CA VAL F 294 -45.62 30.29 16.12
C VAL F 294 -44.18 30.66 15.81
N ALA F 295 -43.31 29.67 15.71
CA ALA F 295 -41.88 29.94 15.54
C ALA F 295 -41.15 29.02 14.59
N GLN F 296 -39.96 29.49 14.20
CA GLN F 296 -39.01 28.73 13.40
C GLN F 296 -37.64 28.75 14.09
N VAL F 297 -36.97 27.59 14.11
CA VAL F 297 -35.59 27.46 14.60
C VAL F 297 -34.74 26.59 13.68
N TYR F 298 -33.43 26.81 13.73
CA TYR F 298 -32.47 25.97 13.00
C TYR F 298 -32.37 24.62 13.71
N ASP F 299 -33.00 23.60 13.13
CA ASP F 299 -33.00 22.25 13.72
C ASP F 299 -31.86 21.39 13.15
N LEU F 300 -31.26 20.63 14.06
CA LEU F 300 -30.13 19.73 13.81
C LEU F 300 -29.75 19.16 15.17
N LEU F 301 -29.86 17.84 15.31
CA LEU F 301 -29.54 17.19 16.58
C LEU F 301 -30.34 17.85 17.72
N GLY F 302 -29.70 18.32 18.79
CA GLY F 302 -30.38 19.00 19.90
C GLY F 302 -30.39 20.53 19.84
N ALA F 303 -29.98 21.11 18.70
CA ALA F 303 -29.90 22.57 18.57
C ALA F 303 -31.25 23.26 18.71
N GLY F 304 -32.30 22.60 18.23
CA GLY F 304 -33.69 23.05 18.40
C GLY F 304 -34.08 23.26 19.87
N LEU F 305 -33.59 22.39 20.74
CA LEU F 305 -33.83 22.49 22.18
C LEU F 305 -33.11 23.72 22.77
N ILE F 306 -31.84 23.86 22.41
CA ILE F 306 -31.01 24.97 22.92
C ILE F 306 -31.60 26.31 22.50
N GLN F 307 -32.09 26.37 21.26
CA GLN F 307 -32.72 27.59 20.77
C GLN F 307 -34.11 27.85 21.35
N MET F 308 -34.88 26.79 21.59
CA MET F 308 -36.16 26.92 22.30
C MET F 308 -35.96 27.59 23.67
N GLU F 309 -34.89 27.21 24.35
CA GLU F 309 -34.55 27.80 25.64
C GLU F 309 -34.01 29.24 25.51
N SER F 310 -33.05 29.46 24.61
CA SER F 310 -32.47 30.81 24.36
C SER F 310 -33.53 31.86 24.00
N MET F 311 -34.46 31.42 23.16
CA MET F 311 -35.58 32.22 22.66
C MET F 311 -36.63 32.55 23.74
N GLY F 312 -36.60 31.85 24.87
CA GLY F 312 -37.49 32.12 26.00
C GLY F 312 -38.77 31.30 26.02
N ILE F 313 -38.87 30.26 25.19
CA ILE F 313 -40.10 29.46 25.10
C ILE F 313 -40.26 28.53 26.29
N CYS F 314 -39.17 27.97 26.77
CA CYS F 314 -39.18 27.20 28.02
C CYS F 314 -37.89 27.43 28.80
N GLY F 315 -37.92 27.02 30.06
CA GLY F 315 -36.83 27.28 30.98
C GLY F 315 -35.61 26.43 30.72
N LYS F 316 -34.51 26.81 31.35
CA LYS F 316 -33.23 26.13 31.17
C LYS F 316 -33.40 24.63 31.47
N GLY F 317 -32.88 23.79 30.57
CA GLY F 317 -33.03 22.34 30.65
C GLY F 317 -34.40 21.71 30.44
N GLN F 318 -35.44 22.50 30.14
CA GLN F 318 -36.80 21.95 30.05
C GLN F 318 -37.32 21.66 28.64
N ALA F 319 -36.56 22.04 27.60
CA ALA F 319 -37.01 21.87 26.21
C ALA F 319 -37.17 20.41 25.78
N GLY F 320 -36.29 19.53 26.25
CA GLY F 320 -36.45 18.09 26.01
C GLY F 320 -37.78 17.53 26.48
N ASP F 321 -38.13 17.84 27.74
CA ASP F 321 -39.42 17.44 28.32
C ASP F 321 -40.62 18.14 27.64
N PHE F 322 -40.43 19.39 27.25
CA PHE F 322 -41.44 20.14 26.48
C PHE F 322 -41.78 19.41 25.18
N VAL F 323 -40.75 18.95 24.48
CA VAL F 323 -40.93 18.19 23.24
C VAL F 323 -41.59 16.83 23.52
N LEU F 324 -41.08 16.09 24.50
CA LEU F 324 -41.69 14.81 24.87
C LEU F 324 -43.17 14.91 25.26
N GLU F 325 -43.56 16.01 25.91
CA GLU F 325 -44.97 16.25 26.30
C GLU F 325 -45.85 16.80 25.16
N GLY F 326 -45.34 16.89 23.92
CA GLY F 326 -46.14 17.30 22.77
C GLY F 326 -46.21 18.79 22.52
N GLY F 327 -45.34 19.55 23.18
CA GLY F 327 -45.40 21.03 23.16
C GLY F 327 -45.19 21.73 21.82
N ILE F 328 -44.49 21.08 20.90
CA ILE F 328 -44.26 21.66 19.56
C ILE F 328 -45.17 21.09 18.45
N ALA F 329 -46.06 20.16 18.81
CA ALA F 329 -47.10 19.69 17.87
C ALA F 329 -48.10 20.80 17.58
N LEU F 330 -48.92 20.63 16.54
CA LEU F 330 -49.85 21.70 16.12
C LEU F 330 -50.87 22.10 17.21
N ASP F 331 -51.28 21.14 18.03
CA ASP F 331 -52.15 21.40 19.20
C ASP F 331 -51.38 21.69 20.50
N GLY F 332 -50.07 21.89 20.41
CA GLY F 332 -49.22 22.07 21.59
C GLY F 332 -49.14 23.52 21.98
N GLN F 333 -48.41 23.78 23.08
CA GLN F 333 -48.32 25.12 23.64
C GLN F 333 -47.59 26.09 22.71
N LEU F 334 -46.63 25.62 21.93
CA LEU F 334 -45.91 26.48 20.98
C LEU F 334 -45.52 25.72 19.70
N PRO F 335 -46.36 25.80 18.65
CA PRO F 335 -46.03 25.14 17.38
C PRO F 335 -44.79 25.72 16.71
N LEU F 336 -43.91 24.81 16.26
CA LEU F 336 -42.55 25.13 15.90
C LEU F 336 -42.12 24.37 14.65
N ASN F 337 -41.55 25.08 13.67
CA ASN F 337 -41.10 24.48 12.41
C ASN F 337 -42.24 23.72 11.70
N THR F 338 -43.35 24.44 11.50
CA THR F 338 -44.60 23.89 10.93
C THR F 338 -44.54 23.51 9.44
N ASP F 339 -43.45 23.89 8.77
CA ASP F 339 -43.13 23.45 7.40
C ASP F 339 -42.34 22.13 7.37
N GLY F 340 -41.85 21.67 8.52
CA GLY F 340 -40.94 20.52 8.61
C GLY F 340 -39.52 20.87 9.04
N GLY F 341 -39.16 22.15 8.97
CA GLY F 341 -37.81 22.58 9.33
C GLY F 341 -36.72 21.98 8.45
N ASN F 342 -35.49 22.04 8.93
CA ASN F 342 -34.34 21.51 8.22
C ASN F 342 -34.40 19.97 8.03
N ILE F 343 -35.04 19.28 8.96
CA ILE F 343 -35.17 17.82 8.90
C ILE F 343 -36.22 17.37 7.88
N GLY F 344 -37.35 18.06 7.84
CA GLY F 344 -38.48 17.68 6.99
C GLY F 344 -38.57 18.43 5.67
N ARG F 345 -38.45 19.76 5.76
CA ARG F 345 -38.53 20.66 4.61
C ARG F 345 -37.18 20.68 3.88
N GLY F 346 -36.12 20.95 4.64
CA GLY F 346 -34.76 20.92 4.12
C GLY F 346 -33.97 22.18 4.39
N HIS F 347 -32.67 22.08 4.17
CA HIS F 347 -31.72 23.13 4.51
C HIS F 347 -30.81 23.42 3.32
N ALA F 348 -30.65 24.71 3.02
CA ALA F 348 -29.67 25.18 2.05
C ALA F 348 -29.14 26.48 2.64
N SER F 349 -27.91 26.41 3.15
CA SER F 349 -27.36 27.44 4.06
C SER F 349 -27.87 28.88 3.83
N GLY F 350 -27.43 29.49 2.74
CA GLY F 350 -27.75 30.89 2.45
C GLY F 350 -29.22 31.23 2.26
N CYS F 351 -30.03 30.23 1.94
CA CYS F 351 -31.48 30.37 1.80
C CYS F 351 -32.28 30.22 3.11
N ASP F 352 -31.68 29.64 4.16
CA ASP F 352 -32.42 29.23 5.38
C ASP F 352 -33.28 30.34 6.03
N GLY F 353 -32.75 31.56 6.08
CA GLY F 353 -33.49 32.71 6.62
C GLY F 353 -34.82 32.95 5.96
N ILE F 354 -34.83 32.88 4.63
CA ILE F 354 -36.05 32.98 3.84
C ILE F 354 -36.92 31.74 4.01
N LEU F 355 -36.30 30.56 4.13
CA LEU F 355 -37.09 29.35 4.42
C LEU F 355 -37.94 29.53 5.69
N HIS F 356 -37.36 30.12 6.73
CA HIS F 356 -38.10 30.44 7.98
C HIS F 356 -39.18 31.48 7.70
N ILE F 357 -38.75 32.60 7.12
CA ILE F 357 -39.64 33.74 6.91
C ILE F 357 -40.86 33.42 6.04
N THR F 358 -40.71 32.54 5.06
CA THR F 358 -41.80 32.19 4.15
C THR F 358 -42.92 31.46 4.90
N GLU F 359 -42.55 30.48 5.72
CA GLU F 359 -43.55 29.75 6.51
C GLU F 359 -44.25 30.65 7.53
N LEU F 360 -43.51 31.56 8.16
CA LEU F 360 -44.11 32.54 9.09
C LEU F 360 -45.05 33.53 8.38
N PHE F 361 -44.63 33.96 7.19
CA PHE F 361 -45.41 34.81 6.30
C PHE F 361 -46.74 34.14 6.00
N ARG F 362 -46.68 32.90 5.55
CA ARG F 362 -47.89 32.09 5.29
C ARG F 362 -48.77 31.92 6.52
N GLN F 363 -48.16 31.62 7.67
CA GLN F 363 -48.90 31.44 8.92
C GLN F 363 -49.70 32.70 9.28
N LEU F 364 -49.02 33.84 9.18
CA LEU F 364 -49.63 35.12 9.52
C LEU F 364 -50.69 35.63 8.55
N ARG F 365 -50.84 34.96 7.40
CA ARG F 365 -51.94 35.23 6.47
C ARG F 365 -52.97 34.09 6.43
N GLY F 366 -52.84 33.08 7.28
CA GLY F 366 -53.78 31.96 7.28
C GLY F 366 -53.62 30.97 6.14
N GLU F 367 -52.48 31.01 5.45
CA GLU F 367 -52.22 30.19 4.26
C GLU F 367 -51.31 28.97 4.50
N SER F 368 -50.90 28.71 5.74
CA SER F 368 -50.01 27.57 6.01
C SER F 368 -50.74 26.24 5.89
N ASP F 369 -49.99 25.21 5.50
CA ASP F 369 -50.51 23.85 5.41
C ASP F 369 -50.74 23.23 6.80
N ASN F 370 -50.04 23.74 7.81
CA ASN F 370 -50.27 23.35 9.21
C ASN F 370 -50.53 24.61 10.00
N GLN F 371 -51.76 25.11 9.87
CA GLN F 371 -52.13 26.46 10.29
C GLN F 371 -52.34 26.57 11.79
N VAL F 372 -51.80 27.63 12.38
CA VAL F 372 -51.99 27.93 13.79
C VAL F 372 -53.14 28.94 13.81
N LYS F 373 -54.30 28.50 14.29
CA LYS F 373 -55.49 29.34 14.24
C LYS F 373 -55.28 30.65 15.01
N GLY F 374 -55.56 31.77 14.34
CA GLY F 374 -55.48 33.09 14.96
C GLY F 374 -54.08 33.56 15.28
N ALA F 375 -53.13 33.21 14.42
CA ALA F 375 -51.73 33.59 14.63
C ALA F 375 -51.56 35.09 14.40
N ARG F 376 -51.05 35.79 15.40
CA ARG F 376 -50.80 37.23 15.30
C ARG F 376 -49.31 37.55 15.23
N ILE F 377 -48.50 36.82 16.01
CA ILE F 377 -47.06 37.02 16.10
C ILE F 377 -46.30 35.75 15.71
N GLY F 378 -45.33 35.92 14.80
CA GLY F 378 -44.46 34.81 14.35
C GLY F 378 -42.99 35.19 14.50
N VAL F 379 -42.16 34.23 14.92
CA VAL F 379 -40.72 34.52 15.18
C VAL F 379 -39.74 33.54 14.50
N SER F 380 -38.72 34.10 13.82
CA SER F 380 -37.60 33.33 13.28
C SER F 380 -36.37 33.49 14.17
N GLN F 381 -35.92 32.37 14.76
CA GLN F 381 -34.65 32.29 15.47
C GLN F 381 -33.70 31.50 14.58
N ASN F 382 -32.63 32.14 14.11
CA ASN F 382 -31.67 31.50 13.22
C ASN F 382 -30.26 31.77 13.74
N LEU F 383 -29.33 30.85 13.42
CA LEU F 383 -27.96 30.98 13.87
C LEU F 383 -26.97 30.67 12.75
N GLY F 384 -25.74 31.14 12.92
CA GLY F 384 -24.67 30.91 11.95
C GLY F 384 -23.38 30.56 12.67
N GLY F 385 -22.67 29.56 12.15
CA GLY F 385 -21.59 28.90 12.89
C GLY F 385 -22.23 28.18 14.05
N TYR F 386 -21.50 27.98 15.16
CA TYR F 386 -22.18 27.58 16.39
C TYR F 386 -22.68 28.82 17.12
N ALA F 387 -23.76 29.40 16.62
CA ALA F 387 -24.36 30.61 17.18
C ALA F 387 -23.35 31.74 17.37
N ALA F 388 -22.44 31.87 16.41
CA ALA F 388 -21.51 33.00 16.36
C ALA F 388 -22.29 34.18 15.80
N HIS F 389 -23.00 33.93 14.69
CA HIS F 389 -24.08 34.80 14.23
C HIS F 389 -25.34 34.34 14.93
N ASN F 390 -26.19 35.29 15.34
CA ASN F 390 -27.56 34.94 15.71
C ASN F 390 -28.54 36.02 15.28
N SER F 391 -29.66 35.60 14.69
CA SER F 391 -30.71 36.51 14.23
C SER F 391 -32.05 36.13 14.86
N VAL F 392 -32.78 37.14 15.32
CA VAL F 392 -34.16 36.96 15.74
C VAL F 392 -35.01 37.99 15.01
N ILE F 393 -36.00 37.50 14.27
CA ILE F 393 -36.88 38.37 13.46
C ILE F 393 -38.32 38.13 13.90
N VAL F 394 -39.01 39.23 14.24
CA VAL F 394 -40.40 39.20 14.75
C VAL F 394 -41.36 39.83 13.73
N LEU F 395 -42.32 39.03 13.25
CA LEU F 395 -43.32 39.46 12.27
C LEU F 395 -44.71 39.45 12.87
N SER F 396 -45.57 40.36 12.43
CA SER F 396 -46.97 40.40 12.86
C SER F 396 -47.89 40.65 11.69
N ASN F 397 -49.20 40.58 11.93
CA ASN F 397 -50.18 40.82 10.85
C ASN F 397 -51.12 42.02 11.05
N ASP F 398 -50.74 42.98 11.90
CA ASP F 398 -51.55 44.21 12.10
C ASP F 398 -50.78 45.32 12.82
#